data_6YCX
#
_entry.id   6YCX
#
_cell.length_a   168.240
_cell.length_b   287.430
_cell.length_c   78.610
_cell.angle_alpha   90.000
_cell.angle_beta   90.000
_cell.angle_gamma   90.000
#
_symmetry.space_group_name_H-M   'P 21 21 2'
#
loop_
_entity.id
_entity.type
_entity.pdbx_description
1 polymer Myosin-A
2 polymer 'Myosin A tail domain interacting protein'
3 polymer 'Uncharacterized protein'
4 polymer 'Uncharacterized protein'
5 non-polymer "ADENOSINE-5'-DIPHOSPHATE"
6 non-polymer 'VANADATE ION'
7 non-polymer 'MAGNESIUM ION'
#
loop_
_entity_poly.entity_id
_entity_poly.type
_entity_poly.pdbx_seq_one_letter_code
_entity_poly.pdbx_strand_id
1 'polypeptide(L)'
;MAVTNEEIKTASKIVRRV(SEP)NVEAFDKSGSVFKGYQIWTDISPTIENDPNIMFVKCVVQQGSKKEKLTVVQIDPPGT
GTPYDIDPTHAWNCNSQVDPMSFGDIGLLNHTNIPCVLDFLKHRYLKNQIYTTAVPLIVAINPYKDLGNTTNEWIRRYRD
TADHTKLPPHVFTCAREALSNLHGVNKSQTIIVSGESGAGKTEATKQIMRYFASSKSGNMDLRIQTAIMAANPVLEAFGN
AKTIRNNNSSRFGRFMQLVISHEGGIRYGSVVAFLLEKSRIITQDDNERSYHIFYQFLKGANSTMKSKFGLKGVTEYKLL
NPNSTEVSGVDDVKDFEEVIESLKNMELSESDIEVIFSIVAGILTLGNVRLIEKQEAGLSDAAAIMDEDMGVFNKACELM
YLDPELIKREILIKVTVAGGTKIEGRWNKNDAEVLKSSLCKAMYEKLFLWIIRHLNSRIEPEGGFKTFMGMLDIFGFEVF
KNNSLEQLFINITNEMLQKNFVDIVFERESKLYKDEGISTAELKYTSNKEVINVLCEKGKSVLSYLEDQCLAPGGTDEKF
VSSCATNLKENNKFTPAKVASNKNFIIQHTIGPIQYCAESFLLKNKDVLRGDLVEVIKDSPNPIVQQLFEGQVIEKGKIA
KGSLIGSQFLNQLTSLMNLINSTEPHFIRCIKPNENKKPLEWCEPKILIQLHALSILEALVLRQLGYSYRRTFEEFLYQY
KFVDIAAAEDSSVENQNKCVNILKLSGLSESMYKIGKSMVFLKQEGAKILTKIQREKLVEWENCVSVIEAAILKHKYKQK
VNKNIPSLLRVQAHIRKKMVAQ
;
A,B
2 'polypeptide(L)'
;MKQECNVCYFNLPDPESTLGPYDNELNYFTWGPGFEYEPEPQRKPLSIEESFENSEESEESVADIQQLEEKVDESDVRIY
FNEKSSGGKISIDNASYNARKLGLAPSSIDEKKIKELYGDNLTYEQYLEYLSICVHDKDNVEELIKMFAHFDNNCTGYLT
KSQMKNILTTWGDALTDQEAIDALNAFSSEDNIDYKLFCEDILQ
;
D,H
3 'polypeptide(L)'
;MASDMEEKFREAFILFSSCSDHIEMYKFFELMNSFGIILTNDEKAALPNDINMDYWLNFAKKHYNYEQPFKHINNVNEQN
TNVQIKIDNFLGIMKALDTRLTESDLNILLQITNPENKTTLNLKTVSQKLTESI
;
F
4 'polypeptide(L)'
;MASDMEEKFREAFILFSSCSDHIEMYKFFELMNSFGIILTNDEKAALPNDINMDYWLNFAKKHYNYEQPFKHINNVNEQN
TNVQIKIDNFLGIMKALDTRLTESDLNILLQITNPENKSTLNLKTVSQKLTESI
;
G
#
loop_
_chem_comp.id
_chem_comp.type
_chem_comp.name
_chem_comp.formula
ADP non-polymer ADENOSINE-5'-DIPHOSPHATE 'C10 H15 N5 O10 P2'
MG non-polymer 'MAGNESIUM ION' 'Mg 2'
VO4 non-polymer 'VANADATE ION' 'O4 V -3'
#
# COMPACT_ATOMS: atom_id res chain seq x y z
N ALA A 2 0.13 6.44 17.90
CA ALA A 2 -0.25 6.61 16.50
C ALA A 2 -1.04 7.90 16.28
N VAL A 3 -2.17 8.09 17.01
CA VAL A 3 -3.05 9.27 16.93
C VAL A 3 -3.53 9.64 18.35
N THR A 4 -2.94 10.70 18.96
CA THR A 4 -3.35 11.12 20.32
C THR A 4 -4.70 11.82 20.32
N ASN A 5 -5.43 11.72 21.45
CA ASN A 5 -6.77 12.32 21.62
C ASN A 5 -6.77 13.84 21.52
N GLU A 6 -5.68 14.51 21.96
CA GLU A 6 -5.54 15.97 21.87
C GLU A 6 -5.36 16.42 20.42
N GLU A 7 -4.88 15.51 19.55
CA GLU A 7 -4.75 15.73 18.11
C GLU A 7 -6.14 15.59 17.51
N ILE A 8 -6.91 14.58 17.98
CA ILE A 8 -8.29 14.30 17.55
C ILE A 8 -9.19 15.48 17.93
N LYS A 9 -8.98 16.04 19.13
CA LYS A 9 -9.68 17.20 19.68
C LYS A 9 -9.63 18.38 18.70
N THR A 10 -8.42 18.72 18.23
CA THR A 10 -8.17 19.80 17.28
C THR A 10 -8.79 19.46 15.92
N ALA A 11 -8.52 18.23 15.43
CA ALA A 11 -9.00 17.71 14.15
C ALA A 11 -10.51 17.76 14.03
N SER A 12 -11.23 17.45 15.12
CA SER A 12 -12.69 17.47 15.15
C SER A 12 -13.24 18.89 15.06
N LYS A 13 -12.72 19.80 15.91
CA LYS A 13 -13.15 21.19 15.99
C LYS A 13 -13.01 21.99 14.71
N ILE A 14 -11.94 21.74 13.92
CA ILE A 14 -11.64 22.49 12.71
C ILE A 14 -12.58 22.24 11.54
N VAL A 15 -13.33 21.12 11.55
CA VAL A 15 -14.28 20.81 10.48
C VAL A 15 -15.50 21.70 10.63
N ARG A 16 -16.05 22.21 9.50
CA ARG A 16 -17.25 23.04 9.52
C ARG A 16 -18.03 23.04 8.21
N ARG A 17 -19.31 23.47 8.30
CA ARG A 17 -20.32 23.67 7.25
C ARG A 17 -20.96 22.38 6.73
N VAL A 18 -21.92 22.53 5.79
CA VAL A 18 -22.71 21.47 5.11
C VAL A 18 -23.01 21.79 3.60
N SEP A 19 -22.44 22.92 3.07
CA SEP A 19 -22.45 23.50 1.70
CB SEP A 19 -21.39 22.77 0.82
OG SEP A 19 -20.83 23.68 -0.20
C SEP A 19 -23.81 23.53 0.93
O SEP A 19 -23.81 23.92 -0.25
P SEP A 19 -19.52 23.17 -0.89
O1P SEP A 19 -19.66 21.73 -1.39
O2P SEP A 19 -19.02 24.06 -2.09
O3P SEP A 19 -18.46 23.18 0.21
N ASN A 20 -24.94 23.17 1.59
CA ASN A 20 -26.29 23.11 0.99
C ASN A 20 -26.30 22.07 -0.15
N VAL A 21 -26.32 20.77 0.23
CA VAL A 21 -26.30 19.64 -0.71
C VAL A 21 -27.52 19.64 -1.61
N GLU A 22 -27.29 19.60 -2.94
CA GLU A 22 -28.36 19.58 -3.93
C GLU A 22 -28.30 18.26 -4.69
N ALA A 23 -28.64 17.18 -3.96
CA ALA A 23 -28.66 15.83 -4.48
C ALA A 23 -30.10 15.44 -4.88
N PHE A 24 -30.81 16.35 -5.57
CA PHE A 24 -32.20 16.12 -5.96
C PHE A 24 -32.59 16.64 -7.36
N ASP A 25 -33.91 16.75 -7.60
CA ASP A 25 -34.60 17.19 -8.83
C ASP A 25 -35.99 17.75 -8.48
N LYS A 26 -36.60 18.56 -9.39
CA LYS A 26 -37.91 19.19 -9.28
C LYS A 26 -39.04 18.22 -8.89
N SER A 27 -39.05 17.01 -9.47
CA SER A 27 -40.07 15.97 -9.22
C SER A 27 -39.92 15.29 -7.83
N GLY A 28 -38.95 15.75 -7.03
CA GLY A 28 -38.63 15.18 -5.73
C GLY A 28 -37.77 13.96 -5.91
N SER A 29 -37.30 13.75 -7.15
CA SER A 29 -36.48 12.63 -7.58
C SER A 29 -35.06 12.77 -7.07
N VAL A 30 -34.52 11.68 -6.54
CA VAL A 30 -33.14 11.63 -6.05
C VAL A 30 -32.27 11.51 -7.30
N PHE A 31 -31.29 12.43 -7.43
CA PHE A 31 -30.30 12.46 -8.51
C PHE A 31 -29.74 11.04 -8.64
N LYS A 32 -29.76 10.46 -9.86
CA LYS A 32 -29.33 9.08 -10.10
C LYS A 32 -27.89 8.82 -9.65
N GLY A 33 -27.78 8.36 -8.40
CA GLY A 33 -26.53 8.03 -7.73
C GLY A 33 -25.73 9.21 -7.24
N TYR A 34 -26.28 10.01 -6.31
CA TYR A 34 -25.51 11.14 -5.80
C TYR A 34 -24.66 10.74 -4.63
N GLN A 35 -23.34 10.95 -4.76
CA GLN A 35 -22.34 10.64 -3.75
C GLN A 35 -22.11 11.84 -2.84
N ILE A 36 -22.14 11.62 -1.51
CA ILE A 36 -21.89 12.66 -0.51
C ILE A 36 -20.99 12.17 0.60
N TRP A 37 -20.02 13.00 0.99
CA TRP A 37 -19.10 12.70 2.09
C TRP A 37 -19.82 12.91 3.40
N THR A 38 -19.41 12.18 4.47
CA THR A 38 -20.00 12.31 5.80
C THR A 38 -19.05 11.86 6.90
N ASP A 39 -19.32 12.29 8.12
CA ASP A 39 -18.56 11.96 9.32
C ASP A 39 -19.29 10.90 10.18
N ILE A 40 -20.56 10.61 9.85
CA ILE A 40 -21.39 9.64 10.59
C ILE A 40 -21.28 8.23 10.00
N SER A 41 -20.41 7.39 10.58
CA SER A 41 -20.19 6.00 10.19
C SER A 41 -19.44 5.29 11.29
N PRO A 42 -19.73 3.99 11.51
CA PRO A 42 -19.00 3.24 12.55
C PRO A 42 -17.52 3.06 12.23
N THR A 43 -17.18 3.02 10.92
CA THR A 43 -15.81 2.87 10.43
C THR A 43 -14.92 4.05 10.88
N ILE A 44 -15.52 5.27 10.98
CA ILE A 44 -14.85 6.49 11.45
C ILE A 44 -14.63 6.43 12.96
N GLU A 45 -15.60 5.85 13.70
CA GLU A 45 -15.56 5.71 15.15
C GLU A 45 -14.54 4.64 15.56
N ASN A 46 -14.51 3.51 14.82
CA ASN A 46 -13.62 2.36 15.07
C ASN A 46 -12.17 2.58 14.62
N ASP A 47 -11.89 3.62 13.81
CA ASP A 47 -10.54 3.90 13.33
C ASP A 47 -10.20 5.39 13.40
N PRO A 48 -9.00 5.78 13.88
CA PRO A 48 -8.67 7.21 13.95
C PRO A 48 -8.37 7.84 12.61
N ASN A 49 -7.57 7.14 11.76
CA ASN A 49 -7.14 7.57 10.42
C ASN A 49 -8.30 7.95 9.49
N ILE A 50 -9.52 7.47 9.78
CA ILE A 50 -10.70 7.80 8.99
C ILE A 50 -11.58 8.78 9.74
N MET A 51 -11.91 9.88 9.07
CA MET A 51 -12.75 10.95 9.58
C MET A 51 -14.00 11.08 8.73
N PHE A 52 -13.92 10.68 7.46
CA PHE A 52 -15.04 10.76 6.54
C PHE A 52 -15.15 9.53 5.68
N VAL A 53 -16.40 9.09 5.40
CA VAL A 53 -16.71 7.97 4.49
C VAL A 53 -17.58 8.48 3.33
N LYS A 54 -17.38 7.90 2.13
CA LYS A 54 -18.16 8.24 0.93
C LYS A 54 -19.43 7.41 0.99
N CYS A 55 -20.60 8.08 0.93
CA CYS A 55 -21.93 7.46 1.00
C CYS A 55 -22.78 7.80 -0.22
N VAL A 56 -24.01 7.24 -0.31
CA VAL A 56 -24.91 7.51 -1.45
C VAL A 56 -26.39 7.51 -1.07
N VAL A 57 -27.13 8.57 -1.47
CA VAL A 57 -28.57 8.75 -1.25
C VAL A 57 -29.33 7.79 -2.18
N GLN A 58 -30.26 6.98 -1.62
CA GLN A 58 -31.00 5.93 -2.35
C GLN A 58 -32.33 6.38 -3.00
N GLN A 59 -33.36 6.77 -2.19
CA GLN A 59 -34.69 7.20 -2.66
C GLN A 59 -35.43 8.02 -1.61
N LYS A 63 -36.70 15.07 0.68
CA LYS A 63 -36.51 14.43 1.99
C LYS A 63 -35.62 15.27 2.89
N GLU A 64 -35.94 15.29 4.20
CA GLU A 64 -35.16 15.99 5.24
C GLU A 64 -34.10 15.06 5.85
N LYS A 65 -34.21 13.75 5.57
CA LYS A 65 -33.26 12.73 5.99
C LYS A 65 -32.92 11.84 4.82
N LEU A 66 -31.61 11.73 4.57
CA LEU A 66 -31.01 11.01 3.46
C LEU A 66 -30.83 9.51 3.71
N THR A 67 -31.31 8.69 2.76
CA THR A 67 -31.21 7.22 2.78
C THR A 67 -29.80 6.85 2.22
N VAL A 68 -28.75 7.03 3.04
CA VAL A 68 -27.37 6.80 2.60
C VAL A 68 -26.82 5.43 2.97
N VAL A 69 -26.00 4.88 2.06
CA VAL A 69 -25.32 3.60 2.21
C VAL A 69 -23.83 3.83 2.00
N GLN A 70 -22.98 3.38 2.95
CA GLN A 70 -21.53 3.54 2.88
C GLN A 70 -20.91 2.82 1.68
N ILE A 71 -20.18 3.55 0.83
CA ILE A 71 -19.55 2.95 -0.34
C ILE A 71 -18.03 2.94 -0.21
N ASP A 72 -17.38 4.06 0.15
CA ASP A 72 -15.92 4.10 0.28
C ASP A 72 -15.51 4.55 1.69
N PRO A 73 -14.92 3.67 2.54
CA PRO A 73 -14.58 2.25 2.32
C PRO A 73 -15.82 1.37 2.31
N PRO A 74 -15.74 0.13 1.77
CA PRO A 74 -16.93 -0.74 1.74
C PRO A 74 -17.47 -1.04 3.13
N GLY A 75 -18.78 -1.00 3.24
CA GLY A 75 -19.48 -1.23 4.50
C GLY A 75 -20.39 -2.43 4.46
N THR A 76 -21.30 -2.48 5.44
CA THR A 76 -22.30 -3.53 5.64
C THR A 76 -23.35 -3.52 4.52
N GLY A 77 -23.41 -2.41 3.78
CA GLY A 77 -24.36 -2.21 2.70
C GLY A 77 -25.74 -1.90 3.25
N THR A 78 -25.78 -1.40 4.49
CA THR A 78 -26.99 -1.06 5.23
C THR A 78 -27.44 0.39 4.92
N PRO A 79 -28.69 0.60 4.42
CA PRO A 79 -29.12 1.98 4.14
C PRO A 79 -29.58 2.68 5.41
N TYR A 80 -28.75 3.63 5.90
CA TYR A 80 -29.02 4.40 7.12
C TYR A 80 -29.34 5.85 6.81
N ASP A 81 -30.08 6.50 7.71
CA ASP A 81 -30.45 7.89 7.55
C ASP A 81 -29.66 8.82 8.46
N ILE A 82 -29.22 9.96 7.91
CA ILE A 82 -28.45 11.00 8.62
C ILE A 82 -28.90 12.42 8.24
N ASP A 83 -28.63 13.39 9.14
CA ASP A 83 -28.97 14.81 9.03
C ASP A 83 -28.16 15.51 7.91
N PRO A 84 -28.80 16.39 7.10
CA PRO A 84 -28.08 17.08 6.01
C PRO A 84 -26.92 18.00 6.43
N THR A 85 -26.83 18.33 7.73
CA THR A 85 -25.77 19.17 8.29
C THR A 85 -24.43 18.45 8.23
N HIS A 86 -24.49 17.12 8.09
CA HIS A 86 -23.33 16.25 7.98
C HIS A 86 -23.20 15.71 6.56
N ALA A 87 -23.73 16.46 5.58
CA ALA A 87 -23.67 16.11 4.16
C ALA A 87 -22.95 17.20 3.35
N TRP A 88 -21.76 16.87 2.82
CA TRP A 88 -20.90 17.75 2.02
C TRP A 88 -20.92 17.32 0.56
N ASN A 89 -21.07 18.29 -0.37
CA ASN A 89 -21.12 18.01 -1.80
C ASN A 89 -19.81 17.41 -2.32
N CYS A 90 -19.93 16.32 -3.10
CA CYS A 90 -18.79 15.58 -3.64
C CYS A 90 -18.77 15.52 -5.17
N ASN A 91 -17.55 15.66 -5.73
CA ASN A 91 -17.25 15.60 -7.17
C ASN A 91 -17.03 14.12 -7.51
N SER A 92 -17.73 13.60 -8.52
CA SER A 92 -17.60 12.18 -8.86
C SER A 92 -16.85 11.93 -10.18
N GLN A 93 -17.14 12.74 -11.20
CA GLN A 93 -16.54 12.66 -12.55
C GLN A 93 -15.07 13.08 -12.59
N VAL A 94 -14.66 13.86 -11.57
CA VAL A 94 -13.34 14.43 -11.41
C VAL A 94 -12.29 13.36 -11.05
N ASP A 95 -11.17 13.34 -11.81
CA ASP A 95 -10.03 12.44 -11.57
C ASP A 95 -8.94 13.18 -10.77
N PRO A 96 -8.40 12.55 -9.69
CA PRO A 96 -7.38 13.25 -8.87
C PRO A 96 -6.04 13.48 -9.55
N MET A 97 -5.71 12.63 -10.53
CA MET A 97 -4.44 12.69 -11.25
C MET A 97 -4.47 13.66 -12.42
N SER A 98 -5.67 13.94 -12.99
CA SER A 98 -5.84 14.78 -14.18
C SER A 98 -5.35 16.23 -14.04
N PHE A 99 -5.43 16.84 -12.84
CA PHE A 99 -4.99 18.23 -12.67
C PHE A 99 -4.13 18.44 -11.40
N GLY A 100 -3.26 19.46 -11.43
CA GLY A 100 -2.34 19.79 -10.35
C GLY A 100 -2.82 20.78 -9.29
N ASP A 101 -3.61 21.80 -9.70
CA ASP A 101 -4.10 22.82 -8.77
C ASP A 101 -5.37 22.41 -8.05
N ILE A 102 -5.35 22.42 -6.70
CA ILE A 102 -6.49 22.05 -5.84
C ILE A 102 -7.73 22.89 -6.14
N GLY A 103 -7.52 24.17 -6.45
CA GLY A 103 -8.58 25.13 -6.76
C GLY A 103 -9.40 24.85 -8.00
N LEU A 104 -9.08 23.76 -8.72
CA LEU A 104 -9.80 23.36 -9.95
C LEU A 104 -11.01 22.45 -9.67
N LEU A 105 -11.21 22.02 -8.39
CA LEU A 105 -12.34 21.19 -7.97
C LEU A 105 -13.59 22.07 -7.94
N ASN A 106 -14.77 21.47 -8.17
CA ASN A 106 -16.05 22.19 -8.15
C ASN A 106 -16.43 22.54 -6.71
N HIS A 107 -16.32 21.53 -5.81
CA HIS A 107 -16.59 21.64 -4.38
C HIS A 107 -15.25 21.48 -3.68
N THR A 108 -14.82 22.55 -2.98
CA THR A 108 -13.54 22.64 -2.29
C THR A 108 -13.67 22.45 -0.77
N ASN A 109 -14.67 21.65 -0.31
CA ASN A 109 -14.88 21.41 1.12
C ASN A 109 -13.82 20.47 1.68
N ILE A 110 -13.58 20.59 2.97
CA ILE A 110 -12.62 19.83 3.79
C ILE A 110 -12.42 18.38 3.31
N PRO A 111 -13.45 17.50 3.29
CA PRO A 111 -13.21 16.13 2.82
C PRO A 111 -12.85 16.01 1.34
N CYS A 112 -13.46 16.85 0.46
CA CYS A 112 -13.20 16.87 -0.99
C CYS A 112 -11.75 17.18 -1.33
N VAL A 113 -11.10 17.97 -0.46
CA VAL A 113 -9.70 18.35 -0.61
C VAL A 113 -8.84 17.21 -0.04
N LEU A 114 -9.27 16.61 1.09
CA LEU A 114 -8.58 15.49 1.73
C LEU A 114 -8.46 14.30 0.77
N ASP A 115 -9.56 13.95 0.09
CA ASP A 115 -9.62 12.87 -0.90
C ASP A 115 -8.77 13.18 -2.13
N PHE A 116 -8.84 14.43 -2.65
CA PHE A 116 -8.04 14.85 -3.81
C PHE A 116 -6.56 14.69 -3.50
N LEU A 117 -6.17 14.91 -2.24
CA LEU A 117 -4.79 14.75 -1.80
C LEU A 117 -4.50 13.30 -1.45
N LYS A 118 -5.52 12.53 -1.01
CA LYS A 118 -5.43 11.12 -0.67
C LYS A 118 -5.02 10.30 -1.91
N HIS A 119 -5.79 10.43 -2.99
CA HIS A 119 -5.53 9.75 -4.27
C HIS A 119 -4.27 10.22 -4.97
N ARG A 120 -3.78 11.43 -4.66
CA ARG A 120 -2.54 11.91 -5.27
C ARG A 120 -1.33 11.31 -4.56
N TYR A 121 -1.33 11.31 -3.21
CA TYR A 121 -0.27 10.74 -2.37
C TYR A 121 -0.10 9.24 -2.59
N LEU A 122 -1.21 8.51 -2.52
CA LEU A 122 -1.21 7.06 -2.62
C LEU A 122 -0.84 6.54 -4.01
N LYS A 123 -1.11 7.32 -5.07
CA LYS A 123 -0.70 6.96 -6.44
C LYS A 123 0.74 7.50 -6.70
N ASN A 124 1.40 7.97 -5.61
CA ASN A 124 2.77 8.49 -5.52
C ASN A 124 2.99 9.77 -6.34
N GLN A 125 2.15 10.78 -6.08
CA GLN A 125 2.23 12.14 -6.61
C GLN A 125 1.97 13.05 -5.42
N ILE A 126 3.01 13.22 -4.63
CA ILE A 126 3.04 13.99 -3.38
C ILE A 126 2.86 15.50 -3.60
N TYR A 127 3.47 16.08 -4.65
CA TYR A 127 3.37 17.51 -4.96
C TYR A 127 2.07 17.92 -5.64
N THR A 128 1.33 18.84 -5.02
CA THR A 128 0.04 19.35 -5.49
C THR A 128 0.02 20.85 -5.25
N THR A 129 -0.21 21.63 -6.32
CA THR A 129 -0.26 23.09 -6.17
C THR A 129 -1.57 23.56 -5.61
N ALA A 130 -1.58 24.82 -5.15
CA ALA A 130 -2.70 25.57 -4.61
C ALA A 130 -2.28 27.05 -4.65
N VAL A 131 -1.63 27.44 -5.79
CA VAL A 131 -1.01 28.74 -6.13
C VAL A 131 -1.53 29.93 -5.29
N PRO A 132 -0.62 30.67 -4.62
CA PRO A 132 0.86 30.59 -4.65
C PRO A 132 1.52 29.42 -3.91
N LEU A 133 0.79 28.77 -2.97
CA LEU A 133 1.26 27.65 -2.16
C LEU A 133 1.47 26.37 -2.97
N ILE A 134 2.29 25.45 -2.44
CA ILE A 134 2.57 24.13 -3.03
C ILE A 134 2.68 23.10 -1.91
N VAL A 135 1.82 22.06 -1.96
CA VAL A 135 1.75 21.03 -0.93
C VAL A 135 2.60 19.81 -1.24
N ALA A 136 3.56 19.52 -0.35
CA ALA A 136 4.43 18.36 -0.48
C ALA A 136 4.21 17.41 0.69
N ILE A 137 3.52 16.30 0.43
CA ILE A 137 3.25 15.28 1.45
C ILE A 137 4.48 14.37 1.53
N ASN A 138 4.94 14.04 2.75
CA ASN A 138 6.11 13.20 3.00
C ASN A 138 5.84 11.75 2.55
N PRO A 139 6.50 11.24 1.48
CA PRO A 139 6.24 9.86 1.06
C PRO A 139 6.92 8.78 1.91
N TYR A 140 8.02 9.16 2.64
CA TYR A 140 8.87 8.33 3.51
C TYR A 140 9.73 7.30 2.75
N LYS A 141 9.69 7.36 1.40
CA LYS A 141 10.45 6.50 0.47
C LYS A 141 10.81 7.30 -0.78
N ASP A 142 12.04 7.12 -1.31
CA ASP A 142 12.44 7.87 -2.50
C ASP A 142 11.70 7.35 -3.72
N LEU A 143 11.06 8.29 -4.42
CA LEU A 143 10.27 8.01 -5.61
C LEU A 143 11.10 8.21 -6.89
N GLY A 144 12.33 8.67 -6.70
CA GLY A 144 13.27 8.94 -7.78
C GLY A 144 12.98 10.24 -8.50
N ASN A 145 11.93 10.95 -8.05
CA ASN A 145 11.49 12.21 -8.61
C ASN A 145 12.42 13.36 -8.23
N THR A 146 13.39 13.08 -7.35
CA THR A 146 14.37 14.04 -6.83
C THR A 146 15.72 14.00 -7.60
N THR A 147 16.01 12.88 -8.33
CA THR A 147 17.26 12.63 -9.06
C THR A 147 17.56 13.65 -10.17
N ASN A 148 18.84 13.69 -10.60
CA ASN A 148 19.40 14.59 -11.60
C ASN A 148 18.63 14.65 -12.92
N GLU A 149 18.03 13.51 -13.34
CA GLU A 149 17.23 13.40 -14.56
C GLU A 149 16.06 14.40 -14.51
N TRP A 150 15.36 14.44 -13.36
CA TRP A 150 14.23 15.33 -13.09
C TRP A 150 14.66 16.80 -12.99
N ILE A 151 15.82 17.05 -12.35
CA ILE A 151 16.39 18.39 -12.23
C ILE A 151 16.52 18.94 -13.65
N ARG A 152 17.24 18.21 -14.52
CA ARG A 152 17.49 18.52 -15.92
C ARG A 152 16.22 18.72 -16.75
N ARG A 153 15.13 18.01 -16.38
CA ARG A 153 13.85 18.12 -17.06
C ARG A 153 13.31 19.52 -16.84
N TYR A 154 12.92 19.85 -15.59
CA TYR A 154 12.40 21.16 -15.19
C TYR A 154 13.29 22.34 -15.62
N ARG A 155 14.61 22.10 -15.66
CA ARG A 155 15.65 23.05 -16.07
C ARG A 155 15.51 23.39 -17.56
N ASP A 156 15.67 22.38 -18.42
CA ASP A 156 15.67 22.54 -19.88
C ASP A 156 14.28 22.44 -20.55
N THR A 157 13.18 22.24 -19.81
CA THR A 157 11.86 22.18 -20.44
C THR A 157 11.30 23.59 -20.61
N ALA A 158 10.83 23.88 -21.83
CA ALA A 158 10.28 25.18 -22.25
C ALA A 158 8.97 25.52 -21.55
N ASP A 159 7.86 24.85 -21.93
CA ASP A 159 6.55 25.12 -21.37
C ASP A 159 6.41 24.65 -19.92
N HIS A 160 6.06 25.59 -19.03
CA HIS A 160 5.88 25.34 -17.61
C HIS A 160 4.57 24.59 -17.38
N THR A 161 3.60 24.82 -18.29
CA THR A 161 2.24 24.24 -18.32
C THR A 161 2.26 22.70 -18.42
N LYS A 162 3.13 22.15 -19.27
CA LYS A 162 3.26 20.70 -19.47
C LYS A 162 3.84 19.97 -18.25
N LEU A 163 4.70 20.66 -17.47
CA LEU A 163 5.37 20.11 -16.29
C LEU A 163 4.45 19.90 -15.07
N PRO A 164 4.56 18.73 -14.38
CA PRO A 164 3.70 18.49 -13.21
C PRO A 164 4.16 19.19 -11.92
N PRO A 165 3.29 19.41 -10.89
CA PRO A 165 3.77 20.06 -9.64
C PRO A 165 4.95 19.33 -8.99
N HIS A 166 5.91 20.12 -8.47
CA HIS A 166 7.15 19.64 -7.87
C HIS A 166 7.89 20.77 -7.19
N VAL A 167 8.87 20.43 -6.32
CA VAL A 167 9.75 21.40 -5.66
C VAL A 167 10.58 22.16 -6.71
N PHE A 168 10.84 21.50 -7.86
CA PHE A 168 11.61 22.10 -8.95
C PHE A 168 10.79 23.11 -9.75
N THR A 169 9.43 22.96 -9.78
CA THR A 169 8.53 23.90 -10.49
C THR A 169 8.69 25.28 -9.85
N CYS A 170 8.70 25.28 -8.51
CA CYS A 170 8.89 26.42 -7.63
C CYS A 170 10.33 26.97 -7.76
N ALA A 171 11.37 26.09 -7.65
CA ALA A 171 12.80 26.40 -7.75
C ALA A 171 13.16 27.13 -9.05
N ARG A 172 12.46 26.77 -10.16
CA ARG A 172 12.66 27.38 -11.47
C ARG A 172 11.93 28.71 -11.58
N GLU A 173 10.66 28.79 -11.09
CA GLU A 173 9.86 30.02 -11.12
C GLU A 173 10.42 31.10 -10.19
N ALA A 174 11.13 30.69 -9.11
CA ALA A 174 11.79 31.58 -8.17
C ALA A 174 13.02 32.19 -8.85
N LEU A 175 13.81 31.35 -9.55
CA LEU A 175 15.01 31.74 -10.29
C LEU A 175 14.66 32.48 -11.60
N SER A 176 13.41 32.33 -12.08
CA SER A 176 12.87 32.97 -13.29
C SER A 176 12.59 34.45 -13.05
N ASN A 177 12.34 34.83 -11.78
CA ASN A 177 12.09 36.20 -11.36
C ASN A 177 13.40 36.86 -10.86
N LEU A 178 14.31 36.06 -10.25
CA LEU A 178 15.61 36.53 -9.75
C LEU A 178 16.41 37.19 -10.88
N HIS A 179 16.30 36.64 -12.10
CA HIS A 179 16.98 37.13 -13.29
C HIS A 179 16.03 37.87 -14.24
N GLY A 180 14.75 37.53 -14.20
CA GLY A 180 13.71 38.12 -15.03
C GLY A 180 13.46 39.58 -14.75
N VAL A 181 13.24 39.93 -13.45
CA VAL A 181 12.98 41.30 -13.00
C VAL A 181 14.15 41.91 -12.20
N ASN A 182 15.12 41.04 -11.81
CA ASN A 182 16.29 41.37 -10.99
C ASN A 182 15.87 41.78 -9.56
N LYS A 183 15.10 40.89 -8.92
CA LYS A 183 14.59 41.07 -7.56
C LYS A 183 15.02 39.87 -6.73
N SER A 184 15.44 40.12 -5.48
CA SER A 184 15.84 39.05 -4.56
C SER A 184 14.59 38.23 -4.19
N GLN A 185 14.71 36.89 -4.25
CA GLN A 185 13.60 35.98 -3.96
C GLN A 185 13.95 35.13 -2.75
N THR A 186 12.93 34.55 -2.09
CA THR A 186 13.14 33.69 -0.93
C THR A 186 12.23 32.45 -0.99
N ILE A 187 12.78 31.29 -0.63
CA ILE A 187 12.06 30.01 -0.57
C ILE A 187 11.84 29.67 0.90
N ILE A 188 10.61 29.27 1.27
CA ILE A 188 10.27 28.96 2.66
C ILE A 188 9.61 27.59 2.80
N VAL A 189 10.34 26.67 3.44
CA VAL A 189 9.88 25.32 3.75
C VAL A 189 9.18 25.38 5.09
N SER A 190 7.85 25.14 5.06
CA SER A 190 6.96 25.17 6.23
C SER A 190 6.38 23.79 6.50
N GLY A 191 6.07 23.50 7.77
CA GLY A 191 5.52 22.22 8.18
C GLY A 191 5.99 21.77 9.55
N GLU A 192 5.33 20.73 10.12
CA GLU A 192 5.68 20.22 11.46
C GLU A 192 6.95 19.33 11.46
N SER A 193 7.39 18.86 12.65
CA SER A 193 8.58 18.00 12.83
C SER A 193 8.46 16.68 12.09
N GLY A 194 9.22 16.58 11.01
CA GLY A 194 9.29 15.43 10.13
C GLY A 194 8.37 15.50 8.92
N ALA A 195 7.99 16.71 8.50
CA ALA A 195 7.12 16.96 7.35
C ALA A 195 7.90 16.93 6.02
N GLY A 196 9.20 17.18 6.11
CA GLY A 196 10.11 17.14 4.96
C GLY A 196 10.79 18.44 4.59
N LYS A 197 10.86 19.40 5.53
CA LYS A 197 11.46 20.72 5.30
C LYS A 197 12.94 20.65 4.90
N THR A 198 13.82 20.06 5.75
CA THR A 198 15.26 19.92 5.55
C THR A 198 15.59 19.21 4.21
N GLU A 199 14.83 18.14 3.86
CA GLU A 199 15.00 17.37 2.63
C GLU A 199 14.62 18.17 1.40
N ALA A 200 13.48 18.90 1.46
CA ALA A 200 13.01 19.73 0.36
C ALA A 200 14.00 20.87 0.07
N THR A 201 14.65 21.43 1.12
CA THR A 201 15.66 22.50 1.02
C THR A 201 16.81 21.98 0.16
N LYS A 202 17.30 20.74 0.48
CA LYS A 202 18.37 20.04 -0.20
C LYS A 202 18.09 19.85 -1.69
N GLN A 203 16.84 19.47 -2.04
CA GLN A 203 16.38 19.25 -3.42
C GLN A 203 16.41 20.53 -4.25
N ILE A 204 15.94 21.64 -3.65
CA ILE A 204 15.91 22.97 -4.26
C ILE A 204 17.36 23.52 -4.35
N MET A 205 18.23 23.11 -3.40
CA MET A 205 19.64 23.46 -3.40
C MET A 205 20.35 22.71 -4.51
N ARG A 206 20.03 21.42 -4.69
CA ARG A 206 20.58 20.56 -5.75
C ARG A 206 20.16 21.03 -7.14
N TYR A 207 18.98 21.67 -7.23
CA TYR A 207 18.45 22.25 -8.45
C TYR A 207 19.33 23.41 -8.90
N PHE A 208 19.61 24.36 -7.96
CA PHE A 208 20.45 25.55 -8.19
C PHE A 208 21.90 25.16 -8.43
N ALA A 209 22.33 23.99 -7.91
CA ALA A 209 23.68 23.45 -8.07
C ALA A 209 23.93 23.04 -9.54
N SER A 210 22.86 22.62 -10.25
CA SER A 210 22.94 22.20 -11.65
C SER A 210 22.97 23.38 -12.63
N SER A 211 24.06 23.45 -13.39
CA SER A 211 24.30 24.47 -14.40
C SER A 211 24.16 23.92 -15.81
N LYS A 212 23.57 24.73 -16.71
CA LYS A 212 23.35 24.40 -18.12
C LYS A 212 24.70 24.32 -18.85
N SER A 213 25.51 25.40 -18.80
CA SER A 213 26.84 25.49 -19.42
C SER A 213 27.95 25.21 -18.41
N GLY A 214 28.81 24.24 -18.75
CA GLY A 214 29.95 23.82 -17.93
C GLY A 214 31.19 24.64 -18.21
N ASN A 215 31.27 25.80 -17.55
CA ASN A 215 32.37 26.79 -17.64
C ASN A 215 32.50 27.61 -16.32
N MET A 216 31.90 27.09 -15.23
N MET A 216 31.90 27.09 -15.23
CA MET A 216 31.83 27.72 -13.91
CA MET A 216 31.83 27.72 -13.91
C MET A 216 32.90 27.23 -12.92
C MET A 216 32.90 27.23 -12.92
N ASP A 217 33.20 28.09 -11.92
CA ASP A 217 34.12 27.82 -10.82
C ASP A 217 33.25 27.18 -9.74
N LEU A 218 33.32 25.85 -9.67
CA LEU A 218 32.51 25.09 -8.73
C LEU A 218 33.16 24.94 -7.35
N ARG A 219 34.38 25.54 -7.16
CA ARG A 219 35.14 25.55 -5.89
C ARG A 219 34.30 26.10 -4.73
N ILE A 220 33.55 27.20 -4.97
CA ILE A 220 32.64 27.85 -4.01
C ILE A 220 31.41 26.95 -3.81
N GLN A 221 30.81 26.49 -4.94
CA GLN A 221 29.65 25.59 -4.97
C GLN A 221 29.91 24.22 -4.29
N THR A 222 31.20 23.84 -4.16
CA THR A 222 31.70 22.60 -3.54
C THR A 222 31.53 22.64 -2.02
N ALA A 223 32.06 23.70 -1.37
CA ALA A 223 31.98 23.93 0.07
C ALA A 223 30.53 24.09 0.52
N ILE A 224 29.71 24.80 -0.30
CA ILE A 224 28.26 25.07 -0.11
C ILE A 224 27.45 23.76 0.09
N MET A 225 27.68 22.77 -0.79
N MET A 225 27.68 22.77 -0.79
CA MET A 225 27.01 21.47 -0.77
CA MET A 225 27.01 21.47 -0.77
C MET A 225 27.58 20.50 0.24
C MET A 225 27.58 20.50 0.24
N ALA A 226 28.89 20.59 0.52
CA ALA A 226 29.59 19.73 1.49
C ALA A 226 29.28 20.16 2.94
N ALA A 227 28.78 21.39 3.12
CA ALA A 227 28.41 21.94 4.42
C ALA A 227 27.20 21.25 5.01
N ASN A 228 26.17 20.99 4.19
CA ASN A 228 24.89 20.38 4.58
C ASN A 228 25.03 19.01 5.30
N PRO A 229 25.81 17.99 4.81
CA PRO A 229 25.94 16.73 5.60
C PRO A 229 26.74 16.87 6.91
N VAL A 230 27.44 18.01 7.08
CA VAL A 230 28.20 18.37 8.28
C VAL A 230 27.23 19.09 9.25
N LEU A 231 26.39 20.01 8.70
CA LEU A 231 25.37 20.78 9.39
C LEU A 231 24.26 19.90 9.98
N GLU A 232 24.06 18.71 9.40
CA GLU A 232 23.09 17.69 9.84
C GLU A 232 23.74 16.76 10.85
N ALA A 233 25.08 16.59 10.76
CA ALA A 233 25.83 15.77 11.70
C ALA A 233 25.97 16.54 13.02
N PHE A 234 26.28 17.84 12.91
CA PHE A 234 26.48 18.74 14.04
C PHE A 234 25.20 19.37 14.61
N GLY A 235 24.23 19.69 13.75
CA GLY A 235 22.99 20.37 14.15
C GLY A 235 21.75 19.52 14.27
N ASN A 236 21.65 18.41 13.51
CA ASN A 236 20.49 17.51 13.55
C ASN A 236 20.70 16.34 14.51
N ALA A 237 19.62 15.89 15.17
CA ALA A 237 19.63 14.77 16.11
C ALA A 237 18.36 13.93 16.00
N LYS A 238 18.39 12.69 16.51
CA LYS A 238 17.24 11.80 16.45
C LYS A 238 16.25 12.08 17.57
N THR A 239 14.98 12.34 17.22
CA THR A 239 13.89 12.54 18.17
C THR A 239 12.84 11.46 17.94
N ILE A 240 11.80 11.43 18.78
CA ILE A 240 10.72 10.46 18.65
C ILE A 240 9.81 10.82 17.46
N ARG A 241 9.72 12.14 17.15
CA ARG A 241 8.93 12.69 16.04
C ARG A 241 9.67 12.47 14.72
N ASN A 242 10.95 12.86 14.67
CA ASN A 242 11.78 12.70 13.48
C ASN A 242 13.22 12.30 13.83
N ASN A 243 13.76 11.32 13.08
CA ASN A 243 15.10 10.80 13.28
C ASN A 243 16.23 11.71 12.73
N ASN A 244 15.86 12.71 11.91
CA ASN A 244 16.80 13.71 11.42
C ASN A 244 16.22 15.10 11.69
N SER A 245 15.78 15.29 12.94
CA SER A 245 15.17 16.53 13.43
C SER A 245 16.21 17.65 13.55
N SER A 246 15.97 18.79 12.85
CA SER A 246 16.83 19.98 12.87
C SER A 246 16.64 20.75 14.19
N ARG A 247 17.68 20.76 15.05
CA ARG A 247 17.69 21.43 16.36
C ARG A 247 18.24 22.86 16.25
N PHE A 248 18.50 23.29 15.00
CA PHE A 248 19.01 24.60 14.58
C PHE A 248 18.18 25.15 13.40
N GLY A 249 18.14 26.48 13.28
CA GLY A 249 17.44 27.16 12.21
C GLY A 249 18.43 27.58 11.15
N ARG A 250 18.25 27.11 9.91
CA ARG A 250 19.14 27.39 8.79
C ARG A 250 18.60 28.45 7.85
N PHE A 251 19.42 29.45 7.54
CA PHE A 251 19.07 30.50 6.58
C PHE A 251 20.22 30.76 5.61
N MET A 252 19.92 30.76 4.30
CA MET A 252 20.92 30.96 3.26
C MET A 252 20.61 32.17 2.39
N GLN A 253 21.64 32.64 1.70
CA GLN A 253 21.59 33.75 0.76
C GLN A 253 22.51 33.26 -0.35
N LEU A 254 22.00 33.10 -1.58
CA LEU A 254 22.82 32.54 -2.67
C LEU A 254 22.72 33.33 -3.98
N VAL A 255 23.88 33.64 -4.62
CA VAL A 255 23.91 34.30 -5.94
C VAL A 255 24.02 33.16 -6.96
N ILE A 256 22.95 32.89 -7.71
CA ILE A 256 22.92 31.80 -8.69
C ILE A 256 22.96 32.39 -10.09
N SER A 257 23.63 31.68 -11.02
CA SER A 257 23.77 32.08 -12.42
C SER A 257 22.43 31.92 -13.17
N HIS A 258 22.24 32.68 -14.27
CA HIS A 258 21.04 32.66 -15.10
C HIS A 258 20.83 31.32 -15.86
N GLU A 259 21.91 30.49 -15.95
CA GLU A 259 21.93 29.16 -16.58
C GLU A 259 21.90 28.08 -15.50
N GLY A 260 22.45 28.42 -14.34
CA GLY A 260 22.52 27.53 -13.17
C GLY A 260 23.88 27.60 -12.50
N GLY A 261 23.95 27.05 -11.29
CA GLY A 261 25.17 27.02 -10.49
C GLY A 261 25.30 28.18 -9.54
N ILE A 262 25.68 27.88 -8.29
CA ILE A 262 25.86 28.86 -7.22
C ILE A 262 27.25 29.48 -7.29
N ARG A 263 27.29 30.80 -7.53
CA ARG A 263 28.51 31.60 -7.59
C ARG A 263 29.02 31.84 -6.15
N TYR A 264 28.15 32.35 -5.25
CA TYR A 264 28.48 32.64 -3.84
C TYR A 264 27.30 32.35 -2.92
N GLY A 265 27.59 32.18 -1.64
CA GLY A 265 26.59 31.92 -0.61
C GLY A 265 26.94 32.42 0.79
N SER A 266 25.98 32.25 1.74
CA SER A 266 26.11 32.61 3.16
C SER A 266 25.12 31.82 4.02
N VAL A 267 25.61 30.72 4.63
CA VAL A 267 24.79 29.88 5.53
C VAL A 267 24.88 30.51 6.92
N VAL A 268 23.72 31.01 7.40
CA VAL A 268 23.58 31.65 8.71
C VAL A 268 22.62 30.81 9.57
N ALA A 269 23.20 30.03 10.48
CA ALA A 269 22.52 29.14 11.42
C ALA A 269 22.26 29.85 12.75
N PHE A 270 21.10 29.57 13.36
CA PHE A 270 20.67 30.15 14.63
C PHE A 270 20.02 29.12 15.56
N LEU A 271 19.92 29.46 16.86
CA LEU A 271 19.33 28.70 17.97
C LEU A 271 19.59 27.20 17.91
N LEU A 272 20.70 26.78 18.49
CA LEU A 272 21.04 25.37 18.58
C LEU A 272 20.55 24.89 19.95
N GLU A 273 19.85 23.73 19.99
CA GLU A 273 19.33 23.15 21.22
C GLU A 273 20.48 22.75 22.14
N LYS A 274 20.87 23.70 23.01
CA LYS A 274 21.95 23.58 23.99
C LYS A 274 21.79 22.37 24.92
N SER A 275 20.54 22.09 25.37
CA SER A 275 20.21 20.99 26.27
C SER A 275 20.47 19.60 25.69
N ARG A 276 20.33 19.43 24.35
CA ARG A 276 20.54 18.19 23.61
C ARG A 276 21.97 17.63 23.81
N ILE A 277 22.97 18.53 24.00
CA ILE A 277 24.38 18.17 24.23
C ILE A 277 24.54 17.46 25.59
N ILE A 278 23.94 18.02 26.66
CA ILE A 278 24.05 17.51 28.02
C ILE A 278 23.08 16.35 28.32
N THR A 279 21.76 16.60 28.15
CA THR A 279 20.74 15.59 28.45
C THR A 279 19.81 15.29 27.26
N GLN A 280 19.49 14.00 27.11
CA GLN A 280 18.60 13.49 26.06
C GLN A 280 17.58 12.58 26.71
N ASP A 281 16.32 12.68 26.26
CA ASP A 281 15.21 11.84 26.76
C ASP A 281 15.42 10.40 26.26
N ASP A 282 14.64 9.45 26.79
CA ASP A 282 14.74 8.04 26.37
C ASP A 282 14.21 7.88 24.93
N ASN A 283 14.82 6.95 24.15
N ASN A 283 14.82 6.95 24.15
CA ASN A 283 14.51 6.67 22.74
CA ASN A 283 14.51 6.67 22.74
C ASN A 283 14.84 7.87 21.83
C ASN A 283 14.86 7.86 21.83
N GLU A 284 15.34 8.96 22.42
CA GLU A 284 15.77 10.19 21.74
C GLU A 284 17.30 10.24 21.82
N ARG A 285 17.94 10.58 20.70
CA ARG A 285 19.39 10.61 20.60
C ARG A 285 19.99 12.00 20.48
N SER A 286 21.28 12.14 20.87
CA SER A 286 22.05 13.38 20.79
C SER A 286 22.51 13.60 19.35
N TYR A 287 23.15 14.78 19.08
CA TYR A 287 23.66 15.16 17.76
C TYR A 287 24.46 14.04 17.12
N HIS A 288 24.10 13.74 15.88
CA HIS A 288 24.65 12.65 15.07
C HIS A 288 26.19 12.56 15.10
N ILE A 289 26.92 13.70 15.05
CA ILE A 289 28.39 13.77 15.04
C ILE A 289 29.05 13.11 16.26
N PHE A 290 28.42 13.18 17.45
CA PHE A 290 28.94 12.55 18.66
C PHE A 290 29.01 11.04 18.49
N TYR A 291 27.92 10.46 17.96
CA TYR A 291 27.80 9.04 17.72
C TYR A 291 28.64 8.63 16.51
N GLN A 292 28.70 9.50 15.48
CA GLN A 292 29.48 9.29 14.25
C GLN A 292 31.00 9.23 14.55
N PHE A 293 31.47 10.10 15.46
CA PHE A 293 32.88 10.18 15.88
C PHE A 293 33.26 9.07 16.86
N LEU A 294 32.31 8.54 17.65
CA LEU A 294 32.59 7.45 18.59
C LEU A 294 32.24 6.08 18.00
N LYS A 295 32.25 5.96 16.65
CA LYS A 295 31.97 4.75 15.88
C LYS A 295 32.90 4.65 14.67
N GLY A 296 33.00 5.74 13.91
CA GLY A 296 33.77 5.81 12.68
C GLY A 296 35.18 6.37 12.75
N ALA A 297 35.65 6.82 13.94
CA ALA A 297 37.00 7.37 14.10
C ALA A 297 38.08 6.31 13.86
N ASN A 298 39.20 6.71 13.23
CA ASN A 298 40.33 5.82 12.96
C ASN A 298 41.07 5.45 14.25
N SER A 299 41.80 4.31 14.23
CA SER A 299 42.56 3.78 15.37
C SER A 299 43.55 4.79 15.98
N THR A 300 44.00 5.76 15.17
CA THR A 300 44.92 6.84 15.57
C THR A 300 44.26 7.86 16.51
N MET A 301 43.00 8.23 16.21
CA MET A 301 42.20 9.17 17.01
C MET A 301 41.61 8.50 18.26
N LYS A 302 41.48 7.16 18.23
CA LYS A 302 40.96 6.34 19.32
C LYS A 302 41.98 6.19 20.47
N SER A 303 43.28 6.46 20.18
CA SER A 303 44.39 6.39 21.13
C SER A 303 44.94 7.78 21.51
N LYS A 304 44.98 8.73 20.53
CA LYS A 304 45.46 10.11 20.72
C LYS A 304 44.52 10.88 21.65
N PHE A 305 43.19 10.76 21.42
CA PHE A 305 42.14 11.41 22.21
C PHE A 305 41.64 10.53 23.37
N GLY A 306 41.94 9.23 23.31
CA GLY A 306 41.54 8.24 24.31
C GLY A 306 40.04 8.01 24.30
N LEU A 307 39.49 7.75 23.10
CA LEU A 307 38.06 7.55 22.89
C LEU A 307 37.54 6.23 23.48
N LYS A 308 36.37 6.30 24.13
CA LYS A 308 35.67 5.17 24.75
C LYS A 308 34.39 4.88 23.96
N GLY A 309 33.69 3.80 24.31
CA GLY A 309 32.44 3.40 23.68
C GLY A 309 31.34 4.43 23.81
N VAL A 310 30.35 4.39 22.89
CA VAL A 310 29.20 5.31 22.86
C VAL A 310 28.37 5.31 24.16
N THR A 311 28.34 4.16 24.88
CA THR A 311 27.62 3.97 26.15
C THR A 311 28.35 4.60 27.35
N GLU A 312 29.70 4.66 27.28
CA GLU A 312 30.61 5.15 28.32
C GLU A 312 30.60 6.68 28.56
N TYR A 313 29.73 7.44 27.88
CA TYR A 313 29.68 8.90 28.05
C TYR A 313 28.39 9.37 28.70
N LYS A 314 28.55 10.22 29.75
CA LYS A 314 27.48 10.82 30.55
C LYS A 314 26.59 11.76 29.74
N LEU A 315 27.16 12.39 28.72
CA LEU A 315 26.44 13.32 27.84
C LEU A 315 25.69 12.58 26.72
N LEU A 316 25.80 11.23 26.68
CA LEU A 316 25.15 10.40 25.65
C LEU A 316 24.26 9.32 26.26
N ASN A 317 22.98 9.26 25.82
CA ASN A 317 22.00 8.26 26.25
C ASN A 317 22.49 6.88 25.78
N PRO A 318 22.90 5.99 26.72
CA PRO A 318 23.47 4.70 26.31
C PRO A 318 22.50 3.71 25.69
N ASN A 319 21.19 3.87 25.96
CA ASN A 319 20.15 2.98 25.46
C ASN A 319 19.61 3.36 24.06
N SER A 320 19.63 4.66 23.72
CA SER A 320 19.14 5.21 22.44
C SER A 320 20.20 5.24 21.31
N THR A 321 21.49 4.90 21.64
CA THR A 321 22.70 4.90 20.79
C THR A 321 22.53 4.51 19.31
N GLU A 322 21.55 3.65 18.98
CA GLU A 322 21.34 3.19 17.61
C GLU A 322 20.08 3.74 16.93
N VAL A 323 20.22 4.14 15.64
CA VAL A 323 19.13 4.65 14.81
C VAL A 323 18.90 3.72 13.61
N SER A 324 17.62 3.37 13.38
CA SER A 324 17.17 2.48 12.30
C SER A 324 17.48 3.07 10.94
N GLY A 325 18.11 2.27 10.09
CA GLY A 325 18.51 2.62 8.73
C GLY A 325 19.63 3.65 8.66
N VAL A 326 20.30 3.92 9.80
CA VAL A 326 21.40 4.88 9.88
C VAL A 326 22.70 4.18 10.29
N ASP A 327 23.72 4.29 9.40
CA ASP A 327 25.06 3.75 9.60
C ASP A 327 25.97 4.96 9.86
N ASP A 328 26.13 5.32 11.16
CA ASP A 328 26.94 6.46 11.61
C ASP A 328 28.41 6.38 11.19
N VAL A 329 28.87 5.18 10.81
CA VAL A 329 30.23 4.95 10.34
C VAL A 329 30.37 5.47 8.89
N LYS A 330 29.43 5.06 7.98
CA LYS A 330 29.40 5.47 6.56
C LYS A 330 29.12 6.95 6.40
N ASP A 331 28.30 7.51 7.30
CA ASP A 331 27.95 8.92 7.34
C ASP A 331 29.19 9.72 7.72
N PHE A 332 29.98 9.22 8.68
CA PHE A 332 31.22 9.84 9.18
C PHE A 332 32.26 9.98 8.07
N GLU A 333 32.40 8.93 7.22
CA GLU A 333 33.32 8.88 6.07
C GLU A 333 33.03 10.07 5.14
N GLU A 334 31.73 10.23 4.83
CA GLU A 334 31.16 11.29 3.99
C GLU A 334 31.33 12.66 4.67
N VAL A 335 31.25 12.71 6.03
CA VAL A 335 31.41 13.93 6.83
C VAL A 335 32.87 14.44 6.76
N ILE A 336 33.85 13.52 6.90
CA ILE A 336 35.29 13.84 6.85
C ILE A 336 35.68 14.43 5.50
N GLU A 337 35.23 13.82 4.39
CA GLU A 337 35.50 14.32 3.04
C GLU A 337 34.83 15.69 2.85
N SER A 338 33.64 15.88 3.44
CA SER A 338 32.88 17.13 3.39
C SER A 338 33.62 18.26 4.09
N LEU A 339 34.33 17.94 5.19
CA LEU A 339 35.16 18.89 5.94
C LEU A 339 36.35 19.33 5.09
N LYS A 340 36.97 18.36 4.35
CA LYS A 340 38.10 18.60 3.46
C LYS A 340 37.68 19.57 2.35
N ASN A 341 36.47 19.33 1.77
CA ASN A 341 35.85 20.15 0.70
C ASN A 341 35.51 21.58 1.15
N MET A 342 35.46 21.83 2.48
N MET A 342 35.46 21.82 2.47
CA MET A 342 35.18 23.14 3.08
CA MET A 342 35.18 23.13 3.07
C MET A 342 36.49 23.94 3.29
C MET A 342 36.48 23.92 3.31
N GLU A 343 37.58 23.49 2.65
CA GLU A 343 38.94 24.09 2.68
C GLU A 343 39.58 24.07 4.10
N LEU A 344 39.22 23.04 4.89
CA LEU A 344 39.78 22.81 6.22
C LEU A 344 40.93 21.84 6.05
N SER A 345 42.10 22.16 6.64
CA SER A 345 43.27 21.29 6.59
C SER A 345 43.09 20.14 7.60
N GLU A 346 43.86 19.03 7.42
CA GLU A 346 43.80 17.86 8.31
C GLU A 346 44.08 18.24 9.78
N SER A 347 44.86 19.33 9.98
CA SER A 347 45.18 19.90 11.29
C SER A 347 43.94 20.59 11.86
N ASP A 348 43.19 21.34 11.00
CA ASP A 348 41.96 22.04 11.38
C ASP A 348 40.84 21.07 11.74
N ILE A 349 40.76 19.93 11.02
CA ILE A 349 39.77 18.86 11.25
C ILE A 349 40.07 18.10 12.54
N GLU A 350 41.36 17.80 12.81
CA GLU A 350 41.80 17.10 14.01
C GLU A 350 41.42 17.86 15.29
N VAL A 351 41.63 19.20 15.30
CA VAL A 351 41.31 20.11 16.42
C VAL A 351 39.79 20.17 16.67
N ILE A 352 38.97 20.17 15.58
CA ILE A 352 37.49 20.16 15.61
C ILE A 352 37.00 18.94 16.42
N PHE A 353 37.60 17.77 16.18
CA PHE A 353 37.28 16.52 16.87
C PHE A 353 37.96 16.39 18.23
N SER A 354 39.06 17.15 18.45
CA SER A 354 39.79 17.18 19.71
C SER A 354 38.95 17.90 20.77
N ILE A 355 38.23 18.95 20.33
CA ILE A 355 37.33 19.74 21.17
C ILE A 355 36.10 18.86 21.52
N VAL A 356 35.56 18.13 20.52
CA VAL A 356 34.43 17.20 20.67
C VAL A 356 34.81 16.09 21.67
N ALA A 357 36.04 15.55 21.54
CA ALA A 357 36.57 14.54 22.45
C ALA A 357 36.72 15.11 23.86
N GLY A 358 37.12 16.39 23.94
CA GLY A 358 37.27 17.12 25.20
C GLY A 358 35.95 17.36 25.91
N ILE A 359 34.90 17.74 25.14
CA ILE A 359 33.53 17.99 25.64
C ILE A 359 32.99 16.71 26.29
N LEU A 360 33.02 15.60 25.53
CA LEU A 360 32.57 14.27 25.95
C LEU A 360 33.24 13.80 27.24
N THR A 361 34.58 13.99 27.34
CA THR A 361 35.42 13.60 28.47
C THR A 361 35.10 14.43 29.73
N LEU A 362 34.87 15.77 29.59
CA LEU A 362 34.55 16.65 30.71
C LEU A 362 33.21 16.29 31.36
N GLY A 363 32.26 15.80 30.55
CA GLY A 363 30.93 15.38 30.98
C GLY A 363 30.96 14.20 31.94
N ASN A 364 31.86 13.24 31.68
CA ASN A 364 32.04 12.03 32.49
C ASN A 364 32.64 12.30 33.89
N VAL A 365 33.34 13.44 34.07
CA VAL A 365 33.96 13.86 35.33
C VAL A 365 32.87 14.11 36.39
N ARG A 366 32.97 13.40 37.54
CA ARG A 366 32.00 13.45 38.63
C ARG A 366 32.39 14.41 39.78
N LEU A 367 31.59 15.49 39.95
CA LEU A 367 31.77 16.51 41.00
C LEU A 367 31.01 16.05 42.25
N ILE A 368 31.69 16.06 43.42
CA ILE A 368 31.09 15.61 44.68
C ILE A 368 31.17 16.66 45.81
N GLU A 369 30.24 16.57 46.78
CA GLU A 369 30.10 17.44 47.95
C GLU A 369 31.28 17.29 48.91
N LYS A 370 31.63 18.39 49.61
CA LYS A 370 32.71 18.42 50.60
C LYS A 370 32.48 19.53 51.64
N GLN A 371 33.00 19.34 52.86
CA GLN A 371 32.90 20.27 53.99
C GLN A 371 33.93 21.43 53.89
N GLU A 372 33.87 22.17 52.77
CA GLU A 372 34.75 23.31 52.48
C GLU A 372 34.00 24.66 52.57
N ALA A 373 34.75 25.78 52.43
CA ALA A 373 34.30 27.19 52.43
C ALA A 373 33.66 27.69 53.74
N GLY A 374 33.20 26.78 54.58
CA GLY A 374 32.53 27.11 55.84
C GLY A 374 31.03 26.92 55.77
N LEU A 375 30.45 27.09 54.56
CA LEU A 375 29.02 26.93 54.28
C LEU A 375 28.69 25.48 53.83
N SER A 376 29.74 24.62 53.72
CA SER A 376 29.69 23.20 53.31
C SER A 376 29.12 23.00 51.88
N ASP A 377 28.96 21.73 51.45
CA ASP A 377 28.47 21.31 50.11
C ASP A 377 29.38 21.78 48.96
N ALA A 378 30.45 22.55 49.27
CA ALA A 378 31.40 23.10 48.31
C ALA A 378 32.08 21.98 47.53
N ALA A 379 31.78 21.95 46.22
CA ALA A 379 32.20 20.95 45.23
C ALA A 379 33.69 20.68 45.19
N ALA A 380 34.03 19.46 44.74
CA ALA A 380 35.39 18.96 44.58
C ALA A 380 35.43 17.90 43.48
N ILE A 381 36.44 17.98 42.60
CA ILE A 381 36.65 17.04 41.50
C ILE A 381 37.18 15.73 42.10
N MET A 382 36.51 14.60 41.79
CA MET A 382 36.84 13.27 42.29
C MET A 382 38.30 12.86 42.03
N ASP A 383 38.91 12.14 42.99
CA ASP A 383 40.31 11.68 42.94
C ASP A 383 40.60 10.76 41.75
N GLU A 384 39.67 9.83 41.44
CA GLU A 384 39.78 8.90 40.30
C GLU A 384 39.47 9.59 38.97
N ASP A 385 38.55 10.59 38.99
CA ASP A 385 38.12 11.38 37.83
C ASP A 385 38.99 12.64 37.62
N MET A 386 40.06 12.79 38.42
CA MET A 386 40.99 13.92 38.35
C MET A 386 41.81 13.88 37.05
N GLY A 387 42.33 12.70 36.71
CA GLY A 387 43.09 12.46 35.48
C GLY A 387 42.24 12.60 34.23
N VAL A 388 40.93 12.30 34.37
CA VAL A 388 39.90 12.39 33.34
C VAL A 388 39.68 13.87 33.00
N PHE A 389 39.60 14.74 34.04
CA PHE A 389 39.43 16.19 33.91
C PHE A 389 40.67 16.84 33.30
N ASN A 390 41.88 16.45 33.76
CA ASN A 390 43.16 16.97 33.29
C ASN A 390 43.41 16.66 31.82
N LYS A 391 42.98 15.49 31.35
CA LYS A 391 43.10 15.06 29.95
C LYS A 391 42.14 15.87 29.07
N ALA A 392 40.90 16.08 29.55
CA ALA A 392 39.84 16.83 28.86
C ALA A 392 40.21 18.29 28.57
N CYS A 393 40.85 18.98 29.54
CA CYS A 393 41.29 20.38 29.41
C CYS A 393 42.44 20.53 28.42
N GLU A 394 43.28 19.49 28.28
CA GLU A 394 44.40 19.45 27.35
C GLU A 394 43.91 19.04 25.95
N LEU A 395 42.68 18.45 25.87
CA LEU A 395 42.01 18.04 24.63
C LEU A 395 41.31 19.24 24.00
N MET A 396 40.79 20.16 24.84
CA MET A 396 40.11 21.38 24.41
C MET A 396 41.09 22.55 24.28
N TYR A 397 42.38 22.31 24.63
CA TYR A 397 43.53 23.24 24.60
C TYR A 397 43.34 24.44 25.54
N LEU A 398 43.06 24.16 26.82
CA LEU A 398 42.86 25.16 27.87
C LEU A 398 43.75 24.85 29.07
N ASP A 399 43.96 25.85 29.96
CA ASP A 399 44.75 25.68 31.18
C ASP A 399 43.94 24.82 32.17
N PRO A 400 44.42 23.59 32.53
CA PRO A 400 43.62 22.73 33.43
C PRO A 400 43.42 23.24 34.85
N GLU A 401 44.24 24.23 35.28
CA GLU A 401 44.13 24.82 36.62
C GLU A 401 43.25 26.08 36.64
N LEU A 402 43.14 26.78 35.49
CA LEU A 402 42.31 27.99 35.35
C LEU A 402 40.83 27.66 35.16
N ILE A 403 40.53 26.55 34.46
CA ILE A 403 39.18 26.05 34.22
C ILE A 403 38.63 25.47 35.54
N LYS A 404 39.51 24.79 36.32
CA LYS A 404 39.24 24.20 37.64
C LYS A 404 38.88 25.30 38.66
N ARG A 405 39.53 26.47 38.57
CA ARG A 405 39.34 27.63 39.45
C ARG A 405 38.00 28.32 39.24
N GLU A 406 37.60 28.59 37.99
CA GLU A 406 36.35 29.27 37.68
C GLU A 406 35.10 28.39 37.95
N ILE A 407 35.30 27.06 38.07
CA ILE A 407 34.27 26.06 38.34
C ILE A 407 34.18 25.71 39.85
N LEU A 408 35.34 25.64 40.55
CA LEU A 408 35.34 25.29 41.97
C LEU A 408 35.41 26.49 42.92
N ILE A 409 36.09 27.60 42.53
CA ILE A 409 36.23 28.81 43.35
C ILE A 409 35.20 29.87 42.92
N LYS A 410 34.35 30.31 43.89
CA LYS A 410 33.30 31.32 43.70
C LYS A 410 33.90 32.73 43.71
N VAL A 411 34.07 33.31 42.50
CA VAL A 411 34.63 34.64 42.34
C VAL A 411 33.51 35.67 42.19
N THR A 412 33.35 36.53 43.22
CA THR A 412 32.32 37.57 43.29
C THR A 412 32.95 38.91 43.68
N VAL A 413 32.83 39.93 42.82
CA VAL A 413 33.38 41.26 43.09
C VAL A 413 32.24 42.25 43.38
N ALA A 414 32.31 42.92 44.55
CA ALA A 414 31.31 43.90 44.98
C ALA A 414 31.94 45.28 45.17
N GLY A 415 31.48 46.24 44.36
CA GLY A 415 31.96 47.62 44.37
C GLY A 415 33.40 47.73 43.93
N GLY A 416 34.31 47.60 44.90
CA GLY A 416 35.74 47.63 44.69
C GLY A 416 36.40 46.39 45.25
N THR A 417 36.07 46.05 46.51
CA THR A 417 36.58 44.89 47.23
C THR A 417 36.09 43.57 46.63
N LYS A 418 37.05 42.74 46.16
CA LYS A 418 36.82 41.44 45.54
C LYS A 418 36.64 40.38 46.65
N ILE A 419 35.67 39.47 46.48
CA ILE A 419 35.38 38.40 47.44
C ILE A 419 35.61 37.02 46.81
N GLU A 420 36.41 36.17 47.48
CA GLU A 420 36.76 34.82 47.05
C GLU A 420 36.04 33.77 47.91
N GLY A 421 35.44 32.77 47.26
CA GLY A 421 34.71 31.69 47.91
C GLY A 421 34.82 30.36 47.19
N ARG A 422 33.78 29.52 47.30
CA ARG A 422 33.72 28.20 46.65
C ARG A 422 32.30 27.83 46.19
N TRP A 423 32.17 27.37 44.92
CA TRP A 423 30.89 26.94 44.32
C TRP A 423 30.47 25.58 44.88
N ASN A 424 29.16 25.39 45.12
CA ASN A 424 28.62 24.14 45.66
C ASN A 424 28.54 23.02 44.59
N LYS A 425 28.16 21.78 45.00
CA LYS A 425 28.06 20.60 44.14
C LYS A 425 27.20 20.80 42.90
N ASN A 426 25.93 21.21 43.09
CA ASN A 426 24.96 21.44 42.02
C ASN A 426 25.34 22.63 41.14
N ASP A 427 25.94 23.68 41.75
CA ASP A 427 26.39 24.90 41.06
C ASP A 427 27.59 24.63 40.14
N ALA A 428 28.57 23.83 40.60
CA ALA A 428 29.75 23.46 39.83
C ALA A 428 29.41 22.53 38.66
N GLU A 429 28.35 21.69 38.82
CA GLU A 429 27.84 20.78 37.79
C GLU A 429 27.24 21.61 36.65
N VAL A 430 26.63 22.76 37.00
CA VAL A 430 26.03 23.72 36.07
C VAL A 430 27.14 24.42 35.28
N LEU A 431 28.22 24.86 35.97
CA LEU A 431 29.39 25.53 35.36
C LEU A 431 30.13 24.61 34.41
N LYS A 432 30.18 23.31 34.73
CA LYS A 432 30.80 22.25 33.92
C LYS A 432 29.96 22.07 32.65
N SER A 433 28.62 22.02 32.81
CA SER A 433 27.63 21.85 31.74
C SER A 433 27.53 23.05 30.78
N SER A 434 27.54 24.29 31.33
N SER A 434 27.54 24.29 31.33
CA SER A 434 27.47 25.55 30.56
CA SER A 434 27.46 25.54 30.55
C SER A 434 28.72 25.77 29.72
C SER A 434 28.72 25.77 29.72
N LEU A 435 29.85 25.15 30.13
CA LEU A 435 31.15 25.20 29.46
C LEU A 435 31.14 24.30 28.23
N CYS A 436 30.55 23.09 28.36
CA CYS A 436 30.40 22.09 27.29
C CYS A 436 29.42 22.58 26.23
N LYS A 437 28.35 23.27 26.67
CA LYS A 437 27.30 23.85 25.84
C LYS A 437 27.86 24.96 24.94
N ALA A 438 28.64 25.89 25.54
CA ALA A 438 29.29 27.01 24.85
C ALA A 438 30.41 26.57 23.90
N MET A 439 31.15 25.51 24.25
CA MET A 439 32.24 25.00 23.42
C MET A 439 31.70 24.38 22.14
N TYR A 440 30.57 23.65 22.23
CA TYR A 440 29.93 23.00 21.10
C TYR A 440 29.22 23.99 20.17
N GLU A 441 28.45 24.93 20.75
CA GLU A 441 27.70 25.96 20.01
C GLU A 441 28.64 26.90 19.24
N LYS A 442 29.73 27.38 19.91
CA LYS A 442 30.73 28.26 19.30
C LYS A 442 31.54 27.54 18.22
N LEU A 443 31.80 26.22 18.41
CA LEU A 443 32.50 25.37 17.44
C LEU A 443 31.62 25.15 16.23
N PHE A 444 30.32 24.82 16.44
CA PHE A 444 29.36 24.63 15.36
C PHE A 444 29.28 25.91 14.54
N LEU A 445 29.20 27.07 15.21
CA LEU A 445 29.16 28.38 14.54
C LEU A 445 30.51 28.82 13.97
N TRP A 446 31.63 28.22 14.43
CA TRP A 446 32.96 28.53 13.91
C TRP A 446 33.14 27.90 12.53
N ILE A 447 32.53 26.70 12.32
CA ILE A 447 32.55 25.96 11.06
C ILE A 447 31.74 26.79 10.02
N ILE A 448 30.60 27.39 10.45
CA ILE A 448 29.72 28.27 9.66
C ILE A 448 30.54 29.49 9.21
N ARG A 449 31.34 30.08 10.13
CA ARG A 449 32.21 31.23 9.89
C ARG A 449 33.35 30.85 8.94
N HIS A 450 33.94 29.66 9.12
CA HIS A 450 35.00 29.14 8.25
C HIS A 450 34.44 28.91 6.85
N LEU A 451 33.18 28.48 6.77
CA LEU A 451 32.53 28.26 5.50
C LEU A 451 32.30 29.61 4.83
N ASN A 452 31.59 30.52 5.53
CA ASN A 452 31.31 31.88 5.05
C ASN A 452 32.57 32.68 4.71
N SER A 453 33.72 32.32 5.29
CA SER A 453 34.99 33.01 4.99
C SER A 453 35.41 32.76 3.54
N ARG A 454 35.12 31.55 3.03
CA ARG A 454 35.49 31.12 1.68
C ARG A 454 34.37 31.28 0.64
N ILE A 455 33.09 31.10 1.05
CA ILE A 455 31.93 31.13 0.14
C ILE A 455 31.27 32.52 -0.03
N GLU A 456 31.47 33.45 0.91
CA GLU A 456 30.84 34.78 0.85
C GLU A 456 31.33 35.69 -0.29
N PRO A 457 30.41 36.43 -0.94
CA PRO A 457 30.84 37.36 -1.99
C PRO A 457 31.39 38.66 -1.40
N GLU A 458 32.46 39.18 -2.00
CA GLU A 458 33.07 40.43 -1.55
C GLU A 458 32.19 41.58 -2.05
N GLY A 459 31.75 42.42 -1.12
CA GLY A 459 30.84 43.52 -1.42
C GLY A 459 29.38 43.09 -1.33
N GLY A 460 29.14 42.08 -0.50
CA GLY A 460 27.83 41.52 -0.21
C GLY A 460 27.04 40.96 -1.37
N PHE A 461 25.70 40.87 -1.18
CA PHE A 461 24.73 40.36 -2.14
C PHE A 461 23.89 41.51 -2.72
N LYS A 462 23.50 41.39 -4.01
CA LYS A 462 22.69 42.38 -4.74
C LYS A 462 21.30 41.81 -4.99
N THR A 463 21.25 40.70 -5.73
CA THR A 463 20.04 39.99 -6.07
C THR A 463 20.29 38.53 -5.71
N PHE A 464 19.99 38.17 -4.45
CA PHE A 464 20.23 36.82 -3.93
C PHE A 464 18.97 35.97 -3.77
N MET A 465 19.17 34.66 -3.54
CA MET A 465 18.11 33.69 -3.32
C MET A 465 18.12 33.16 -1.88
N GLY A 466 17.14 33.60 -1.09
CA GLY A 466 16.98 33.20 0.29
C GLY A 466 16.33 31.83 0.40
N MET A 467 16.65 31.10 1.48
CA MET A 467 16.12 29.76 1.77
C MET A 467 16.01 29.59 3.29
N LEU A 468 14.81 29.26 3.81
CA LEU A 468 14.64 29.16 5.25
C LEU A 468 14.16 27.81 5.78
N ASP A 469 15.12 27.02 6.31
CA ASP A 469 14.87 25.72 6.95
C ASP A 469 14.85 25.90 8.48
N ILE A 470 13.65 25.93 9.06
CA ILE A 470 13.51 26.07 10.50
C ILE A 470 13.14 24.73 11.15
N PHE A 471 12.98 24.74 12.47
CA PHE A 471 12.56 23.59 13.28
C PHE A 471 11.02 23.64 13.35
N GLY A 472 10.36 22.63 12.78
CA GLY A 472 8.90 22.54 12.73
C GLY A 472 8.24 22.24 14.06
N PHE A 473 6.95 22.60 14.18
CA PHE A 473 6.12 22.40 15.38
C PHE A 473 6.36 21.03 15.97
N GLU A 474 6.79 20.98 17.23
CA GLU A 474 7.06 19.70 17.88
C GLU A 474 6.38 19.59 19.23
N VAL A 475 5.56 18.54 19.39
CA VAL A 475 4.82 18.26 20.61
C VAL A 475 5.19 16.87 21.12
N PHE A 476 5.64 16.80 22.38
CA PHE A 476 5.98 15.57 23.07
C PHE A 476 5.06 15.46 24.30
N LYS A 477 5.24 14.40 25.13
CA LYS A 477 4.47 14.23 26.38
C LYS A 477 4.87 15.39 27.31
N ASN A 478 6.19 15.70 27.35
CA ASN A 478 6.76 16.79 28.11
C ASN A 478 7.44 17.78 27.17
N ASN A 479 6.93 19.02 27.18
CA ASN A 479 7.43 20.13 26.37
C ASN A 479 8.03 21.17 27.32
N SER A 480 9.18 21.77 26.95
CA SER A 480 9.85 22.78 27.79
C SER A 480 10.11 24.09 27.00
N LEU A 481 11.13 24.87 27.42
CA LEU A 481 11.50 26.15 26.80
C LEU A 481 12.02 25.93 25.38
N GLU A 482 12.69 24.79 25.18
CA GLU A 482 13.23 24.37 23.89
C GLU A 482 12.07 24.28 22.92
N GLN A 483 11.03 23.53 23.32
CA GLN A 483 9.80 23.33 22.56
C GLN A 483 9.03 24.64 22.41
N LEU A 484 9.12 25.54 23.42
CA LEU A 484 8.46 26.84 23.39
C LEU A 484 9.06 27.71 22.29
N PHE A 485 10.40 27.81 22.24
CA PHE A 485 11.14 28.60 21.24
C PHE A 485 10.93 28.10 19.81
N ILE A 486 10.75 26.78 19.63
CA ILE A 486 10.53 26.14 18.33
C ILE A 486 9.15 26.53 17.78
N ASN A 487 8.11 26.32 18.61
CA ASN A 487 6.70 26.62 18.28
C ASN A 487 6.47 28.12 18.06
N ILE A 488 7.30 28.98 18.67
CA ILE A 488 7.28 30.43 18.50
C ILE A 488 7.77 30.77 17.08
N THR A 489 8.88 30.12 16.65
CA THR A 489 9.47 30.29 15.32
C THR A 489 8.38 30.00 14.29
N ASN A 490 7.72 28.83 14.40
CA ASN A 490 6.64 28.39 13.52
C ASN A 490 5.49 29.38 13.45
N GLU A 491 5.09 29.95 14.60
CA GLU A 491 4.01 30.93 14.65
C GLU A 491 4.45 32.22 14.03
N MET A 492 5.74 32.58 14.17
CA MET A 492 6.29 33.79 13.58
C MET A 492 6.27 33.70 12.05
N LEU A 493 6.76 32.57 11.49
CA LEU A 493 6.79 32.30 10.06
C LEU A 493 5.41 32.36 9.42
N GLN A 494 4.39 32.02 10.22
CA GLN A 494 2.99 32.01 9.86
C GLN A 494 2.41 33.42 9.81
N LYS A 495 2.70 34.25 10.85
CA LYS A 495 2.24 35.64 10.94
C LYS A 495 2.66 36.41 9.69
N ASN A 496 3.94 36.27 9.30
CA ASN A 496 4.48 36.92 8.11
C ASN A 496 3.93 36.30 6.83
N PHE A 497 3.54 34.99 6.86
CA PHE A 497 2.95 34.31 5.71
C PHE A 497 1.57 34.89 5.45
N VAL A 498 0.70 34.88 6.47
CA VAL A 498 -0.67 35.37 6.44
C VAL A 498 -0.71 36.84 5.99
N ASP A 499 0.24 37.65 6.49
CA ASP A 499 0.37 39.08 6.14
C ASP A 499 0.65 39.29 4.66
N ILE A 500 1.72 38.65 4.13
CA ILE A 500 2.16 38.78 2.74
C ILE A 500 1.11 38.21 1.77
N VAL A 501 0.74 36.93 1.95
CA VAL A 501 -0.19 36.17 1.12
C VAL A 501 -1.61 36.75 1.11
N PHE A 502 -2.13 37.17 2.28
CA PHE A 502 -3.50 37.68 2.39
C PHE A 502 -3.64 39.20 2.63
N GLU A 503 -3.26 39.67 3.85
CA GLU A 503 -3.39 41.07 4.28
C GLU A 503 -2.86 42.09 3.28
N ARG A 504 -1.67 41.85 2.71
CA ARG A 504 -0.98 42.73 1.74
C ARG A 504 -1.59 42.68 0.35
N GLU A 505 -1.96 41.47 -0.11
CA GLU A 505 -2.57 41.24 -1.41
C GLU A 505 -3.94 41.90 -1.48
N SER A 506 -4.72 41.78 -0.39
CA SER A 506 -6.07 42.36 -0.25
C SER A 506 -6.01 43.86 -0.41
N LYS A 507 -5.00 44.50 0.23
CA LYS A 507 -4.76 45.95 0.18
C LYS A 507 -4.19 46.39 -1.15
N LEU A 508 -3.37 45.54 -1.79
CA LEU A 508 -2.75 45.82 -3.08
C LEU A 508 -3.80 45.96 -4.20
N TYR A 509 -4.67 44.94 -4.35
CA TYR A 509 -5.75 44.90 -5.34
C TYR A 509 -6.73 46.07 -5.15
N LYS A 510 -7.01 46.43 -3.89
CA LYS A 510 -7.89 47.52 -3.50
C LYS A 510 -7.26 48.89 -3.84
N ASP A 511 -5.97 49.10 -3.48
CA ASP A 511 -5.22 50.34 -3.72
C ASP A 511 -4.96 50.60 -5.19
N GLU A 512 -4.80 49.54 -5.99
CA GLU A 512 -4.57 49.66 -7.43
C GLU A 512 -5.87 50.03 -8.18
N GLY A 513 -7.00 49.76 -7.54
CA GLY A 513 -8.33 50.04 -8.08
C GLY A 513 -8.88 48.87 -8.89
N ILE A 514 -8.49 47.63 -8.50
CA ILE A 514 -8.94 46.42 -9.19
C ILE A 514 -10.13 45.81 -8.43
N SER A 515 -9.88 45.13 -7.30
CA SER A 515 -10.92 44.48 -6.51
C SER A 515 -11.06 45.05 -5.12
N THR A 516 -12.26 45.54 -4.82
CA THR A 516 -12.63 46.08 -3.51
C THR A 516 -12.99 44.93 -2.54
N ALA A 517 -13.23 43.71 -3.10
CA ALA A 517 -13.59 42.47 -2.39
C ALA A 517 -12.60 42.11 -1.29
N GLU A 518 -13.13 41.52 -0.20
CA GLU A 518 -12.35 41.10 0.95
C GLU A 518 -11.92 39.65 0.89
N LEU A 519 -10.78 39.37 1.52
CA LEU A 519 -10.17 38.06 1.61
C LEU A 519 -10.48 37.54 3.00
N LYS A 520 -11.07 36.35 3.07
CA LYS A 520 -11.41 35.74 4.34
C LYS A 520 -10.33 34.74 4.73
N TYR A 521 -9.74 34.93 5.91
CA TYR A 521 -8.65 34.10 6.42
C TYR A 521 -8.51 34.21 7.92
N THR A 522 -7.92 33.17 8.50
CA THR A 522 -7.65 33.06 9.92
C THR A 522 -6.19 33.37 10.15
N SER A 523 -5.95 34.36 11.02
CA SER A 523 -4.62 34.80 11.42
C SER A 523 -4.33 34.38 12.87
N ASN A 524 -3.04 34.30 13.21
CA ASN A 524 -2.55 33.93 14.53
C ASN A 524 -2.28 35.19 15.36
N LYS A 525 -2.69 36.37 14.84
CA LYS A 525 -2.53 37.70 15.43
C LYS A 525 -2.63 37.72 16.96
N GLU A 526 -3.61 36.99 17.52
CA GLU A 526 -3.83 36.90 18.96
C GLU A 526 -2.78 36.01 19.65
N VAL A 527 -2.57 34.77 19.14
CA VAL A 527 -1.63 33.80 19.72
C VAL A 527 -0.16 34.26 19.54
N ILE A 528 0.14 35.04 18.50
CA ILE A 528 1.50 35.54 18.29
C ILE A 528 1.79 36.64 19.31
N ASN A 529 0.77 37.45 19.64
CA ASN A 529 0.93 38.52 20.62
C ASN A 529 1.06 38.02 22.04
N VAL A 530 0.41 36.88 22.38
CA VAL A 530 0.51 36.32 23.74
C VAL A 530 1.88 35.68 23.97
N LEU A 531 2.74 35.66 22.95
CA LEU A 531 4.08 35.09 23.05
C LEU A 531 5.14 36.08 22.68
N CYS A 532 4.88 36.98 21.71
CA CYS A 532 5.89 37.90 21.18
C CYS A 532 5.60 39.42 21.36
N GLU A 533 4.39 39.83 21.83
CA GLU A 533 4.15 41.26 21.99
C GLU A 533 4.89 41.79 23.21
N LYS A 534 5.89 42.67 22.99
CA LYS A 534 6.75 43.27 24.02
C LYS A 534 5.93 43.97 25.12
N GLY A 535 6.21 43.58 26.37
CA GLY A 535 5.53 44.11 27.55
C GLY A 535 4.43 43.20 28.07
N LYS A 536 3.60 42.64 27.15
CA LYS A 536 2.49 41.75 27.46
C LYS A 536 2.57 40.46 26.60
N SER A 537 3.46 39.52 26.99
CA SER A 537 3.66 38.22 26.33
C SER A 537 4.44 37.24 27.18
N VAL A 538 4.25 35.91 26.94
CA VAL A 538 4.93 34.82 27.65
C VAL A 538 6.46 34.99 27.60
N LEU A 539 7.01 35.51 26.49
CA LEU A 539 8.45 35.75 26.38
C LEU A 539 8.92 36.99 27.19
N SER A 540 8.12 38.07 27.22
N SER A 540 8.12 38.07 27.22
CA SER A 540 8.45 39.29 27.95
CA SER A 540 8.44 39.30 27.96
C SER A 540 8.37 39.13 29.47
C SER A 540 8.37 39.13 29.47
N TYR A 541 7.41 38.31 29.97
CA TYR A 541 7.24 38.03 31.40
C TYR A 541 8.32 37.09 31.95
N LEU A 542 8.92 36.29 31.07
CA LEU A 542 10.01 35.37 31.38
C LEU A 542 11.25 36.23 31.67
N GLU A 543 11.52 37.19 30.76
CA GLU A 543 12.64 38.14 30.87
C GLU A 543 12.55 38.96 32.15
N ASP A 544 11.32 39.39 32.54
CA ASP A 544 11.08 40.17 33.76
C ASP A 544 11.38 39.35 35.02
N GLN A 545 11.11 38.04 34.99
N GLN A 545 11.11 38.03 34.99
CA GLN A 545 11.35 37.11 36.10
CA GLN A 545 11.35 37.10 36.10
C GLN A 545 12.84 36.82 36.29
C GLN A 545 12.84 36.82 36.28
N CYS A 546 13.59 36.72 35.17
CA CYS A 546 15.03 36.45 35.15
C CYS A 546 15.82 37.66 35.65
N LEU A 547 15.51 38.87 35.11
CA LEU A 547 16.15 40.12 35.49
C LEU A 547 15.86 40.47 36.96
N ALA A 548 14.70 40.03 37.49
CA ALA A 548 14.32 40.23 38.88
C ALA A 548 15.07 39.22 39.77
N PRO A 549 15.69 39.67 40.89
CA PRO A 549 16.42 38.73 41.76
C PRO A 549 15.52 37.72 42.45
N GLY A 550 14.43 38.20 43.06
CA GLY A 550 13.46 37.39 43.77
C GLY A 550 12.35 36.86 42.89
N GLY A 551 12.73 36.20 41.79
CA GLY A 551 11.81 35.62 40.83
C GLY A 551 12.04 34.14 40.62
N THR A 552 10.97 33.33 40.70
CA THR A 552 11.03 31.87 40.53
C THR A 552 10.31 31.39 39.26
N ASP A 553 10.42 30.08 38.94
CA ASP A 553 9.75 29.45 37.80
C ASP A 553 8.24 29.45 38.02
N GLU A 554 7.81 29.21 39.28
CA GLU A 554 6.41 29.17 39.72
C GLU A 554 5.78 30.55 39.69
N LYS A 555 6.57 31.60 40.04
CA LYS A 555 6.15 33.01 40.04
C LYS A 555 5.90 33.51 38.62
N PHE A 556 6.61 32.92 37.63
CA PHE A 556 6.50 33.23 36.21
C PHE A 556 5.15 32.81 35.64
N VAL A 557 4.72 31.58 35.95
CA VAL A 557 3.42 31.03 35.51
C VAL A 557 2.31 31.95 36.01
N SER A 558 2.38 32.31 37.31
CA SER A 558 1.46 33.21 38.01
C SER A 558 1.45 34.60 37.38
N SER A 559 2.63 35.08 36.93
CA SER A 559 2.82 36.37 36.26
C SER A 559 2.09 36.37 34.90
N CYS A 560 2.04 35.22 34.24
CA CYS A 560 1.35 35.08 32.97
C CYS A 560 -0.14 34.90 33.18
N ALA A 561 -0.54 33.98 34.08
CA ALA A 561 -1.92 33.60 34.38
C ALA A 561 -2.87 34.75 34.74
N THR A 562 -2.36 35.80 35.40
N THR A 562 -2.36 35.80 35.40
CA THR A 562 -3.16 36.96 35.83
CA THR A 562 -3.16 36.95 35.83
C THR A 562 -3.21 38.05 34.76
C THR A 562 -3.21 38.05 34.76
N ASN A 563 -2.05 38.34 34.13
CA ASN A 563 -1.92 39.37 33.10
C ASN A 563 -2.53 38.95 31.77
N LEU A 564 -2.10 37.79 31.24
CA LEU A 564 -2.54 37.21 29.98
C LEU A 564 -3.79 36.32 30.18
N LYS A 565 -4.58 36.62 31.24
CA LYS A 565 -5.80 35.93 31.64
C LYS A 565 -6.79 35.87 30.47
N GLU A 566 -7.18 37.05 29.94
CA GLU A 566 -8.12 37.22 28.83
C GLU A 566 -7.55 36.74 27.47
N ASN A 567 -8.28 37.05 26.37
CA ASN A 567 -8.02 36.72 24.96
C ASN A 567 -8.03 35.19 24.64
N ASN A 568 -8.22 34.33 25.68
CA ASN A 568 -8.31 32.87 25.59
C ASN A 568 -6.98 32.16 25.28
N LYS A 569 -6.21 32.63 24.27
CA LYS A 569 -4.95 32.04 23.77
C LYS A 569 -3.99 31.54 24.86
N PHE A 570 -4.04 32.12 26.08
CA PHE A 570 -3.28 31.61 27.21
C PHE A 570 -4.28 30.94 28.15
N THR A 571 -4.06 29.65 28.44
CA THR A 571 -4.90 28.85 29.33
C THR A 571 -3.98 28.12 30.32
N PRO A 572 -4.00 28.43 31.64
CA PRO A 572 -3.13 27.71 32.59
C PRO A 572 -3.63 26.29 32.78
N ALA A 573 -2.68 25.35 32.98
CA ALA A 573 -2.94 23.90 33.13
C ALA A 573 -3.96 23.54 34.21
N LYS A 574 -4.75 22.48 33.93
CA LYS A 574 -5.76 21.94 34.86
C LYS A 574 -5.03 21.26 36.03
N VAL A 575 -3.95 20.51 35.71
CA VAL A 575 -3.11 19.77 36.67
C VAL A 575 -1.80 20.53 36.88
N ALA A 576 -1.48 20.81 38.17
CA ALA A 576 -0.29 21.53 38.62
C ALA A 576 -0.09 22.85 37.84
N SER A 577 -1.10 23.74 37.93
CA SER A 577 -1.14 25.06 37.29
C SER A 577 0.03 25.95 37.70
N ASN A 578 0.56 25.75 38.93
CA ASN A 578 1.68 26.47 39.53
C ASN A 578 3.00 26.26 38.77
N LYS A 579 3.15 25.10 38.09
CA LYS A 579 4.36 24.74 37.33
C LYS A 579 4.10 24.37 35.85
N ASN A 580 2.84 24.51 35.37
CA ASN A 580 2.46 24.16 33.99
C ASN A 580 1.44 25.14 33.37
N PHE A 581 1.49 25.32 32.03
CA PHE A 581 0.60 26.20 31.26
C PHE A 581 0.39 25.71 29.82
N ILE A 582 -0.74 26.11 29.20
CA ILE A 582 -1.09 25.72 27.83
C ILE A 582 -1.24 26.95 26.93
N ILE A 583 -0.83 26.81 25.66
CA ILE A 583 -0.94 27.84 24.62
C ILE A 583 -1.79 27.27 23.48
N GLN A 584 -2.81 28.04 23.04
CA GLN A 584 -3.74 27.67 21.96
C GLN A 584 -3.14 27.94 20.57
N HIS A 585 -2.13 27.13 20.20
CA HIS A 585 -1.40 27.24 18.93
C HIS A 585 -2.27 26.98 17.70
N THR A 586 -1.71 27.30 16.51
CA THR A 586 -2.35 27.10 15.21
C THR A 586 -2.45 25.57 14.91
N ILE A 587 -1.80 24.76 15.75
CA ILE A 587 -1.83 23.29 15.70
C ILE A 587 -2.60 22.73 16.94
N GLY A 588 -3.24 23.62 17.69
CA GLY A 588 -4.02 23.28 18.87
C GLY A 588 -3.35 23.57 20.20
N PRO A 589 -3.86 22.98 21.29
CA PRO A 589 -3.27 23.26 22.61
C PRO A 589 -1.99 22.48 22.91
N ILE A 590 -0.95 23.18 23.41
CA ILE A 590 0.35 22.58 23.77
C ILE A 590 0.71 22.96 25.20
N GLN A 591 0.88 21.96 26.09
CA GLN A 591 1.22 22.19 27.51
C GLN A 591 2.73 22.17 27.74
N TYR A 592 3.23 23.17 28.47
CA TYR A 592 4.65 23.32 28.75
C TYR A 592 4.94 23.21 30.24
N CYS A 593 5.89 22.34 30.62
CA CYS A 593 6.29 22.24 32.01
C CYS A 593 7.30 23.35 32.24
N ALA A 594 6.85 24.43 32.88
CA ALA A 594 7.62 25.65 33.17
C ALA A 594 8.84 25.43 34.11
N GLU A 595 9.22 24.17 34.38
CA GLU A 595 10.36 23.83 35.23
C GLU A 595 11.68 24.13 34.52
N SER A 596 12.59 24.85 35.22
CA SER A 596 13.91 25.31 34.77
C SER A 596 13.85 26.40 33.68
N PHE A 597 12.65 26.93 33.38
CA PHE A 597 12.40 27.96 32.36
C PHE A 597 13.29 29.19 32.50
N LEU A 598 13.53 29.61 33.75
CA LEU A 598 14.39 30.75 34.05
C LEU A 598 15.86 30.35 33.89
N LEU A 599 16.22 29.13 34.32
CA LEU A 599 17.59 28.58 34.25
C LEU A 599 18.06 28.37 32.82
N LYS A 600 17.17 27.84 31.95
CA LYS A 600 17.43 27.57 30.53
C LYS A 600 17.58 28.89 29.75
N ASN A 601 16.73 29.88 30.06
CA ASN A 601 16.73 31.21 29.44
C ASN A 601 18.00 31.98 29.79
N LYS A 602 18.56 31.71 30.98
CA LYS A 602 19.76 32.37 31.47
C LYS A 602 21.06 31.75 30.97
N ASP A 603 21.09 30.41 30.76
CA ASP A 603 22.27 29.64 30.37
C ASP A 603 23.04 30.18 29.13
N VAL A 604 24.09 30.95 29.42
CA VAL A 604 25.07 31.55 28.50
C VAL A 604 26.35 31.79 29.35
N LEU A 605 27.44 31.06 28.99
CA LEU A 605 28.71 31.03 29.71
C LEU A 605 29.20 32.38 30.27
N ARG A 606 29.66 32.33 31.54
CA ARG A 606 30.20 33.44 32.33
C ARG A 606 31.44 34.06 31.68
N GLY A 607 31.68 35.34 31.96
CA GLY A 607 32.83 36.07 31.45
C GLY A 607 34.15 35.54 32.00
N ASP A 608 34.11 34.90 33.19
CA ASP A 608 35.26 34.29 33.88
C ASP A 608 35.93 33.18 33.09
N LEU A 609 35.13 32.25 32.52
CA LEU A 609 35.61 31.12 31.72
C LEU A 609 35.88 31.52 30.26
N VAL A 610 35.17 32.58 29.76
CA VAL A 610 35.31 33.15 28.40
C VAL A 610 36.74 33.63 28.14
N GLU A 611 37.37 34.27 29.15
CA GLU A 611 38.74 34.76 29.10
C GLU A 611 39.75 33.62 28.94
N VAL A 612 39.48 32.44 29.59
CA VAL A 612 40.34 31.23 29.54
C VAL A 612 40.36 30.63 28.12
N ILE A 613 39.21 30.63 27.43
CA ILE A 613 39.04 30.10 26.07
C ILE A 613 39.55 31.11 25.01
N LYS A 614 39.59 32.40 25.36
CA LYS A 614 40.11 33.47 24.50
C LYS A 614 41.64 33.50 24.54
N ASP A 615 42.25 33.17 25.70
CA ASP A 615 43.71 33.15 25.93
C ASP A 615 44.42 31.87 25.46
N SER A 616 43.64 30.87 24.99
CA SER A 616 44.08 29.55 24.52
C SER A 616 45.31 29.54 23.60
N PRO A 617 46.25 28.56 23.73
CA PRO A 617 47.41 28.54 22.82
C PRO A 617 47.06 28.02 21.42
N ASN A 618 45.84 27.46 21.25
CA ASN A 618 45.32 26.94 20.00
C ASN A 618 44.54 28.04 19.25
N PRO A 619 44.78 28.25 17.94
CA PRO A 619 44.08 29.34 17.22
C PRO A 619 42.57 29.16 17.09
N ILE A 620 42.11 27.93 16.76
CA ILE A 620 40.69 27.58 16.59
C ILE A 620 39.92 27.80 17.89
N VAL A 621 40.51 27.41 19.04
CA VAL A 621 39.92 27.55 20.39
C VAL A 621 39.77 29.05 20.79
N GLN A 622 40.68 29.93 20.29
CA GLN A 622 40.63 31.38 20.52
C GLN A 622 39.52 32.02 19.70
N GLN A 623 39.41 31.61 18.42
CA GLN A 623 38.45 32.07 17.41
C GLN A 623 36.98 31.73 17.70
N LEU A 624 36.70 30.86 18.70
CA LEU A 624 35.33 30.47 19.07
C LEU A 624 34.61 31.66 19.70
N PHE A 625 35.25 32.31 20.69
CA PHE A 625 34.74 33.48 21.38
C PHE A 625 35.43 34.69 20.75
N GLU A 626 35.11 34.92 19.47
CA GLU A 626 35.65 36.00 18.64
C GLU A 626 34.79 37.24 18.78
N GLY A 627 35.37 38.29 19.37
CA GLY A 627 34.71 39.57 19.62
C GLY A 627 33.52 39.46 20.57
N GLN A 628 33.63 38.54 21.56
CA GLN A 628 32.59 38.27 22.55
C GLN A 628 32.75 39.17 23.77
N VAL A 629 31.65 39.83 24.19
CA VAL A 629 31.62 40.75 25.32
C VAL A 629 31.80 39.99 26.65
N ILE A 630 32.98 40.16 27.28
CA ILE A 630 33.29 39.53 28.57
C ILE A 630 32.48 40.28 29.63
N GLU A 631 31.40 39.65 30.10
CA GLU A 631 30.48 40.26 31.07
C GLU A 631 30.53 39.58 32.43
N LYS A 632 30.50 40.39 33.51
CA LYS A 632 30.54 39.92 34.90
C LYS A 632 29.42 40.52 35.74
N GLY A 633 28.81 39.70 36.58
CA GLY A 633 27.73 40.09 37.47
C GLY A 633 26.37 39.58 37.02
N LYS A 634 25.32 40.41 37.20
CA LYS A 634 23.94 40.09 36.79
C LYS A 634 23.80 40.11 35.27
N ILE A 635 23.11 39.10 34.72
CA ILE A 635 22.86 38.92 33.28
C ILE A 635 22.00 40.08 32.71
N ALA A 636 22.49 40.71 31.62
CA ALA A 636 21.83 41.83 30.92
C ALA A 636 20.71 41.30 30.03
N LYS A 637 19.74 42.16 29.66
CA LYS A 637 18.59 41.80 28.80
C LYS A 637 19.02 41.30 27.39
N GLY A 638 20.16 41.76 26.91
CA GLY A 638 20.73 41.37 25.62
C GLY A 638 21.50 40.07 25.65
N SER A 639 21.84 39.59 26.88
CA SER A 639 22.57 38.34 27.10
C SER A 639 21.63 37.14 27.33
N LEU A 640 20.36 37.41 27.71
CA LEU A 640 19.31 36.40 27.96
C LEU A 640 18.91 35.70 26.66
N ILE A 641 19.03 34.36 26.61
CA ILE A 641 18.79 33.47 25.47
C ILE A 641 17.49 33.77 24.71
N GLY A 642 16.36 33.84 25.41
CA GLY A 642 15.07 34.14 24.82
C GLY A 642 15.01 35.50 24.16
N SER A 643 15.53 36.51 24.86
CA SER A 643 15.58 37.90 24.39
C SER A 643 16.52 38.00 23.17
N GLN A 644 17.64 37.27 23.22
CA GLN A 644 18.65 37.19 22.16
C GLN A 644 18.11 36.39 20.96
N PHE A 645 17.14 35.48 21.20
CA PHE A 645 16.50 34.64 20.19
C PHE A 645 15.49 35.45 19.39
N LEU A 646 14.55 36.12 20.09
CA LEU A 646 13.49 36.91 19.47
C LEU A 646 14.04 38.03 18.59
N ASN A 647 15.07 38.74 19.07
CA ASN A 647 15.69 39.83 18.32
C ASN A 647 16.40 39.36 17.06
N GLN A 648 16.95 38.12 17.08
CA GLN A 648 17.62 37.47 15.95
C GLN A 648 16.57 37.06 14.91
N LEU A 649 15.43 36.53 15.41
CA LEU A 649 14.28 36.10 14.63
C LEU A 649 13.64 37.31 13.95
N THR A 650 13.38 38.39 14.74
CA THR A 650 12.78 39.65 14.29
C THR A 650 13.53 40.23 13.09
N SER A 651 14.87 40.32 13.18
N SER A 651 14.87 40.33 13.17
CA SER A 651 15.75 40.84 12.12
CA SER A 651 15.74 40.86 12.12
C SER A 651 15.68 40.00 10.84
C SER A 651 15.68 40.00 10.85
N LEU A 652 15.67 38.67 11.01
CA LEU A 652 15.60 37.70 9.91
C LEU A 652 14.31 37.84 9.11
N MET A 653 13.17 38.03 9.80
N MET A 653 13.16 38.04 9.80
CA MET A 653 11.84 38.16 9.17
CA MET A 653 11.84 38.18 9.20
C MET A 653 11.72 39.35 8.23
C MET A 653 11.72 39.35 8.23
N ASN A 654 12.30 40.51 8.61
CA ASN A 654 12.29 41.75 7.82
C ASN A 654 13.13 41.58 6.56
N LEU A 655 14.24 40.84 6.70
CA LEU A 655 15.16 40.48 5.63
C LEU A 655 14.40 39.67 4.58
N ILE A 656 13.45 38.84 5.04
CA ILE A 656 12.62 38.01 4.18
C ILE A 656 11.43 38.83 3.62
N ASN A 657 10.88 39.78 4.40
CA ASN A 657 9.76 40.65 3.99
C ASN A 657 10.13 41.54 2.80
N SER A 658 11.42 41.95 2.73
CA SER A 658 12.00 42.79 1.68
C SER A 658 12.15 42.07 0.32
N THR A 659 12.14 40.73 0.33
CA THR A 659 12.28 39.90 -0.87
C THR A 659 10.91 39.45 -1.40
N GLU A 660 10.90 38.56 -2.42
CA GLU A 660 9.69 37.99 -2.99
C GLU A 660 9.59 36.52 -2.54
N PRO A 661 8.86 36.22 -1.45
CA PRO A 661 8.82 34.85 -0.93
C PRO A 661 8.02 33.86 -1.76
N HIS A 662 8.35 32.57 -1.57
CA HIS A 662 7.79 31.39 -2.20
C HIS A 662 7.58 30.38 -1.08
N PHE A 663 6.39 29.79 -0.99
CA PHE A 663 6.07 28.89 0.12
C PHE A 663 5.89 27.45 -0.27
N ILE A 664 6.57 26.56 0.47
CA ILE A 664 6.49 25.11 0.32
C ILE A 664 5.85 24.63 1.60
N ARG A 665 4.70 23.96 1.48
CA ARG A 665 3.95 23.49 2.65
C ARG A 665 4.01 21.97 2.76
N CYS A 666 4.94 21.50 3.60
CA CYS A 666 5.21 20.08 3.84
C CYS A 666 4.23 19.46 4.82
N ILE A 667 3.66 18.30 4.45
CA ILE A 667 2.70 17.57 5.28
C ILE A 667 3.25 16.20 5.69
N LYS A 668 3.22 15.91 7.01
CA LYS A 668 3.62 14.63 7.59
C LYS A 668 2.32 13.77 7.66
N PRO A 669 2.14 12.75 6.78
CA PRO A 669 0.88 11.98 6.78
C PRO A 669 0.58 11.10 7.98
N ASN A 670 1.63 10.61 8.71
CA ASN A 670 1.49 9.73 9.88
C ASN A 670 2.68 9.84 10.85
N GLU A 671 2.46 9.46 12.12
CA GLU A 671 3.51 9.48 13.15
C GLU A 671 4.34 8.20 13.16
N ASN A 672 3.75 7.10 12.66
CA ASN A 672 4.36 5.76 12.57
C ASN A 672 5.58 5.72 11.63
N LYS A 673 5.78 6.82 10.86
CA LYS A 673 6.86 7.03 9.88
C LYS A 673 6.81 5.93 8.81
N LYS A 674 5.61 5.76 8.19
CA LYS A 674 5.34 4.73 7.17
C LYS A 674 4.90 5.31 5.82
N PRO A 675 5.39 4.74 4.69
CA PRO A 675 4.93 5.21 3.37
C PRO A 675 3.54 4.70 3.06
N LEU A 676 2.84 5.41 2.16
CA LEU A 676 1.47 5.14 1.68
C LEU A 676 0.51 4.78 2.83
N GLU A 677 0.51 5.65 3.87
CA GLU A 677 -0.33 5.57 5.07
C GLU A 677 -0.93 6.97 5.32
N TRP A 678 -2.25 7.09 5.10
CA TRP A 678 -3.02 8.32 5.19
C TRP A 678 -3.72 8.41 6.52
N CYS A 679 -3.47 9.50 7.26
CA CYS A 679 -4.10 9.75 8.56
C CYS A 679 -4.80 11.11 8.50
N GLU A 680 -6.10 11.11 8.09
CA GLU A 680 -6.97 12.29 7.93
C GLU A 680 -6.86 13.31 9.06
N PRO A 681 -6.88 12.94 10.38
CA PRO A 681 -6.75 13.97 11.42
C PRO A 681 -5.49 14.83 11.29
N LYS A 682 -4.30 14.19 11.41
CA LYS A 682 -2.96 14.80 11.35
C LYS A 682 -2.77 15.69 10.11
N ILE A 683 -3.29 15.23 8.96
CA ILE A 683 -3.22 15.95 7.69
C ILE A 683 -4.11 17.19 7.72
N LEU A 684 -5.35 17.06 8.22
CA LEU A 684 -6.31 18.16 8.30
C LEU A 684 -5.80 19.33 9.12
N ILE A 685 -5.19 19.04 10.27
CA ILE A 685 -4.61 20.05 11.17
C ILE A 685 -3.54 20.83 10.41
N GLN A 686 -2.72 20.11 9.61
CA GLN A 686 -1.68 20.67 8.77
C GLN A 686 -2.27 21.41 7.56
N LEU A 687 -3.50 21.06 7.14
CA LEU A 687 -4.17 21.76 6.04
C LEU A 687 -4.61 23.14 6.50
N HIS A 688 -4.85 23.26 7.81
CA HIS A 688 -5.23 24.50 8.45
C HIS A 688 -4.00 25.31 8.82
N ALA A 689 -3.06 24.70 9.59
CA ALA A 689 -1.82 25.30 10.08
C ALA A 689 -0.87 25.82 8.98
N LEU A 690 -1.07 25.40 7.72
CA LEU A 690 -0.27 25.87 6.57
C LEU A 690 -1.13 26.73 5.66
N SER A 691 -2.41 26.91 6.06
CA SER A 691 -3.45 27.70 5.39
C SER A 691 -3.65 27.28 3.95
N ILE A 692 -3.70 25.97 3.71
CA ILE A 692 -3.88 25.43 2.37
C ILE A 692 -5.32 25.64 1.92
N LEU A 693 -6.29 25.33 2.78
CA LEU A 693 -7.71 25.51 2.49
C LEU A 693 -8.05 26.99 2.38
N GLU A 694 -7.34 27.84 3.15
CA GLU A 694 -7.55 29.28 3.14
C GLU A 694 -6.98 29.94 1.90
N ALA A 695 -5.91 29.34 1.31
CA ALA A 695 -5.26 29.83 0.10
C ALA A 695 -6.16 29.74 -1.15
N LEU A 696 -7.32 29.06 -1.01
CA LEU A 696 -8.30 28.89 -2.07
C LEU A 696 -9.00 30.20 -2.44
N VAL A 697 -9.19 31.14 -1.48
CA VAL A 697 -9.85 32.44 -1.74
C VAL A 697 -9.04 33.37 -2.66
N LEU A 698 -7.77 33.00 -2.95
CA LEU A 698 -6.89 33.77 -3.81
C LEU A 698 -7.24 33.57 -5.30
N ARG A 699 -8.28 32.76 -5.58
CA ARG A 699 -8.79 32.53 -6.92
C ARG A 699 -9.64 33.74 -7.30
N GLN A 700 -10.30 34.37 -6.28
CA GLN A 700 -11.14 35.57 -6.40
C GLN A 700 -10.43 36.72 -7.10
N LEU A 701 -9.10 36.85 -6.87
CA LEU A 701 -8.25 37.90 -7.44
C LEU A 701 -8.26 37.89 -8.97
N GLY A 702 -8.17 36.69 -9.56
CA GLY A 702 -8.20 36.46 -11.00
C GLY A 702 -6.97 36.80 -11.82
N TYR A 703 -5.96 37.45 -11.21
CA TYR A 703 -4.72 37.84 -11.90
C TYR A 703 -3.47 37.14 -11.35
N SER A 704 -2.72 36.44 -12.23
CA SER A 704 -1.50 35.70 -11.88
C SER A 704 -0.28 36.62 -11.80
N TYR A 705 -0.08 37.47 -12.83
CA TYR A 705 1.02 38.42 -12.87
C TYR A 705 0.54 39.77 -12.37
N ARG A 706 1.36 40.41 -11.53
CA ARG A 706 1.11 41.72 -10.97
C ARG A 706 2.46 42.34 -10.54
N ARG A 707 2.83 43.45 -11.19
CA ARG A 707 4.08 44.18 -10.97
C ARG A 707 3.98 45.59 -11.54
N THR A 708 4.87 46.52 -11.08
CA THR A 708 4.89 47.90 -11.59
C THR A 708 5.33 47.92 -13.05
N PHE A 709 5.22 49.10 -13.67
CA PHE A 709 5.55 49.32 -15.07
C PHE A 709 7.03 49.07 -15.33
N GLU A 710 7.88 49.49 -14.38
CA GLU A 710 9.35 49.34 -14.42
C GLU A 710 9.83 47.86 -14.39
N GLU A 711 9.40 47.08 -13.36
CA GLU A 711 9.71 45.65 -13.17
C GLU A 711 9.19 44.84 -14.39
N PHE A 712 8.00 45.23 -14.93
CA PHE A 712 7.39 44.62 -16.09
C PHE A 712 8.21 44.92 -17.33
N LEU A 713 8.42 46.23 -17.61
CA LEU A 713 9.16 46.69 -18.79
C LEU A 713 10.62 46.21 -18.81
N TYR A 714 11.24 45.91 -17.66
CA TYR A 714 12.60 45.35 -17.70
C TYR A 714 12.54 43.86 -18.09
N GLN A 715 11.55 43.12 -17.56
CA GLN A 715 11.35 41.70 -17.84
C GLN A 715 10.93 41.43 -19.29
N TYR A 716 10.09 42.29 -19.87
CA TYR A 716 9.51 42.10 -21.20
C TYR A 716 9.94 43.11 -22.26
N LYS A 717 11.12 43.72 -22.10
CA LYS A 717 11.64 44.70 -23.06
C LYS A 717 12.04 44.08 -24.39
N PHE A 718 12.51 42.83 -24.36
CA PHE A 718 13.03 42.08 -25.51
C PHE A 718 11.98 41.73 -26.55
N VAL A 719 10.70 41.74 -26.14
CA VAL A 719 9.52 41.47 -26.98
C VAL A 719 9.50 42.47 -28.15
N ASP A 720 9.89 43.75 -27.87
CA ASP A 720 10.06 44.87 -28.81
C ASP A 720 10.75 46.08 -28.13
N ILE A 721 12.12 46.07 -28.11
CA ILE A 721 12.98 47.13 -27.55
C ILE A 721 12.55 48.48 -28.12
N ALA A 722 12.01 48.45 -29.34
CA ALA A 722 11.50 49.59 -30.10
C ALA A 722 10.56 50.48 -29.26
N ALA A 723 9.31 50.03 -29.01
CA ALA A 723 8.35 50.80 -28.21
C ALA A 723 8.66 50.69 -26.70
N ALA A 724 9.64 49.84 -26.34
CA ALA A 724 10.06 49.65 -24.95
C ALA A 724 10.89 50.83 -24.43
N GLU A 725 11.77 51.39 -25.27
CA GLU A 725 12.63 52.52 -24.88
C GLU A 725 12.23 53.85 -25.57
N ASP A 726 10.92 54.00 -25.87
CA ASP A 726 10.31 55.17 -26.51
C ASP A 726 10.39 56.38 -25.56
N SER A 727 10.88 57.52 -26.05
CA SER A 727 10.96 58.72 -25.22
C SER A 727 9.61 59.44 -25.09
N SER A 728 8.84 59.54 -26.20
CA SER A 728 7.54 60.19 -26.24
C SER A 728 6.47 59.49 -25.40
N VAL A 729 6.34 58.15 -25.53
CA VAL A 729 5.35 57.29 -24.85
C VAL A 729 5.67 57.10 -23.36
N GLU A 730 4.65 57.24 -22.49
CA GLU A 730 4.79 57.04 -21.05
C GLU A 730 4.77 55.56 -20.69
N ASN A 731 5.44 55.22 -19.56
CA ASN A 731 5.62 53.86 -19.03
C ASN A 731 4.32 53.09 -18.87
N GLN A 732 3.22 53.77 -18.45
CA GLN A 732 1.91 53.13 -18.30
C GLN A 732 1.42 52.64 -19.68
N ASN A 733 1.66 53.44 -20.73
CA ASN A 733 1.26 53.18 -22.11
C ASN A 733 2.25 52.31 -22.91
N LYS A 734 3.52 52.22 -22.45
CA LYS A 734 4.54 51.37 -23.06
C LYS A 734 4.11 49.91 -22.83
N CYS A 735 3.64 49.63 -21.59
CA CYS A 735 3.14 48.33 -21.12
C CYS A 735 2.02 47.82 -22.01
N VAL A 736 1.01 48.69 -22.24
CA VAL A 736 -0.16 48.46 -23.09
C VAL A 736 0.30 47.99 -24.47
N ASN A 737 1.24 48.76 -25.08
CA ASN A 737 1.79 48.48 -26.39
C ASN A 737 2.44 47.11 -26.49
N ILE A 738 3.38 46.78 -25.58
CA ILE A 738 4.10 45.50 -25.58
C ILE A 738 3.18 44.32 -25.22
N LEU A 739 2.12 44.57 -24.43
CA LEU A 739 1.16 43.54 -24.09
C LEU A 739 0.31 43.21 -25.29
N LYS A 740 -0.18 44.26 -26.01
CA LYS A 740 -0.99 44.12 -27.21
C LYS A 740 -0.16 43.66 -28.39
N LEU A 741 1.17 43.87 -28.32
CA LEU A 741 2.17 43.46 -29.32
C LEU A 741 2.24 41.94 -29.33
N SER A 742 2.11 41.34 -28.13
CA SER A 742 2.14 39.90 -27.89
C SER A 742 0.80 39.18 -28.17
N GLY A 743 -0.14 39.90 -28.80
CA GLY A 743 -1.45 39.39 -29.20
C GLY A 743 -2.59 39.49 -28.20
N LEU A 744 -2.27 39.72 -26.92
CA LEU A 744 -3.22 39.81 -25.80
C LEU A 744 -4.36 40.81 -26.04
N SER A 745 -5.54 40.51 -25.49
CA SER A 745 -6.71 41.37 -25.58
C SER A 745 -7.00 42.03 -24.24
N GLU A 746 -7.79 43.13 -24.25
CA GLU A 746 -8.19 43.92 -23.06
C GLU A 746 -8.77 43.10 -21.89
N SER A 747 -9.11 41.83 -22.15
CA SER A 747 -9.67 40.90 -21.18
C SER A 747 -8.60 40.20 -20.32
N MET A 748 -7.45 39.87 -20.93
CA MET A 748 -6.35 39.17 -20.29
C MET A 748 -5.53 40.04 -19.35
N TYR A 749 -5.80 41.34 -19.33
CA TYR A 749 -5.09 42.28 -18.47
C TYR A 749 -5.97 43.43 -18.00
N LYS A 750 -5.54 44.11 -16.93
CA LYS A 750 -6.21 45.28 -16.37
C LYS A 750 -5.10 46.13 -15.78
N ILE A 751 -4.75 47.21 -16.48
CA ILE A 751 -3.66 48.10 -16.04
C ILE A 751 -4.13 49.01 -14.89
N GLY A 752 -3.58 48.74 -13.71
CA GLY A 752 -3.92 49.44 -12.48
C GLY A 752 -3.33 50.81 -12.31
N LYS A 753 -3.50 51.38 -11.10
CA LYS A 753 -3.04 52.70 -10.65
C LYS A 753 -1.53 52.90 -10.90
N SER A 754 -0.70 51.96 -10.39
CA SER A 754 0.77 51.97 -10.49
C SER A 754 1.32 50.65 -11.02
N MET A 755 0.45 49.68 -11.33
CA MET A 755 0.87 48.36 -11.75
C MET A 755 0.15 47.78 -12.97
N VAL A 756 0.69 46.67 -13.48
CA VAL A 756 0.19 45.92 -14.63
C VAL A 756 -0.23 44.55 -14.14
N PHE A 757 -1.49 44.21 -14.34
CA PHE A 757 -2.05 42.93 -13.93
C PHE A 757 -2.36 42.08 -15.14
N LEU A 758 -2.06 40.77 -15.06
CA LEU A 758 -2.31 39.81 -16.14
C LEU A 758 -3.04 38.59 -15.62
N LYS A 759 -3.94 38.06 -16.45
CA LYS A 759 -4.68 36.83 -16.15
C LYS A 759 -3.72 35.67 -16.36
N GLN A 760 -3.96 34.53 -15.70
CA GLN A 760 -3.17 33.29 -15.82
C GLN A 760 -2.98 32.91 -17.31
N GLU A 761 -4.07 33.07 -18.09
CA GLU A 761 -4.20 32.84 -19.52
C GLU A 761 -3.31 33.84 -20.25
N GLY A 762 -3.40 35.11 -19.85
CA GLY A 762 -2.66 36.22 -20.41
C GLY A 762 -1.16 36.13 -20.25
N ALA A 763 -0.71 35.83 -19.02
CA ALA A 763 0.71 35.68 -18.66
C ALA A 763 1.38 34.53 -19.42
N LYS A 764 0.61 33.45 -19.74
CA LYS A 764 1.10 32.30 -20.51
C LYS A 764 1.53 32.75 -21.91
N ILE A 765 0.68 33.56 -22.59
CA ILE A 765 0.94 34.10 -23.94
C ILE A 765 2.22 34.94 -23.94
N LEU A 766 2.29 35.92 -23.04
CA LEU A 766 3.41 36.85 -22.92
C LEU A 766 4.74 36.15 -22.66
N THR A 767 4.79 35.16 -21.73
CA THR A 767 6.04 34.46 -21.41
C THR A 767 6.48 33.52 -22.55
N LYS A 768 5.54 33.03 -23.40
CA LYS A 768 5.83 32.17 -24.56
C LYS A 768 6.57 32.96 -25.63
N ILE A 769 6.09 34.19 -25.90
CA ILE A 769 6.68 35.13 -26.87
C ILE A 769 8.04 35.63 -26.35
N GLN A 770 8.12 35.99 -25.04
N GLN A 770 8.12 35.99 -25.04
CA GLN A 770 9.34 36.47 -24.37
CA GLN A 770 9.33 36.46 -24.36
C GLN A 770 10.44 35.39 -24.36
C GLN A 770 10.43 35.39 -24.35
N ARG A 771 10.06 34.12 -24.13
CA ARG A 771 10.98 32.96 -24.09
C ARG A 771 11.55 32.57 -25.48
N GLU A 772 10.99 33.10 -26.58
CA GLU A 772 11.44 32.89 -27.97
C GLU A 772 12.44 34.00 -28.29
N LYS A 773 12.14 35.21 -27.78
CA LYS A 773 12.92 36.42 -27.92
C LYS A 773 14.12 36.44 -27.02
N LEU A 774 14.04 35.87 -25.80
CA LEU A 774 15.17 35.79 -24.88
C LEU A 774 16.24 34.95 -25.57
N VAL A 775 15.82 33.84 -26.20
CA VAL A 775 16.68 32.94 -26.94
C VAL A 775 17.33 33.68 -28.13
N GLU A 776 16.56 34.51 -28.87
CA GLU A 776 17.05 35.33 -30.00
C GLU A 776 18.26 36.20 -29.64
N TRP A 777 18.16 36.91 -28.52
CA TRP A 777 19.17 37.81 -27.98
C TRP A 777 20.23 37.09 -27.16
N GLU A 778 19.91 35.91 -26.62
CA GLU A 778 20.83 35.10 -25.82
C GLU A 778 21.97 34.59 -26.67
N ASN A 779 21.66 34.28 -27.94
CA ASN A 779 22.65 33.79 -28.89
C ASN A 779 23.27 34.97 -29.61
N CYS A 780 22.45 36.00 -29.90
CA CYS A 780 22.86 37.24 -30.53
C CYS A 780 24.02 37.89 -29.76
N VAL A 781 23.90 37.94 -28.41
CA VAL A 781 24.94 38.46 -27.51
C VAL A 781 26.14 37.55 -27.53
N SER A 782 25.92 36.24 -27.30
CA SER A 782 26.96 35.21 -27.29
C SER A 782 27.78 35.17 -28.57
N VAL A 783 27.19 35.62 -29.71
CA VAL A 783 27.83 35.72 -31.02
C VAL A 783 28.77 36.93 -31.06
N ILE A 784 28.30 38.08 -30.52
CA ILE A 784 29.06 39.33 -30.40
C ILE A 784 30.20 39.16 -29.39
N GLU A 785 29.90 38.47 -28.28
CA GLU A 785 30.77 38.12 -27.15
C GLU A 785 32.10 37.52 -27.65
N ALA A 786 32.01 36.47 -28.49
CA ALA A 786 33.17 35.78 -29.01
C ALA A 786 33.83 36.47 -30.17
N ALA A 787 33.07 37.18 -31.03
CA ALA A 787 33.63 37.92 -32.18
C ALA A 787 34.58 39.06 -31.74
N ILE A 788 34.47 39.44 -30.45
CA ILE A 788 35.29 40.44 -29.76
C ILE A 788 36.35 39.68 -28.96
N LEU A 789 35.98 38.56 -28.30
CA LEU A 789 36.93 37.70 -27.57
C LEU A 789 38.02 37.18 -28.51
N LYS A 790 37.66 36.96 -29.80
CA LYS A 790 38.51 36.55 -30.91
C LYS A 790 39.47 37.69 -31.20
N HIS A 791 38.91 38.90 -31.41
CA HIS A 791 39.66 40.12 -31.67
C HIS A 791 40.65 40.43 -30.53
N LYS A 792 40.35 39.97 -29.30
CA LYS A 792 41.19 40.12 -28.10
C LYS A 792 42.49 39.34 -28.28
N TYR A 793 42.37 38.02 -28.57
CA TYR A 793 43.51 37.13 -28.81
C TYR A 793 44.31 37.61 -30.02
N LYS A 794 43.59 38.10 -31.06
CA LYS A 794 44.13 38.63 -32.32
C LYS A 794 45.07 39.81 -32.08
N GLN A 795 44.57 40.87 -31.39
CA GLN A 795 45.33 42.07 -31.06
C GLN A 795 46.53 41.80 -30.16
N LYS A 796 46.40 40.85 -29.23
CA LYS A 796 47.48 40.45 -28.33
C LYS A 796 48.54 39.56 -29.03
N VAL A 797 48.20 39.05 -30.24
CA VAL A 797 49.07 38.24 -31.08
C VAL A 797 49.85 39.14 -32.08
N ASN A 798 49.17 40.15 -32.66
CA ASN A 798 49.74 41.11 -33.63
C ASN A 798 50.97 41.85 -33.09
N LYS A 799 51.04 42.03 -31.77
CA LYS A 799 52.17 42.69 -31.10
C LYS A 799 53.44 41.82 -31.13
N ASN A 800 53.28 40.48 -31.02
CA ASN A 800 54.39 39.55 -31.00
C ASN A 800 54.86 39.19 -32.41
N ILE A 801 53.99 39.39 -33.45
CA ILE A 801 54.21 39.10 -34.88
C ILE A 801 55.59 39.64 -35.41
N PRO A 802 56.04 40.90 -35.17
CA PRO A 802 57.36 41.31 -35.69
C PRO A 802 58.54 40.60 -35.03
N SER A 803 58.37 40.16 -33.77
CA SER A 803 59.38 39.41 -33.01
C SER A 803 59.50 38.00 -33.60
N LEU A 804 58.39 37.47 -34.13
CA LEU A 804 58.27 36.16 -34.76
C LEU A 804 58.86 36.16 -36.17
N LEU A 805 58.65 37.26 -36.93
CA LEU A 805 59.16 37.45 -38.29
C LEU A 805 60.68 37.27 -38.34
N ARG A 806 61.35 37.63 -37.23
CA ARG A 806 62.79 37.52 -37.03
C ARG A 806 63.21 36.07 -36.83
N VAL A 807 62.37 35.24 -36.17
CA VAL A 807 62.61 33.81 -35.96
C VAL A 807 62.55 33.16 -37.34
N GLN A 808 61.51 33.51 -38.11
CA GLN A 808 61.22 33.03 -39.46
C GLN A 808 62.24 33.48 -40.50
N ALA A 809 62.93 34.60 -40.27
CA ALA A 809 63.98 35.07 -41.19
C ALA A 809 65.32 34.40 -40.87
N HIS A 810 65.55 34.06 -39.58
CA HIS A 810 66.76 33.39 -39.09
C HIS A 810 66.73 31.88 -39.37
N ILE A 811 65.51 31.32 -39.59
CA ILE A 811 65.33 29.91 -39.93
C ILE A 811 65.72 29.74 -41.41
N ARG A 812 65.24 30.65 -42.29
CA ARG A 812 65.56 30.68 -43.74
C ARG A 812 67.08 30.80 -43.91
N LYS A 813 67.72 31.62 -43.04
CA LYS A 813 69.16 31.87 -42.94
C LYS A 813 69.90 30.55 -42.63
N LYS A 814 69.35 29.75 -41.70
CA LYS A 814 69.88 28.44 -41.28
C LYS A 814 69.73 27.39 -42.37
N MET A 815 68.64 27.47 -43.17
CA MET A 815 68.34 26.54 -44.26
C MET A 815 69.29 26.75 -45.45
N VAL A 816 69.85 27.97 -45.57
CA VAL A 816 70.82 28.34 -46.60
C VAL A 816 72.18 27.69 -46.27
N ALA A 817 72.54 27.67 -44.97
CA ALA A 817 73.79 27.07 -44.48
C ALA A 817 73.82 25.53 -44.61
N GLN A 818 72.64 24.87 -44.54
CA GLN A 818 72.51 23.40 -44.65
C GLN A 818 71.64 22.98 -45.85
N ALA B 2 7.34 -10.69 -8.51
CA ALA B 2 8.08 -11.19 -9.67
C ALA B 2 7.25 -12.19 -10.46
N VAL B 3 7.20 -12.01 -11.79
CA VAL B 3 6.49 -12.89 -12.71
C VAL B 3 7.39 -13.29 -13.88
N THR B 4 7.42 -14.61 -14.17
CA THR B 4 8.23 -15.26 -15.21
C THR B 4 7.91 -14.78 -16.63
N ASN B 5 8.90 -14.86 -17.53
CA ASN B 5 8.77 -14.42 -18.92
C ASN B 5 7.73 -15.20 -19.72
N GLU B 6 7.56 -16.50 -19.44
CA GLU B 6 6.54 -17.31 -20.11
C GLU B 6 5.14 -16.86 -19.71
N GLU B 7 5.00 -16.32 -18.46
CA GLU B 7 3.74 -15.77 -17.98
C GLU B 7 3.48 -14.47 -18.74
N ILE B 8 4.54 -13.67 -18.96
CA ILE B 8 4.51 -12.40 -19.70
C ILE B 8 4.13 -12.68 -21.17
N LYS B 9 4.68 -13.78 -21.73
CA LYS B 9 4.44 -14.26 -23.09
C LYS B 9 2.94 -14.45 -23.33
N THR B 10 2.26 -15.16 -22.41
CA THR B 10 0.82 -15.43 -22.47
C THR B 10 0.05 -14.13 -22.28
N ALA B 11 0.41 -13.35 -21.24
CA ALA B 11 -0.20 -12.07 -20.89
C ALA B 11 -0.20 -11.07 -22.04
N SER B 12 0.88 -11.03 -22.81
CA SER B 12 1.02 -10.12 -23.94
C SER B 12 0.12 -10.52 -25.11
N LYS B 13 0.14 -11.81 -25.48
CA LYS B 13 -0.63 -12.38 -26.58
C LYS B 13 -2.15 -12.24 -26.44
N ILE B 14 -2.68 -12.36 -25.22
CA ILE B 14 -4.12 -12.35 -24.96
C ILE B 14 -4.79 -10.97 -25.14
N VAL B 15 -4.01 -9.87 -25.12
CA VAL B 15 -4.56 -8.52 -25.31
C VAL B 15 -4.91 -8.34 -26.77
N ARG B 16 -6.04 -7.66 -27.05
CA ARG B 16 -6.47 -7.40 -28.42
C ARG B 16 -7.34 -6.13 -28.51
N ARG B 17 -7.18 -5.35 -29.59
CA ARG B 17 -7.93 -4.11 -29.83
C ARG B 17 -9.35 -4.46 -30.23
N VAL B 18 -10.35 -3.92 -29.53
CA VAL B 18 -11.75 -4.27 -29.82
C VAL B 18 -12.55 -3.09 -30.37
N SEP B 19 -12.80 -2.07 -29.55
CA SEP B 19 -13.62 -0.90 -29.89
CB SEP B 19 -14.67 -0.66 -28.77
OG SEP B 19 -14.36 -1.28 -27.47
C SEP B 19 -12.84 0.40 -30.15
O SEP B 19 -12.08 0.84 -29.29
P SEP B 19 -14.03 -0.28 -26.30
O1P SEP B 19 -12.51 0.06 -26.43
O2P SEP B 19 -14.25 -0.98 -24.94
O3P SEP B 19 -14.96 0.98 -26.27
N ASN B 20 -13.06 1.03 -31.32
CA ASN B 20 -12.40 2.26 -31.79
C ASN B 20 -12.59 3.45 -30.84
N VAL B 21 -11.53 4.26 -30.70
CA VAL B 21 -11.49 5.44 -29.84
C VAL B 21 -12.13 6.66 -30.49
N GLU B 22 -13.09 7.27 -29.78
CA GLU B 22 -13.76 8.48 -30.24
C GLU B 22 -13.44 9.63 -29.28
N ALA B 23 -12.17 10.04 -29.31
CA ALA B 23 -11.62 11.12 -28.50
C ALA B 23 -11.54 12.39 -29.34
N PHE B 24 -12.51 12.58 -30.25
CA PHE B 24 -12.50 13.74 -31.14
C PHE B 24 -13.83 14.46 -31.22
N ASP B 25 -13.81 15.79 -31.06
CA ASP B 25 -14.98 16.66 -31.10
C ASP B 25 -15.59 16.71 -32.50
N LYS B 26 -16.86 17.15 -32.59
CA LYS B 26 -17.61 17.25 -33.83
C LYS B 26 -16.97 18.15 -34.90
N SER B 27 -16.29 19.23 -34.48
CA SER B 27 -15.64 20.17 -35.41
C SER B 27 -14.38 19.59 -36.07
N GLY B 28 -13.35 19.29 -35.27
CA GLY B 28 -12.09 18.75 -35.77
C GLY B 28 -10.89 19.06 -34.91
N SER B 29 -11.07 19.00 -33.59
CA SER B 29 -10.05 19.26 -32.57
C SER B 29 -10.25 18.32 -31.39
N VAL B 30 -9.20 18.08 -30.59
CA VAL B 30 -9.27 17.20 -29.42
C VAL B 30 -10.15 17.78 -28.32
N PHE B 31 -10.78 16.91 -27.52
CA PHE B 31 -11.63 17.32 -26.40
C PHE B 31 -10.77 17.92 -25.27
N LYS B 32 -11.41 18.27 -24.15
CA LYS B 32 -10.74 18.83 -22.98
C LYS B 32 -10.01 17.71 -22.23
N GLY B 33 -8.99 17.16 -22.88
CA GLY B 33 -8.17 16.08 -22.35
C GLY B 33 -8.88 14.75 -22.21
N TYR B 34 -9.01 14.01 -23.33
CA TYR B 34 -9.61 12.69 -23.29
C TYR B 34 -8.56 11.70 -22.82
N GLN B 35 -8.88 10.92 -21.78
CA GLN B 35 -7.98 9.93 -21.22
C GLN B 35 -8.21 8.56 -21.85
N ILE B 36 -7.11 7.87 -22.22
CA ILE B 36 -7.12 6.54 -22.83
C ILE B 36 -6.03 5.64 -22.27
N TRP B 37 -6.32 4.34 -22.16
CA TRP B 37 -5.34 3.35 -21.68
C TRP B 37 -4.41 3.00 -22.83
N THR B 38 -3.12 2.76 -22.52
CA THR B 38 -2.13 2.39 -23.51
C THR B 38 -1.05 1.49 -22.94
N ASP B 39 -0.55 0.57 -23.77
N ASP B 39 -0.55 0.57 -23.77
CA ASP B 39 0.50 -0.38 -23.40
CA ASP B 39 0.51 -0.38 -23.41
C ASP B 39 1.91 0.20 -23.62
C ASP B 39 1.91 0.20 -23.62
N ILE B 40 1.99 1.37 -24.29
CA ILE B 40 3.26 2.04 -24.59
C ILE B 40 3.58 3.17 -23.60
N SER B 41 4.67 2.99 -22.86
CA SER B 41 5.24 3.90 -21.86
C SER B 41 6.40 3.18 -21.19
N PRO B 42 7.51 3.88 -20.87
CA PRO B 42 8.63 3.21 -20.20
C PRO B 42 8.31 2.60 -18.84
N THR B 43 7.29 3.13 -18.11
CA THR B 43 6.90 2.59 -16.80
C THR B 43 6.41 1.13 -16.93
N ILE B 44 5.77 0.79 -18.07
CA ILE B 44 5.29 -0.56 -18.39
C ILE B 44 6.48 -1.47 -18.75
N GLU B 45 7.49 -0.90 -19.44
CA GLU B 45 8.69 -1.61 -19.87
C GLU B 45 9.60 -1.92 -18.67
N ASN B 46 9.75 -0.93 -17.76
CA ASN B 46 10.61 -1.01 -16.57
C ASN B 46 10.00 -1.82 -15.41
N ASP B 47 8.70 -2.15 -15.48
CA ASP B 47 8.03 -2.92 -14.43
C ASP B 47 7.10 -4.00 -14.99
N PRO B 48 7.13 -5.24 -14.44
CA PRO B 48 6.24 -6.29 -14.97
C PRO B 48 4.79 -6.09 -14.59
N ASN B 49 4.52 -5.76 -13.30
CA ASN B 49 3.18 -5.55 -12.73
C ASN B 49 2.32 -4.55 -13.49
N ILE B 50 2.95 -3.66 -14.28
CA ILE B 50 2.23 -2.68 -15.07
C ILE B 50 2.26 -3.07 -16.53
N MET B 51 1.08 -3.11 -17.13
CA MET B 51 0.85 -3.45 -18.53
C MET B 51 0.23 -2.28 -19.25
N PHE B 52 -0.52 -1.43 -18.52
CA PHE B 52 -1.19 -0.28 -19.09
C PHE B 52 -1.06 0.94 -18.20
N VAL B 53 -0.90 2.12 -18.79
CA VAL B 53 -0.89 3.36 -18.01
C VAL B 53 -2.01 4.28 -18.53
N LYS B 54 -2.57 5.14 -17.65
CA LYS B 54 -3.63 6.08 -17.99
C LYS B 54 -2.93 7.31 -18.57
N CYS B 55 -3.20 7.58 -19.84
CA CYS B 55 -2.58 8.69 -20.54
C CYS B 55 -3.64 9.60 -21.03
N VAL B 56 -3.34 10.90 -21.06
CA VAL B 56 -4.28 11.87 -21.55
C VAL B 56 -3.77 12.45 -22.87
N VAL B 57 -4.67 12.52 -23.88
CA VAL B 57 -4.38 13.06 -25.22
C VAL B 57 -4.12 14.56 -25.05
N GLN B 58 -3.04 15.07 -25.65
CA GLN B 58 -2.71 16.48 -25.53
C GLN B 58 -3.62 17.37 -26.38
N GLN B 59 -3.94 18.56 -25.81
CA GLN B 59 -4.79 19.61 -26.39
C GLN B 59 -4.25 20.14 -27.72
N GLY B 60 -3.13 19.55 -28.17
CA GLY B 60 -2.48 19.85 -29.43
C GLY B 60 -3.28 19.32 -30.59
N SER B 61 -2.88 18.16 -31.16
CA SER B 61 -3.56 17.58 -32.31
C SER B 61 -3.34 16.07 -32.50
N LYS B 62 -2.91 15.71 -33.74
CA LYS B 62 -2.63 14.40 -34.34
C LYS B 62 -3.81 13.45 -34.16
N LYS B 63 -4.55 13.27 -35.25
CA LYS B 63 -5.75 12.43 -35.33
C LYS B 63 -5.43 11.06 -35.88
N GLU B 64 -4.35 10.99 -36.65
CA GLU B 64 -3.80 9.83 -37.34
C GLU B 64 -2.76 9.07 -36.53
N LYS B 65 -2.02 9.78 -35.65
CA LYS B 65 -0.98 9.23 -34.77
C LYS B 65 -0.95 10.08 -33.51
N LEU B 66 -2.01 9.96 -32.70
CA LEU B 66 -2.37 10.68 -31.47
C LEU B 66 -1.23 11.02 -30.48
N THR B 67 -1.30 12.24 -29.89
CA THR B 67 -0.35 12.82 -28.92
C THR B 67 -0.88 12.61 -27.48
N VAL B 68 -0.06 12.04 -26.56
CA VAL B 68 -0.46 11.75 -25.18
C VAL B 68 0.59 12.13 -24.13
N VAL B 69 0.15 12.20 -22.86
CA VAL B 69 0.99 12.45 -21.68
C VAL B 69 0.51 11.49 -20.59
N GLN B 70 1.44 10.84 -19.88
CA GLN B 70 1.14 9.87 -18.82
C GLN B 70 0.61 10.52 -17.54
N ILE B 71 -0.56 10.08 -17.06
CA ILE B 71 -1.12 10.65 -15.85
C ILE B 71 -1.14 9.62 -14.70
N ASP B 72 -1.63 8.39 -14.92
CA ASP B 72 -1.67 7.36 -13.87
C ASP B 72 -0.90 6.10 -14.29
N PRO B 73 0.26 5.77 -13.69
CA PRO B 73 0.95 6.47 -12.61
C PRO B 73 1.60 7.76 -13.09
N PRO B 74 1.97 8.69 -12.17
CA PRO B 74 2.59 9.96 -12.60
C PRO B 74 3.89 9.73 -13.36
N GLY B 75 4.05 10.49 -14.44
CA GLY B 75 5.22 10.41 -15.28
C GLY B 75 6.03 11.68 -15.32
N THR B 76 6.95 11.76 -16.29
CA THR B 76 7.84 12.89 -16.53
C THR B 76 7.06 14.11 -17.03
N GLY B 77 5.83 13.88 -17.47
CA GLY B 77 4.95 14.91 -18.01
C GLY B 77 5.36 15.28 -19.42
N THR B 78 6.07 14.35 -20.09
CA THR B 78 6.60 14.49 -21.45
C THR B 78 5.54 14.08 -22.50
N PRO B 79 5.19 14.98 -23.45
CA PRO B 79 4.20 14.62 -24.47
C PRO B 79 4.79 13.77 -25.57
N TYR B 80 4.37 12.51 -25.60
CA TYR B 80 4.81 11.53 -26.57
C TYR B 80 3.68 11.10 -27.51
N ASP B 81 4.02 10.73 -28.74
CA ASP B 81 3.05 10.33 -29.76
C ASP B 81 3.01 8.82 -29.93
N ILE B 82 1.79 8.27 -30.05
CA ILE B 82 1.54 6.83 -30.24
C ILE B 82 0.40 6.56 -31.24
N ASP B 83 0.42 5.36 -31.85
CA ASP B 83 -0.54 4.87 -32.83
C ASP B 83 -1.91 4.57 -32.21
N PRO B 84 -3.04 4.93 -32.88
CA PRO B 84 -4.37 4.67 -32.31
C PRO B 84 -4.75 3.20 -32.07
N THR B 85 -3.97 2.25 -32.63
CA THR B 85 -4.18 0.81 -32.46
C THR B 85 -3.88 0.40 -31.03
N HIS B 86 -3.14 1.25 -30.31
CA HIS B 86 -2.77 1.08 -28.92
C HIS B 86 -3.52 2.05 -28.01
N ALA B 87 -4.70 2.51 -28.45
CA ALA B 87 -5.57 3.42 -27.70
C ALA B 87 -6.89 2.73 -27.41
N TRP B 88 -7.21 2.53 -26.12
CA TRP B 88 -8.47 1.93 -25.66
C TRP B 88 -9.30 2.94 -24.91
N ASN B 89 -10.62 2.95 -25.20
CA ASN B 89 -11.61 3.83 -24.60
C ASN B 89 -11.63 3.68 -23.10
N CYS B 90 -11.64 4.81 -22.37
CA CYS B 90 -11.67 4.79 -20.92
C CYS B 90 -12.81 5.62 -20.33
N ASN B 91 -13.44 5.07 -19.28
CA ASN B 91 -14.52 5.70 -18.51
C ASN B 91 -13.85 6.55 -17.42
N SER B 92 -14.22 7.83 -17.33
CA SER B 92 -13.60 8.71 -16.34
C SER B 92 -14.52 9.11 -15.20
N GLN B 93 -15.79 9.41 -15.52
CA GLN B 93 -16.84 9.80 -14.57
C GLN B 93 -17.31 8.66 -13.65
N VAL B 94 -17.08 7.42 -14.10
CA VAL B 94 -17.44 6.17 -13.45
C VAL B 94 -16.60 5.92 -12.19
N ASP B 95 -17.27 5.62 -11.05
CA ASP B 95 -16.63 5.28 -9.78
C ASP B 95 -16.57 3.74 -9.62
N PRO B 96 -15.39 3.16 -9.25
CA PRO B 96 -15.30 1.70 -9.14
C PRO B 96 -16.10 1.08 -8.01
N MET B 97 -16.47 1.87 -7.01
CA MET B 97 -17.24 1.39 -5.88
C MET B 97 -18.70 1.83 -5.96
N SER B 98 -19.10 2.37 -7.13
CA SER B 98 -20.47 2.83 -7.37
C SER B 98 -21.40 1.68 -7.70
N PHE B 99 -20.86 0.56 -8.23
CA PHE B 99 -21.65 -0.62 -8.63
C PHE B 99 -20.85 -1.94 -8.56
N GLY B 100 -21.58 -3.06 -8.40
CA GLY B 100 -21.00 -4.39 -8.26
C GLY B 100 -20.78 -5.21 -9.52
N ASP B 101 -21.66 -5.07 -10.52
CA ASP B 101 -21.56 -5.84 -11.78
C ASP B 101 -20.63 -5.18 -12.79
N ILE B 102 -19.59 -5.92 -13.24
CA ILE B 102 -18.60 -5.46 -14.21
C ILE B 102 -19.25 -4.99 -15.52
N GLY B 103 -20.33 -5.67 -15.94
CA GLY B 103 -21.07 -5.37 -17.15
C GLY B 103 -21.78 -4.03 -17.20
N LEU B 104 -21.67 -3.22 -16.12
CA LEU B 104 -22.30 -1.90 -16.03
C LEU B 104 -21.39 -0.76 -16.55
N LEU B 105 -20.12 -1.08 -16.93
CA LEU B 105 -19.18 -0.12 -17.50
C LEU B 105 -19.59 0.17 -18.93
N ASN B 106 -19.27 1.38 -19.43
CA ASN B 106 -19.60 1.80 -20.80
C ASN B 106 -18.67 1.08 -21.78
N HIS B 107 -17.37 1.08 -21.48
CA HIS B 107 -16.31 0.43 -22.25
C HIS B 107 -15.79 -0.72 -21.40
N THR B 108 -15.97 -1.95 -21.89
CA THR B 108 -15.61 -3.19 -21.20
C THR B 108 -14.31 -3.83 -21.74
N ASN B 109 -13.37 -2.99 -22.25
CA ASN B 109 -12.09 -3.48 -22.78
C ASN B 109 -11.17 -3.94 -21.66
N ILE B 110 -10.26 -4.85 -21.99
CA ILE B 110 -9.24 -5.47 -21.14
C ILE B 110 -8.71 -4.52 -20.05
N PRO B 111 -8.08 -3.36 -20.36
CA PRO B 111 -7.58 -2.49 -19.27
C PRO B 111 -8.68 -1.87 -18.42
N CYS B 112 -9.83 -1.49 -19.03
CA CYS B 112 -10.98 -0.90 -18.32
C CYS B 112 -11.58 -1.81 -17.26
N VAL B 113 -11.46 -3.13 -17.47
CA VAL B 113 -11.94 -4.14 -16.55
C VAL B 113 -10.86 -4.34 -15.49
N LEU B 114 -9.57 -4.35 -15.89
CA LEU B 114 -8.43 -4.49 -14.99
C LEU B 114 -8.42 -3.38 -13.92
N ASP B 115 -8.65 -2.12 -14.35
CA ASP B 115 -8.72 -0.95 -13.47
C ASP B 115 -9.93 -1.01 -12.55
N PHE B 116 -11.11 -1.39 -13.09
CA PHE B 116 -12.34 -1.50 -12.29
C PHE B 116 -12.14 -2.51 -11.17
N LEU B 117 -11.34 -3.55 -11.43
CA LEU B 117 -11.02 -4.56 -10.44
C LEU B 117 -9.86 -4.13 -9.56
N LYS B 118 -8.95 -3.28 -10.10
CA LYS B 118 -7.79 -2.73 -9.40
C LYS B 118 -8.27 -1.87 -8.22
N HIS B 119 -9.13 -0.87 -8.49
CA HIS B 119 -9.71 0.02 -7.49
C HIS B 119 -10.65 -0.67 -6.51
N ARG B 120 -11.22 -1.82 -6.88
CA ARG B 120 -12.10 -2.55 -5.97
C ARG B 120 -11.28 -3.35 -4.97
N TYR B 121 -10.24 -4.07 -5.44
CA TYR B 121 -9.32 -4.86 -4.61
C TYR B 121 -8.56 -4.00 -3.62
N LEU B 122 -7.94 -2.92 -4.11
CA LEU B 122 -7.11 -2.05 -3.30
C LEU B 122 -7.89 -1.25 -2.25
N LYS B 123 -9.18 -0.97 -2.50
CA LYS B 123 -10.05 -0.29 -1.52
C LYS B 123 -10.71 -1.36 -0.61
N ASN B 124 -10.22 -2.62 -0.72
CA ASN B 124 -10.60 -3.82 0.03
C ASN B 124 -12.06 -4.25 -0.18
N GLN B 125 -12.43 -4.43 -1.47
CA GLN B 125 -13.71 -4.95 -1.94
C GLN B 125 -13.34 -5.93 -3.06
N ILE B 126 -12.91 -7.12 -2.61
CA ILE B 126 -12.43 -8.22 -3.43
C ILE B 126 -13.54 -8.85 -4.32
N TYR B 127 -14.77 -8.99 -3.79
CA TYR B 127 -15.90 -9.57 -4.51
C TYR B 127 -16.57 -8.62 -5.49
N THR B 128 -16.61 -9.00 -6.77
CA THR B 128 -17.18 -8.24 -7.87
C THR B 128 -17.96 -9.20 -8.77
N THR B 129 -19.25 -8.93 -9.00
CA THR B 129 -20.06 -9.80 -9.86
C THR B 129 -19.80 -9.53 -11.32
N ALA B 130 -20.23 -10.48 -12.16
CA ALA B 130 -20.18 -10.50 -13.62
C ALA B 130 -21.18 -11.58 -14.05
N VAL B 131 -22.37 -11.60 -13.35
CA VAL B 131 -23.50 -12.54 -13.44
C VAL B 131 -23.56 -13.34 -14.77
N PRO B 132 -23.59 -14.69 -14.68
CA PRO B 132 -23.69 -15.55 -13.47
C PRO B 132 -22.42 -15.70 -12.61
N LEU B 133 -21.24 -15.37 -13.17
CA LEU B 133 -19.94 -15.47 -12.49
C LEU B 133 -19.79 -14.45 -11.37
N ILE B 134 -18.85 -14.71 -10.43
CA ILE B 134 -18.51 -13.83 -9.31
C ILE B 134 -17.00 -13.92 -9.07
N VAL B 135 -16.32 -12.77 -9.17
CA VAL B 135 -14.86 -12.69 -9.04
C VAL B 135 -14.41 -12.37 -7.62
N ALA B 136 -13.61 -13.28 -7.05
CA ALA B 136 -13.06 -13.11 -5.71
C ALA B 136 -11.53 -13.06 -5.79
N ILE B 137 -10.97 -11.85 -5.63
CA ILE B 137 -9.52 -11.65 -5.66
C ILE B 137 -8.98 -11.96 -4.25
N ASN B 138 -7.87 -12.71 -4.17
CA ASN B 138 -7.24 -13.10 -2.91
C ASN B 138 -6.65 -11.88 -2.18
N PRO B 139 -7.22 -11.44 -1.02
CA PRO B 139 -6.65 -10.28 -0.34
C PRO B 139 -5.38 -10.55 0.46
N TYR B 140 -5.13 -11.84 0.84
CA TYR B 140 -4.01 -12.37 1.63
C TYR B 140 -4.03 -11.93 3.11
N LYS B 141 -5.11 -11.24 3.53
CA LYS B 141 -5.36 -10.74 4.88
C LYS B 141 -6.86 -10.75 5.18
N ASP B 142 -7.28 -11.13 6.42
CA ASP B 142 -8.71 -11.16 6.76
C ASP B 142 -9.25 -9.76 6.87
N LEU B 143 -10.33 -9.51 6.13
CA LEU B 143 -11.00 -8.21 6.07
C LEU B 143 -12.18 -8.16 7.04
N GLY B 144 -12.45 -9.30 7.71
CA GLY B 144 -13.53 -9.46 8.66
C GLY B 144 -14.88 -9.61 7.99
N ASN B 145 -14.89 -9.58 6.66
CA ASN B 145 -16.10 -9.72 5.84
C ASN B 145 -16.59 -11.17 5.81
N THR B 146 -15.81 -12.09 6.41
CA THR B 146 -16.11 -13.52 6.47
C THR B 146 -16.79 -13.95 7.80
N THR B 147 -16.68 -13.12 8.87
CA THR B 147 -17.20 -13.36 10.22
C THR B 147 -18.73 -13.55 10.28
N ASN B 148 -19.20 -14.16 11.39
CA ASN B 148 -20.59 -14.48 11.70
C ASN B 148 -21.58 -13.34 11.53
N GLU B 149 -21.14 -12.10 11.82
CA GLU B 149 -21.94 -10.87 11.69
C GLU B 149 -22.43 -10.72 10.24
N TRP B 150 -21.51 -10.92 9.27
CA TRP B 150 -21.76 -10.85 7.82
C TRP B 150 -22.64 -12.01 7.35
N ILE B 151 -22.40 -13.22 7.89
CA ILE B 151 -23.19 -14.40 7.56
C ILE B 151 -24.66 -14.06 7.87
N ARG B 152 -24.93 -13.64 9.12
CA ARG B 152 -26.24 -13.23 9.64
C ARG B 152 -26.89 -12.10 8.84
N ARG B 153 -26.07 -11.21 8.26
CA ARG B 153 -26.56 -10.10 7.44
C ARG B 153 -27.22 -10.68 6.20
N TYR B 154 -26.43 -11.27 5.28
CA TYR B 154 -26.90 -11.89 4.05
C TYR B 154 -28.05 -12.89 4.26
N ARG B 155 -28.03 -13.58 5.43
CA ARG B 155 -29.05 -14.54 5.84
C ARG B 155 -30.39 -13.87 6.08
N ASP B 156 -30.45 -12.93 7.05
CA ASP B 156 -31.68 -12.27 7.46
C ASP B 156 -32.02 -10.97 6.69
N THR B 157 -31.21 -10.55 5.69
CA THR B 157 -31.56 -9.35 4.93
C THR B 157 -32.53 -9.72 3.80
N ALA B 158 -33.64 -8.94 3.70
CA ALA B 158 -34.71 -9.12 2.73
C ALA B 158 -34.28 -8.86 1.29
N ASP B 159 -34.06 -7.58 0.92
CA ASP B 159 -33.68 -7.19 -0.42
C ASP B 159 -32.25 -7.61 -0.78
N HIS B 160 -32.11 -8.39 -1.85
CA HIS B 160 -30.82 -8.88 -2.35
C HIS B 160 -30.08 -7.75 -3.04
N THR B 161 -30.85 -6.78 -3.61
CA THR B 161 -30.40 -5.59 -4.34
C THR B 161 -29.52 -4.66 -3.48
N LYS B 162 -29.90 -4.46 -2.20
CA LYS B 162 -29.16 -3.60 -1.26
C LYS B 162 -27.79 -4.20 -0.85
N LEU B 163 -27.69 -5.54 -0.84
CA LEU B 163 -26.48 -6.28 -0.43
C LEU B 163 -25.34 -6.22 -1.46
N PRO B 164 -24.08 -6.00 -0.99
CA PRO B 164 -22.95 -5.94 -1.93
C PRO B 164 -22.43 -7.32 -2.39
N PRO B 165 -21.68 -7.44 -3.53
CA PRO B 165 -21.16 -8.77 -3.94
C PRO B 165 -20.30 -9.44 -2.86
N HIS B 166 -20.48 -10.76 -2.72
CA HIS B 166 -19.82 -11.59 -1.71
C HIS B 166 -20.07 -13.07 -1.98
N VAL B 167 -19.27 -13.95 -1.34
CA VAL B 167 -19.44 -15.41 -1.42
C VAL B 167 -20.79 -15.80 -0.82
N PHE B 168 -21.29 -14.99 0.12
CA PHE B 168 -22.58 -15.23 0.78
C PHE B 168 -23.77 -14.86 -0.11
N THR B 169 -23.59 -13.91 -1.07
CA THR B 169 -24.65 -13.49 -2.02
C THR B 169 -25.02 -14.71 -2.84
N CYS B 170 -23.98 -15.43 -3.30
CA CYS B 170 -24.04 -16.66 -4.08
C CYS B 170 -24.61 -17.81 -3.22
N ALA B 171 -24.05 -18.03 -1.99
CA ALA B 171 -24.45 -19.06 -1.02
C ALA B 171 -25.95 -19.00 -0.68
N ARG B 172 -26.52 -17.78 -0.64
CA ARG B 172 -27.94 -17.55 -0.36
C ARG B 172 -28.79 -17.79 -1.60
N GLU B 173 -28.35 -17.30 -2.78
CA GLU B 173 -29.08 -17.47 -4.05
C GLU B 173 -29.09 -18.94 -4.52
N ALA B 174 -28.06 -19.71 -4.12
CA ALA B 174 -27.94 -21.14 -4.42
C ALA B 174 -28.94 -21.91 -3.56
N LEU B 175 -29.03 -21.56 -2.26
CA LEU B 175 -29.95 -22.14 -1.29
C LEU B 175 -31.40 -21.66 -1.51
N SER B 176 -31.57 -20.53 -2.22
CA SER B 176 -32.87 -19.91 -2.57
C SER B 176 -33.58 -20.70 -3.64
N ASN B 177 -32.81 -21.42 -4.48
CA ASN B 177 -33.32 -22.28 -5.55
C ASN B 177 -33.46 -23.74 -5.07
N LEU B 178 -32.56 -24.18 -4.16
CA LEU B 178 -32.56 -25.53 -3.58
C LEU B 178 -33.91 -25.82 -2.92
N HIS B 179 -34.51 -24.80 -2.29
CA HIS B 179 -35.80 -24.88 -1.61
C HIS B 179 -36.93 -24.21 -2.41
N GLY B 180 -36.57 -23.22 -3.22
CA GLY B 180 -37.51 -22.46 -4.04
C GLY B 180 -38.19 -23.28 -5.11
N VAL B 181 -37.40 -24.02 -5.89
CA VAL B 181 -37.91 -24.86 -6.99
C VAL B 181 -37.77 -26.37 -6.68
N ASN B 182 -36.94 -26.70 -5.67
CA ASN B 182 -36.61 -28.05 -5.21
C ASN B 182 -35.73 -28.77 -6.26
N LYS B 183 -34.61 -28.12 -6.61
CA LYS B 183 -33.62 -28.61 -7.56
C LYS B 183 -32.27 -28.65 -6.88
N SER B 184 -31.49 -29.72 -7.11
CA SER B 184 -30.14 -29.85 -6.56
C SER B 184 -29.23 -28.79 -7.21
N GLN B 185 -28.46 -28.07 -6.38
CA GLN B 185 -27.57 -27.00 -6.83
C GLN B 185 -26.13 -27.38 -6.54
N THR B 186 -25.16 -26.76 -7.24
CA THR B 186 -23.75 -27.02 -7.02
C THR B 186 -22.94 -25.72 -7.03
N ILE B 187 -21.97 -25.60 -6.10
CA ILE B 187 -21.08 -24.45 -6.00
C ILE B 187 -19.69 -24.89 -6.50
N ILE B 188 -19.06 -24.08 -7.36
CA ILE B 188 -17.76 -24.43 -7.94
C ILE B 188 -16.74 -23.31 -7.77
N VAL B 189 -15.72 -23.59 -6.95
CA VAL B 189 -14.60 -22.71 -6.70
C VAL B 189 -13.53 -23.01 -7.74
N SER B 190 -13.30 -22.03 -8.63
CA SER B 190 -12.35 -22.11 -9.74
C SER B 190 -11.21 -21.10 -9.55
N GLY B 191 -10.03 -21.42 -10.07
CA GLY B 191 -8.86 -20.57 -9.97
C GLY B 191 -7.56 -21.34 -9.85
N GLU B 192 -6.42 -20.64 -10.02
CA GLU B 192 -5.08 -21.28 -9.95
C GLU B 192 -4.61 -21.57 -8.50
N SER B 193 -3.43 -22.21 -8.34
CA SER B 193 -2.84 -22.56 -7.03
C SER B 193 -2.57 -21.32 -6.17
N GLY B 194 -3.39 -21.15 -5.14
CA GLY B 194 -3.33 -20.05 -4.20
C GLY B 194 -4.29 -18.90 -4.48
N ALA B 195 -5.34 -19.17 -5.28
CA ALA B 195 -6.32 -18.16 -5.66
C ALA B 195 -7.39 -17.93 -4.58
N GLY B 196 -7.59 -18.94 -3.73
CA GLY B 196 -8.55 -18.85 -2.63
C GLY B 196 -9.72 -19.79 -2.68
N LYS B 197 -9.59 -20.91 -3.43
CA LYS B 197 -10.64 -21.91 -3.59
C LYS B 197 -11.05 -22.58 -2.27
N THR B 198 -10.08 -23.25 -1.58
CA THR B 198 -10.25 -23.97 -0.31
C THR B 198 -10.88 -23.06 0.78
N GLU B 199 -10.39 -21.80 0.90
CA GLU B 199 -10.85 -20.80 1.86
C GLU B 199 -12.28 -20.33 1.58
N ALA B 200 -12.62 -20.11 0.30
CA ALA B 200 -13.97 -19.70 -0.13
C ALA B 200 -15.00 -20.81 0.13
N THR B 201 -14.59 -22.10 -0.03
CA THR B 201 -15.42 -23.28 0.21
C THR B 201 -15.85 -23.26 1.68
N LYS B 202 -14.88 -23.03 2.59
CA LYS B 202 -15.05 -22.95 4.04
C LYS B 202 -16.06 -21.88 4.44
N GLN B 203 -16.00 -20.69 3.79
CA GLN B 203 -16.89 -19.54 4.03
C GLN B 203 -18.34 -19.86 3.66
N ILE B 204 -18.52 -20.51 2.50
CA ILE B 204 -19.84 -20.92 1.99
C ILE B 204 -20.37 -22.09 2.84
N MET B 205 -19.46 -22.90 3.40
CA MET B 205 -19.79 -24.01 4.29
C MET B 205 -20.25 -23.44 5.62
N ARG B 206 -19.55 -22.40 6.13
CA ARG B 206 -19.87 -21.70 7.39
C ARG B 206 -21.21 -20.98 7.29
N TYR B 207 -21.59 -20.55 6.07
CA TYR B 207 -22.85 -19.89 5.78
C TYR B 207 -24.00 -20.88 5.99
N PHE B 208 -23.89 -22.08 5.37
CA PHE B 208 -24.87 -23.17 5.47
C PHE B 208 -24.95 -23.74 6.88
N ALA B 209 -23.84 -23.62 7.65
CA ALA B 209 -23.75 -24.08 9.04
C ALA B 209 -24.65 -23.23 9.95
N SER B 210 -24.85 -21.94 9.60
CA SER B 210 -25.68 -21.02 10.36
C SER B 210 -27.18 -21.17 10.09
N SER B 211 -27.91 -21.51 11.16
CA SER B 211 -29.37 -21.72 11.16
C SER B 211 -30.10 -20.58 11.83
N LYS B 212 -31.25 -20.18 11.25
CA LYS B 212 -32.12 -19.12 11.75
C LYS B 212 -32.74 -19.54 13.10
N SER B 213 -33.46 -20.69 13.12
CA SER B 213 -34.11 -21.25 14.31
C SER B 213 -33.25 -22.33 14.97
N GLY B 214 -32.98 -22.15 16.26
CA GLY B 214 -32.19 -23.07 17.08
C GLY B 214 -33.01 -24.18 17.68
N ASN B 215 -33.23 -25.23 16.89
CA ASN B 215 -34.02 -26.44 17.22
C ASN B 215 -33.51 -27.68 16.42
N MET B 216 -32.28 -27.58 15.88
N MET B 216 -32.28 -27.58 15.88
CA MET B 216 -31.63 -28.58 15.04
CA MET B 216 -31.63 -28.58 15.04
C MET B 216 -30.65 -29.50 15.79
C MET B 216 -30.65 -29.50 15.78
N ASP B 217 -30.42 -30.70 15.21
CA ASP B 217 -29.47 -31.70 15.70
C ASP B 217 -28.16 -31.35 15.00
N LEU B 218 -27.28 -30.67 15.72
CA LEU B 218 -26.01 -30.22 15.18
C LEU B 218 -24.89 -31.26 15.30
N ARG B 219 -25.20 -32.47 15.84
CA ARG B 219 -24.29 -33.62 16.01
C ARG B 219 -23.66 -34.02 14.65
N ILE B 220 -24.49 -34.05 13.58
CA ILE B 220 -24.06 -34.36 12.20
C ILE B 220 -23.25 -33.18 11.65
N GLN B 221 -23.77 -31.95 11.83
CA GLN B 221 -23.14 -30.70 11.41
C GLN B 221 -21.79 -30.43 12.11
N THR B 222 -21.55 -31.09 13.27
CA THR B 222 -20.33 -31.01 14.11
C THR B 222 -19.16 -31.72 13.42
N ALA B 223 -19.36 -33.01 13.06
CA ALA B 223 -18.37 -33.85 12.38
C ALA B 223 -18.00 -33.26 11.01
N ILE B 224 -19.02 -32.72 10.27
CA ILE B 224 -18.92 -32.07 8.95
C ILE B 224 -17.89 -30.92 8.95
N MET B 225 -17.97 -30.03 9.97
N MET B 225 -17.97 -30.03 9.97
CA MET B 225 -17.09 -28.87 10.12
CA MET B 225 -17.09 -28.87 10.12
C MET B 225 -15.74 -29.20 10.72
C MET B 225 -15.74 -29.20 10.72
N ALA B 226 -15.68 -30.23 11.60
CA ALA B 226 -14.45 -30.69 12.25
C ALA B 226 -13.57 -31.50 11.29
N ALA B 227 -14.15 -31.98 10.18
CA ALA B 227 -13.45 -32.74 9.16
C ALA B 227 -12.45 -31.90 8.38
N ASN B 228 -12.85 -30.69 7.99
CA ASN B 228 -12.06 -29.74 7.20
C ASN B 228 -10.66 -29.42 7.79
N PRO B 229 -10.46 -29.06 9.09
CA PRO B 229 -9.08 -28.84 9.59
C PRO B 229 -8.20 -30.10 9.67
N VAL B 230 -8.83 -31.29 9.56
CA VAL B 230 -8.19 -32.61 9.54
C VAL B 230 -7.82 -32.92 8.07
N LEU B 231 -8.76 -32.63 7.13
CA LEU B 231 -8.61 -32.81 5.69
C LEU B 231 -7.52 -31.92 5.10
N GLU B 232 -7.21 -30.80 5.77
CA GLU B 232 -6.15 -29.84 5.40
C GLU B 232 -4.82 -30.26 6.05
N ALA B 233 -4.89 -30.95 7.20
CA ALA B 233 -3.71 -31.45 7.90
C ALA B 233 -3.19 -32.67 7.13
N PHE B 234 -4.11 -33.56 6.74
CA PHE B 234 -3.81 -34.79 6.01
C PHE B 234 -3.67 -34.65 4.50
N GLY B 235 -4.46 -33.78 3.87
CA GLY B 235 -4.48 -33.61 2.43
C GLY B 235 -3.74 -32.40 1.86
N ASN B 236 -3.62 -31.31 2.63
CA ASN B 236 -2.93 -30.08 2.19
C ASN B 236 -1.48 -30.05 2.64
N ALA B 237 -0.60 -29.47 1.80
CA ALA B 237 0.83 -29.35 2.08
C ALA B 237 1.37 -28.01 1.57
N LYS B 238 2.55 -27.59 2.07
CA LYS B 238 3.16 -26.34 1.66
C LYS B 238 3.93 -26.48 0.36
N THR B 239 3.60 -25.64 -0.64
CA THR B 239 4.30 -25.58 -1.93
C THR B 239 4.89 -24.18 -2.08
N ILE B 240 5.65 -23.96 -3.17
CA ILE B 240 6.24 -22.65 -3.46
C ILE B 240 5.17 -21.67 -3.94
N ARG B 241 4.10 -22.20 -4.59
CA ARG B 241 2.96 -21.45 -5.11
C ARG B 241 2.03 -21.07 -3.96
N ASN B 242 1.63 -22.07 -3.15
CA ASN B 242 0.74 -21.86 -2.01
C ASN B 242 1.15 -22.71 -0.81
N ASN B 243 1.14 -22.10 0.39
CA ASN B 243 1.51 -22.75 1.64
C ASN B 243 0.42 -23.69 2.21
N ASN B 244 -0.81 -23.59 1.69
CA ASN B 244 -1.91 -24.48 2.06
C ASN B 244 -2.52 -25.06 0.79
N SER B 245 -1.64 -25.56 -0.08
CA SER B 245 -1.99 -26.13 -1.38
C SER B 245 -2.70 -27.48 -1.21
N SER B 246 -3.93 -27.62 -1.75
CA SER B 246 -4.73 -28.85 -1.72
C SER B 246 -4.18 -29.87 -2.74
N ARG B 247 -3.61 -30.98 -2.22
CA ARG B 247 -3.01 -32.07 -3.02
C ARG B 247 -4.04 -33.17 -3.31
N PHE B 248 -5.31 -32.92 -2.89
CA PHE B 248 -6.48 -33.76 -3.05
C PHE B 248 -7.68 -32.93 -3.57
N GLY B 249 -8.60 -33.60 -4.25
CA GLY B 249 -9.81 -32.98 -4.78
C GLY B 249 -10.98 -33.28 -3.88
N ARG B 250 -11.63 -32.25 -3.34
CA ARG B 250 -12.74 -32.37 -2.41
C ARG B 250 -14.10 -32.13 -3.07
N PHE B 251 -15.03 -33.06 -2.86
CA PHE B 251 -16.40 -32.92 -3.36
C PHE B 251 -17.40 -33.28 -2.27
N MET B 252 -18.39 -32.39 -2.04
CA MET B 252 -19.42 -32.58 -1.02
C MET B 252 -20.81 -32.61 -1.60
N GLN B 253 -21.74 -33.18 -0.83
CA GLN B 253 -23.16 -33.28 -1.12
C GLN B 253 -23.78 -32.99 0.23
N LEU B 254 -24.59 -31.94 0.34
CA LEU B 254 -25.16 -31.55 1.65
C LEU B 254 -26.66 -31.25 1.60
N VAL B 255 -27.44 -31.84 2.56
CA VAL B 255 -28.88 -31.54 2.69
C VAL B 255 -28.97 -30.43 3.73
N ILE B 256 -29.29 -29.20 3.30
CA ILE B 256 -29.38 -28.04 4.20
C ILE B 256 -30.83 -27.65 4.41
N SER B 257 -31.17 -27.20 5.63
CA SER B 257 -32.52 -26.77 6.00
C SER B 257 -32.89 -25.44 5.32
N HIS B 258 -34.20 -25.18 5.16
CA HIS B 258 -34.74 -23.96 4.52
C HIS B 258 -34.48 -22.67 5.33
N GLU B 259 -34.12 -22.83 6.63
CA GLU B 259 -33.77 -21.75 7.57
C GLU B 259 -32.25 -21.67 7.75
N GLY B 260 -31.60 -22.82 7.58
CA GLY B 260 -30.15 -22.98 7.71
C GLY B 260 -29.79 -24.23 8.49
N GLY B 261 -28.52 -24.60 8.41
CA GLY B 261 -27.97 -25.77 9.10
C GLY B 261 -27.97 -27.02 8.26
N ILE B 262 -26.84 -27.74 8.28
CA ILE B 262 -26.64 -28.98 7.52
C ILE B 262 -27.20 -30.18 8.30
N ARG B 263 -28.22 -30.84 7.71
CA ARG B 263 -28.86 -32.04 8.25
C ARG B 263 -27.93 -33.24 8.02
N TYR B 264 -27.47 -33.47 6.76
CA TYR B 264 -26.59 -34.57 6.38
C TYR B 264 -25.59 -34.15 5.29
N GLY B 265 -24.51 -34.91 5.17
CA GLY B 265 -23.47 -34.67 4.18
C GLY B 265 -22.73 -35.90 3.70
N SER B 266 -21.81 -35.71 2.72
CA SER B 266 -20.95 -36.75 2.14
C SER B 266 -19.70 -36.12 1.51
N VAL B 267 -18.57 -36.13 2.25
CA VAL B 267 -17.29 -35.62 1.77
C VAL B 267 -16.60 -36.75 1.01
N VAL B 268 -16.46 -36.57 -0.31
CA VAL B 268 -15.84 -37.54 -1.21
C VAL B 268 -14.57 -36.91 -1.81
N ALA B 269 -13.40 -37.32 -1.24
CA ALA B 269 -12.07 -36.88 -1.64
C ALA B 269 -11.46 -37.83 -2.66
N PHE B 270 -10.73 -37.26 -3.65
CA PHE B 270 -10.07 -38.00 -4.72
C PHE B 270 -8.65 -37.50 -4.99
N LEU B 271 -7.85 -38.32 -5.71
CA LEU B 271 -6.47 -38.10 -6.15
C LEU B 271 -5.59 -37.38 -5.13
N LEU B 272 -4.96 -38.14 -4.25
CA LEU B 272 -4.03 -37.59 -3.28
C LEU B 272 -2.63 -37.74 -3.88
N GLU B 273 -1.82 -36.65 -3.81
CA GLU B 273 -0.45 -36.65 -4.34
C GLU B 273 0.42 -37.64 -3.56
N LYS B 274 0.47 -38.88 -4.06
CA LYS B 274 1.21 -40.00 -3.49
C LYS B 274 2.71 -39.70 -3.31
N SER B 275 3.34 -39.00 -4.30
CA SER B 275 4.76 -38.63 -4.29
C SER B 275 5.16 -37.69 -3.15
N ARG B 276 4.23 -36.80 -2.71
CA ARG B 276 4.42 -35.82 -1.63
C ARG B 276 4.81 -36.50 -0.29
N ILE B 277 4.33 -37.74 -0.06
CA ILE B 277 4.61 -38.54 1.14
C ILE B 277 6.10 -38.95 1.17
N ILE B 278 6.62 -39.45 0.05
CA ILE B 278 7.99 -39.95 -0.07
C ILE B 278 9.02 -38.84 -0.32
N THR B 279 8.85 -38.07 -1.42
CA THR B 279 9.78 -37.00 -1.79
C THR B 279 9.13 -35.63 -1.94
N GLN B 280 9.85 -34.61 -1.45
CA GLN B 280 9.44 -33.21 -1.51
C GLN B 280 10.60 -32.40 -2.05
N ASP B 281 10.30 -31.42 -2.93
CA ASP B 281 11.30 -30.51 -3.50
C ASP B 281 11.79 -29.55 -2.41
N ASP B 282 12.87 -28.79 -2.68
CA ASP B 282 13.41 -27.82 -1.72
C ASP B 282 12.44 -26.65 -1.55
N ASN B 283 12.37 -26.08 -0.33
N ASN B 283 12.37 -26.08 -0.33
CA ASN B 283 11.47 -24.99 0.07
CA ASN B 283 11.47 -24.99 0.07
C ASN B 283 9.98 -25.40 0.01
C ASN B 283 9.98 -25.41 0.03
N GLU B 284 9.72 -26.66 -0.38
CA GLU B 284 8.39 -27.27 -0.47
C GLU B 284 8.29 -28.29 0.67
N ARG B 285 7.17 -28.30 1.38
CA ARG B 285 6.96 -29.18 2.53
C ARG B 285 5.94 -30.28 2.29
N SER B 286 6.05 -31.37 3.08
CA SER B 286 5.14 -32.52 3.05
C SER B 286 3.85 -32.17 3.80
N TYR B 287 2.86 -33.09 3.77
CA TYR B 287 1.56 -32.94 4.42
C TYR B 287 1.69 -32.46 5.85
N HIS B 288 0.96 -31.40 6.17
CA HIS B 288 0.96 -30.70 7.45
C HIS B 288 0.93 -31.63 8.68
N ILE B 289 0.11 -32.71 8.66
CA ILE B 289 -0.07 -33.67 9.77
C ILE B 289 1.24 -34.35 10.21
N PHE B 290 2.17 -34.62 9.26
CA PHE B 290 3.46 -35.23 9.58
C PHE B 290 4.28 -34.30 10.48
N TYR B 291 4.32 -33.02 10.13
CA TYR B 291 5.03 -31.99 10.88
C TYR B 291 4.28 -31.64 12.16
N GLN B 292 2.93 -31.63 12.11
CA GLN B 292 2.04 -31.35 13.25
C GLN B 292 2.20 -32.42 14.35
N PHE B 293 2.32 -33.70 13.96
CA PHE B 293 2.48 -34.84 14.86
C PHE B 293 3.92 -34.97 15.40
N LEU B 294 4.93 -34.48 14.66
CA LEU B 294 6.32 -34.52 15.13
C LEU B 294 6.76 -33.20 15.78
N LYS B 295 5.77 -32.44 16.31
CA LYS B 295 5.96 -31.15 17.00
C LYS B 295 5.01 -31.04 18.20
N GLY B 296 3.73 -31.33 17.96
CA GLY B 296 2.67 -31.20 18.96
C GLY B 296 2.26 -32.43 19.73
N ALA B 297 2.86 -33.61 19.45
CA ALA B 297 2.53 -34.85 20.16
C ALA B 297 2.92 -34.80 21.62
N ASN B 298 2.09 -35.41 22.50
CA ASN B 298 2.34 -35.46 23.95
C ASN B 298 3.52 -36.39 24.26
N SER B 299 4.16 -36.18 25.43
CA SER B 299 5.32 -36.96 25.92
C SER B 299 5.08 -38.48 25.93
N THR B 300 3.81 -38.89 26.05
CA THR B 300 3.37 -40.30 26.07
C THR B 300 3.52 -40.96 24.69
N MET B 301 3.16 -40.23 23.61
CA MET B 301 3.24 -40.69 22.22
C MET B 301 4.68 -40.60 21.68
N LYS B 302 5.51 -39.74 22.30
CA LYS B 302 6.92 -39.51 21.96
C LYS B 302 7.81 -40.67 22.43
N SER B 303 7.31 -41.48 23.38
CA SER B 303 8.00 -42.64 23.96
C SER B 303 7.39 -43.98 23.52
N LYS B 304 6.04 -44.04 23.40
CA LYS B 304 5.28 -45.23 22.97
C LYS B 304 5.60 -45.58 21.50
N PHE B 305 5.60 -44.55 20.63
CA PHE B 305 5.89 -44.68 19.19
C PHE B 305 7.38 -44.48 18.86
N GLY B 306 8.12 -43.88 19.80
CA GLY B 306 9.54 -43.59 19.67
C GLY B 306 9.80 -42.52 18.63
N LEU B 307 9.08 -41.39 18.75
CA LEU B 307 9.15 -40.25 17.82
C LEU B 307 10.46 -39.49 17.91
N LYS B 308 11.03 -39.15 16.74
CA LYS B 308 12.27 -38.40 16.58
C LYS B 308 11.94 -37.01 16.00
N GLY B 309 12.96 -36.14 15.92
CA GLY B 309 12.81 -34.79 15.37
C GLY B 309 12.36 -34.77 13.93
N VAL B 310 11.76 -33.65 13.50
CA VAL B 310 11.24 -33.44 12.14
C VAL B 310 12.32 -33.61 11.04
N THR B 311 13.60 -33.30 11.37
CA THR B 311 14.77 -33.42 10.48
C THR B 311 15.23 -34.87 10.30
N GLU B 312 15.05 -35.71 11.35
CA GLU B 312 15.47 -37.11 11.43
C GLU B 312 14.70 -38.11 10.52
N TYR B 313 13.75 -37.64 9.68
CA TYR B 313 12.99 -38.54 8.82
C TYR B 313 13.29 -38.35 7.34
N LYS B 314 13.55 -39.49 6.66
CA LYS B 314 13.90 -39.59 5.22
C LYS B 314 12.75 -39.14 4.32
N LEU B 315 11.50 -39.32 4.79
CA LEU B 315 10.30 -38.94 4.05
C LEU B 315 9.95 -37.46 4.25
N LEU B 316 10.75 -36.73 5.06
CA LEU B 316 10.53 -35.31 5.34
C LEU B 316 11.74 -34.45 5.02
N ASN B 317 11.54 -33.38 4.21
CA ASN B 317 12.59 -32.43 3.83
C ASN B 317 13.05 -31.70 5.10
N PRO B 318 14.31 -31.93 5.56
CA PRO B 318 14.76 -31.33 6.83
C PRO B 318 14.98 -29.83 6.81
N ASN B 319 15.19 -29.24 5.61
CA ASN B 319 15.44 -27.81 5.44
C ASN B 319 14.16 -26.97 5.31
N SER B 320 13.07 -27.55 4.75
CA SER B 320 11.78 -26.88 4.55
C SER B 320 10.80 -26.96 5.74
N THR B 321 11.17 -27.74 6.79
CA THR B 321 10.42 -28.05 8.03
C THR B 321 9.53 -26.94 8.63
N GLU B 322 9.88 -25.65 8.42
CA GLU B 322 9.13 -24.53 8.99
C GLU B 322 8.36 -23.69 7.96
N VAL B 323 7.11 -23.33 8.30
CA VAL B 323 6.23 -22.51 7.47
C VAL B 323 5.90 -21.21 8.19
N SER B 324 6.04 -20.08 7.47
CA SER B 324 5.78 -18.72 7.97
C SER B 324 4.31 -18.54 8.32
N GLY B 325 4.07 -18.02 9.52
CA GLY B 325 2.74 -17.77 10.06
C GLY B 325 1.97 -19.02 10.44
N VAL B 326 2.65 -20.19 10.46
CA VAL B 326 2.05 -21.47 10.78
C VAL B 326 2.70 -22.09 12.03
N ASP B 327 1.88 -22.33 13.05
CA ASP B 327 2.25 -22.96 14.31
C ASP B 327 1.63 -24.35 14.30
N ASP B 328 2.39 -25.34 13.79
CA ASP B 328 1.97 -26.75 13.66
C ASP B 328 1.58 -27.39 15.00
N VAL B 329 2.00 -26.79 16.11
CA VAL B 329 1.67 -27.26 17.46
C VAL B 329 0.21 -26.87 17.79
N LYS B 330 -0.16 -25.59 17.60
CA LYS B 330 -1.50 -25.04 17.84
C LYS B 330 -2.55 -25.64 16.92
N ASP B 331 -2.13 -25.92 15.67
CA ASP B 331 -2.96 -26.53 14.64
C ASP B 331 -3.28 -27.97 15.04
N PHE B 332 -2.27 -28.68 15.60
CA PHE B 332 -2.38 -30.07 16.06
C PHE B 332 -3.40 -30.23 17.19
N GLU B 333 -3.42 -29.26 18.14
CA GLU B 333 -4.35 -29.20 19.28
C GLU B 333 -5.79 -29.21 18.74
N GLU B 334 -6.04 -28.33 17.76
CA GLU B 334 -7.30 -28.13 17.05
C GLU B 334 -7.65 -29.39 16.23
N VAL B 335 -6.63 -30.08 15.66
CA VAL B 335 -6.78 -31.30 14.87
C VAL B 335 -7.26 -32.47 15.75
N ILE B 336 -6.66 -32.64 16.94
CA ILE B 336 -7.01 -33.69 17.91
C ILE B 336 -8.47 -33.57 18.36
N GLU B 337 -8.91 -32.35 18.73
CA GLU B 337 -10.30 -32.08 19.14
C GLU B 337 -11.26 -32.35 17.97
N SER B 338 -10.82 -32.01 16.74
CA SER B 338 -11.58 -32.24 15.51
C SER B 338 -11.81 -33.73 15.25
N LEU B 339 -10.81 -34.57 15.58
CA LEU B 339 -10.89 -36.02 15.46
C LEU B 339 -11.92 -36.57 16.45
N LYS B 340 -11.93 -36.01 17.69
CA LYS B 340 -12.88 -36.39 18.76
C LYS B 340 -14.30 -36.09 18.29
N ASN B 341 -14.52 -34.90 17.68
CA ASN B 341 -15.80 -34.42 17.15
C ASN B 341 -16.33 -35.26 15.98
N MET B 342 -15.44 -36.06 15.34
N MET B 342 -15.44 -36.07 15.35
CA MET B 342 -15.77 -36.97 14.23
CA MET B 342 -15.77 -36.96 14.23
C MET B 342 -16.21 -38.35 14.74
C MET B 342 -16.19 -38.36 14.74
N GLU B 343 -16.53 -38.45 16.06
CA GLU B 343 -16.98 -39.66 16.77
C GLU B 343 -15.91 -40.80 16.79
N LEU B 344 -14.63 -40.40 16.78
CA LEU B 344 -13.49 -41.32 16.88
C LEU B 344 -13.10 -41.39 18.34
N SER B 345 -12.93 -42.61 18.86
CA SER B 345 -12.51 -42.81 20.25
C SER B 345 -11.01 -42.57 20.37
N GLU B 346 -10.51 -42.32 21.61
CA GLU B 346 -9.08 -42.08 21.88
C GLU B 346 -8.21 -43.25 21.39
N SER B 347 -8.79 -44.47 21.35
CA SER B 347 -8.16 -45.70 20.85
C SER B 347 -8.05 -45.62 19.32
N ASP B 348 -9.12 -45.12 18.64
CA ASP B 348 -9.17 -44.95 17.18
C ASP B 348 -8.19 -43.88 16.71
N ILE B 349 -8.03 -42.80 17.49
CA ILE B 349 -7.12 -41.69 17.20
C ILE B 349 -5.65 -42.13 17.40
N GLU B 350 -5.36 -42.90 18.46
CA GLU B 350 -4.01 -43.41 18.77
C GLU B 350 -3.46 -44.28 17.62
N VAL B 351 -4.31 -45.19 17.07
CA VAL B 351 -3.99 -46.10 15.96
C VAL B 351 -3.72 -45.31 14.66
N ILE B 352 -4.49 -44.22 14.40
CA ILE B 352 -4.35 -43.32 13.25
C ILE B 352 -2.91 -42.74 13.23
N PHE B 353 -2.41 -42.32 14.40
CA PHE B 353 -1.07 -41.76 14.56
C PHE B 353 0.01 -42.83 14.69
N SER B 354 -0.38 -44.07 15.07
CA SER B 354 0.52 -45.22 15.19
C SER B 354 0.95 -45.66 13.80
N ILE B 355 0.02 -45.58 12.82
CA ILE B 355 0.25 -45.91 11.42
C ILE B 355 1.17 -44.83 10.82
N VAL B 356 0.90 -43.54 11.13
CA VAL B 356 1.69 -42.38 10.69
C VAL B 356 3.12 -42.50 11.22
N ALA B 357 3.27 -42.90 12.50
CA ALA B 357 4.56 -43.13 13.14
C ALA B 357 5.28 -44.30 12.46
N GLY B 358 4.52 -45.34 12.07
CA GLY B 358 5.03 -46.51 11.36
C GLY B 358 5.53 -46.20 9.97
N ILE B 359 4.77 -45.35 9.21
CA ILE B 359 5.10 -44.90 7.85
C ILE B 359 6.46 -44.18 7.89
N LEU B 360 6.57 -43.15 8.75
CA LEU B 360 7.76 -42.33 8.97
C LEU B 360 9.01 -43.15 9.28
N THR B 361 8.85 -44.16 10.18
CA THR B 361 9.92 -45.05 10.64
C THR B 361 10.39 -46.00 9.52
N LEU B 362 9.46 -46.55 8.69
CA LEU B 362 9.81 -47.44 7.58
C LEU B 362 10.64 -46.74 6.50
N GLY B 363 10.39 -45.44 6.32
CA GLY B 363 11.09 -44.60 5.36
C GLY B 363 12.57 -44.44 5.67
N ASN B 364 12.91 -44.31 6.96
CA ASN B 364 14.28 -44.17 7.46
C ASN B 364 15.15 -45.42 7.29
N VAL B 365 14.51 -46.63 7.17
CA VAL B 365 15.20 -47.92 7.00
C VAL B 365 15.95 -47.93 5.66
N ARG B 366 17.27 -48.20 5.71
CA ARG B 366 18.16 -48.20 4.55
C ARG B 366 18.42 -49.60 3.94
N LEU B 367 17.93 -49.81 2.69
CA LEU B 367 18.11 -51.05 1.94
C LEU B 367 19.42 -50.98 1.14
N ILE B 368 20.26 -52.03 1.26
CA ILE B 368 21.57 -52.04 0.60
C ILE B 368 21.77 -53.29 -0.30
N GLU B 369 22.67 -53.15 -1.30
CA GLU B 369 23.04 -54.17 -2.29
C GLU B 369 23.79 -55.34 -1.64
N LYS B 370 23.62 -56.55 -2.20
CA LYS B 370 24.28 -57.77 -1.73
C LYS B 370 24.41 -58.81 -2.87
N GLN B 371 25.45 -59.66 -2.79
CA GLN B 371 25.74 -60.72 -3.76
C GLN B 371 24.86 -61.97 -3.56
N GLU B 372 23.53 -61.79 -3.61
CA GLU B 372 22.52 -62.83 -3.42
C GLU B 372 21.81 -63.18 -4.74
N ALA B 373 20.92 -64.21 -4.73
CA ALA B 373 20.07 -64.72 -5.82
C ALA B 373 20.82 -65.28 -7.05
N GLY B 374 22.09 -64.92 -7.22
CA GLY B 374 22.91 -65.35 -8.34
C GLY B 374 23.12 -64.26 -9.37
N LEU B 375 22.13 -63.36 -9.49
CA LEU B 375 22.15 -62.20 -10.41
C LEU B 375 22.71 -60.95 -9.72
N SER B 376 23.08 -61.06 -8.42
CA SER B 376 23.63 -60.00 -7.55
C SER B 376 22.69 -58.79 -7.39
N ASP B 377 23.15 -57.73 -6.68
CA ASP B 377 22.42 -56.49 -6.36
C ASP B 377 21.15 -56.73 -5.51
N ALA B 378 20.83 -58.02 -5.20
CA ALA B 378 19.68 -58.43 -4.41
C ALA B 378 19.72 -57.81 -3.02
N ALA B 379 18.75 -56.91 -2.77
CA ALA B 379 18.57 -56.10 -1.56
C ALA B 379 18.60 -56.86 -0.24
N ALA B 380 18.99 -56.14 0.81
CA ALA B 380 19.07 -56.63 2.19
C ALA B 380 18.87 -55.46 3.16
N ILE B 381 18.05 -55.68 4.21
CA ILE B 381 17.78 -54.69 5.25
C ILE B 381 19.02 -54.60 6.14
N MET B 382 19.54 -53.37 6.33
CA MET B 382 20.74 -53.06 7.13
C MET B 382 20.67 -53.61 8.56
N ASP B 383 21.82 -54.09 9.09
CA ASP B 383 21.94 -54.66 10.44
C ASP B 383 21.58 -53.69 11.56
N GLU B 384 22.00 -52.41 11.43
CA GLU B 384 21.69 -51.35 12.40
C GLU B 384 20.25 -50.85 12.25
N ASP B 385 19.72 -50.84 11.00
CA ASP B 385 18.35 -50.42 10.66
C ASP B 385 17.33 -51.58 10.74
N MET B 386 17.77 -52.77 11.22
CA MET B 386 16.93 -53.95 11.38
C MET B 386 15.88 -53.75 12.48
N GLY B 387 16.33 -53.23 13.63
CA GLY B 387 15.46 -52.92 14.76
C GLY B 387 14.48 -51.81 14.47
N VAL B 388 14.89 -50.88 13.57
CA VAL B 388 14.10 -49.74 13.08
C VAL B 388 12.92 -50.27 12.24
N PHE B 389 13.20 -51.27 11.36
CA PHE B 389 12.20 -51.93 10.51
C PHE B 389 11.21 -52.76 11.33
N ASN B 390 11.73 -53.53 12.33
CA ASN B 390 10.94 -54.39 13.21
C ASN B 390 9.96 -53.59 14.07
N LYS B 391 10.37 -52.39 14.53
CA LYS B 391 9.54 -51.49 15.33
C LYS B 391 8.43 -50.89 14.46
N ALA B 392 8.77 -50.49 13.22
CA ALA B 392 7.85 -49.88 12.24
C ALA B 392 6.68 -50.80 11.87
N CYS B 393 6.95 -52.12 11.67
CA CYS B 393 5.94 -53.13 11.31
C CYS B 393 4.99 -53.42 12.46
N GLU B 394 5.47 -53.26 13.71
CA GLU B 394 4.67 -53.44 14.92
C GLU B 394 3.88 -52.17 15.24
N LEU B 395 4.29 -51.01 14.64
CA LEU B 395 3.64 -49.70 14.75
C LEU B 395 2.45 -49.62 13.79
N MET B 396 2.56 -50.26 12.62
CA MET B 396 1.52 -50.31 11.59
C MET B 396 0.60 -51.54 11.78
N TYR B 397 0.93 -52.38 12.80
CA TYR B 397 0.23 -53.61 13.21
C TYR B 397 0.23 -54.69 12.10
N LEU B 398 1.42 -55.03 11.60
CA LEU B 398 1.62 -56.04 10.54
C LEU B 398 2.69 -57.05 10.97
N ASP B 399 2.73 -58.23 10.31
CA ASP B 399 3.73 -59.27 10.58
C ASP B 399 5.09 -58.78 10.06
N PRO B 400 6.10 -58.57 10.95
CA PRO B 400 7.40 -58.05 10.49
C PRO B 400 8.21 -58.98 9.57
N GLU B 401 7.86 -60.28 9.53
CA GLU B 401 8.54 -61.26 8.67
C GLU B 401 7.83 -61.45 7.31
N LEU B 402 6.52 -61.17 7.25
CA LEU B 402 5.71 -61.27 6.03
C LEU B 402 5.88 -60.06 5.12
N ILE B 403 6.05 -58.86 5.72
CA ILE B 403 6.30 -57.60 5.01
C ILE B 403 7.73 -57.63 4.43
N LYS B 404 8.69 -58.19 5.20
CA LYS B 404 10.10 -58.38 4.84
C LYS B 404 10.23 -59.31 3.63
N ARG B 405 9.37 -60.35 3.55
CA ARG B 405 9.36 -61.36 2.49
C ARG B 405 8.87 -60.82 1.14
N GLU B 406 7.76 -60.05 1.14
CA GLU B 406 7.19 -59.49 -0.09
C GLU B 406 8.04 -58.37 -0.69
N ILE B 407 8.95 -57.79 0.13
CA ILE B 407 9.87 -56.69 -0.24
C ILE B 407 11.26 -57.24 -0.65
N LEU B 408 11.77 -58.29 0.03
CA LEU B 408 13.08 -58.85 -0.27
C LEU B 408 13.06 -60.07 -1.19
N ILE B 409 12.02 -60.93 -1.10
CA ILE B 409 11.89 -62.14 -1.93
C ILE B 409 10.96 -61.88 -3.14
N LYS B 410 11.50 -62.11 -4.37
CA LYS B 410 10.80 -61.92 -5.64
C LYS B 410 9.87 -63.11 -5.93
N VAL B 411 8.58 -62.91 -5.66
CA VAL B 411 7.54 -63.93 -5.87
C VAL B 411 6.87 -63.73 -7.23
N THR B 412 7.14 -64.65 -8.17
CA THR B 412 6.60 -64.63 -9.54
C THR B 412 5.99 -65.99 -9.88
N VAL B 413 4.67 -66.01 -10.19
CA VAL B 413 3.98 -67.26 -10.54
C VAL B 413 3.64 -67.27 -12.03
N ALA B 414 4.10 -68.32 -12.74
CA ALA B 414 3.86 -68.51 -14.17
C ALA B 414 3.06 -69.79 -14.44
N GLY B 415 1.85 -69.60 -14.99
CA GLY B 415 0.92 -70.68 -15.32
C GLY B 415 0.42 -71.40 -14.09
N GLY B 416 1.18 -72.40 -13.67
CA GLY B 416 0.89 -73.20 -12.48
C GLY B 416 2.07 -73.20 -11.53
N THR B 417 3.27 -73.49 -12.07
CA THR B 417 4.54 -73.55 -11.34
C THR B 417 4.97 -72.16 -10.83
N LYS B 418 5.08 -72.04 -9.50
CA LYS B 418 5.48 -70.81 -8.81
C LYS B 418 7.01 -70.71 -8.80
N ILE B 419 7.55 -69.50 -9.02
CA ILE B 419 9.01 -69.25 -9.05
C ILE B 419 9.40 -68.26 -7.95
N GLU B 420 10.40 -68.65 -7.12
CA GLU B 420 10.91 -67.86 -6.00
C GLU B 420 12.28 -67.26 -6.32
N GLY B 421 12.47 -65.98 -6.01
CA GLY B 421 13.70 -65.24 -6.23
C GLY B 421 13.97 -64.17 -5.19
N ARG B 422 14.68 -63.08 -5.59
CA ARG B 422 15.01 -61.95 -4.72
C ARG B 422 14.99 -60.60 -5.46
N TRP B 423 14.31 -59.59 -4.87
CA TRP B 423 14.21 -58.23 -5.42
C TRP B 423 15.53 -57.48 -5.23
N ASN B 424 15.94 -56.67 -6.22
CA ASN B 424 17.18 -55.88 -6.17
C ASN B 424 17.05 -54.64 -5.28
N LYS B 425 18.18 -53.90 -5.05
CA LYS B 425 18.25 -52.71 -4.20
C LYS B 425 17.24 -51.63 -4.54
N ASN B 426 17.22 -51.18 -5.81
CA ASN B 426 16.32 -50.13 -6.30
C ASN B 426 14.86 -50.59 -6.33
N ASP B 427 14.63 -51.89 -6.62
CA ASP B 427 13.30 -52.51 -6.68
C ASP B 427 12.67 -52.63 -5.30
N ALA B 428 13.45 -53.02 -4.27
CA ALA B 428 12.99 -53.15 -2.88
C ALA B 428 12.69 -51.79 -2.26
N GLU B 429 13.42 -50.73 -2.68
CA GLU B 429 13.22 -49.35 -2.24
C GLU B 429 11.87 -48.84 -2.75
N VAL B 430 11.47 -49.30 -3.96
CA VAL B 430 10.19 -48.99 -4.61
C VAL B 430 9.05 -49.67 -3.83
N LEU B 431 9.23 -50.97 -3.47
CA LEU B 431 8.26 -51.76 -2.72
C LEU B 431 8.03 -51.20 -1.31
N LYS B 432 9.09 -50.65 -0.69
CA LYS B 432 9.07 -50.01 0.62
C LYS B 432 8.27 -48.71 0.50
N SER B 433 8.53 -47.92 -0.58
CA SER B 433 7.87 -46.64 -0.89
C SER B 433 6.40 -46.76 -1.26
N SER B 434 6.04 -47.77 -2.09
N SER B 434 6.03 -47.76 -2.10
CA SER B 434 4.67 -48.04 -2.55
CA SER B 434 4.67 -48.02 -2.54
C SER B 434 3.78 -48.51 -1.38
C SER B 434 3.77 -48.50 -1.38
N LEU B 435 4.40 -49.08 -0.34
CA LEU B 435 3.73 -49.57 0.88
C LEU B 435 3.34 -48.40 1.77
N CYS B 436 4.26 -47.39 1.90
CA CYS B 436 4.06 -46.17 2.69
C CYS B 436 3.01 -45.27 2.04
N LYS B 437 3.00 -45.23 0.69
CA LYS B 437 2.07 -44.47 -0.14
C LYS B 437 0.65 -44.99 0.02
N ALA B 438 0.47 -46.33 -0.06
CA ALA B 438 -0.82 -47.01 0.08
C ALA B 438 -1.37 -46.96 1.52
N MET B 439 -0.49 -47.00 2.53
CA MET B 439 -0.91 -46.94 3.93
C MET B 439 -1.47 -45.57 4.29
N TYR B 440 -0.86 -44.50 3.76
CA TYR B 440 -1.27 -43.12 4.00
C TYR B 440 -2.56 -42.76 3.26
N GLU B 441 -2.65 -43.12 1.96
CA GLU B 441 -3.80 -42.85 1.09
C GLU B 441 -5.05 -43.58 1.59
N LYS B 442 -4.92 -44.89 1.94
CA LYS B 442 -6.02 -45.70 2.46
C LYS B 442 -6.48 -45.22 3.84
N LEU B 443 -5.53 -44.73 4.67
CA LEU B 443 -5.81 -44.16 6.00
C LEU B 443 -6.54 -42.84 5.85
N PHE B 444 -6.07 -41.96 4.95
CA PHE B 444 -6.71 -40.68 4.67
C PHE B 444 -8.15 -40.93 4.22
N LEU B 445 -8.35 -41.90 3.31
CA LEU B 445 -9.68 -42.26 2.82
C LEU B 445 -10.51 -43.07 3.83
N TRP B 446 -9.86 -43.66 4.85
CA TRP B 446 -10.56 -44.40 5.91
C TRP B 446 -11.25 -43.42 6.86
N ILE B 447 -10.62 -42.25 7.09
CA ILE B 447 -11.14 -41.17 7.92
C ILE B 447 -12.40 -40.59 7.22
N ILE B 448 -12.35 -40.44 5.87
CA ILE B 448 -13.45 -40.00 4.99
C ILE B 448 -14.63 -40.96 5.13
N ARG B 449 -14.34 -42.28 5.12
CA ARG B 449 -15.32 -43.36 5.28
C ARG B 449 -15.92 -43.35 6.69
N HIS B 450 -15.07 -43.13 7.72
CA HIS B 450 -15.51 -43.03 9.11
C HIS B 450 -16.41 -41.81 9.27
N LEU B 451 -16.10 -40.73 8.56
CA LEU B 451 -16.90 -39.52 8.61
C LEU B 451 -18.24 -39.80 7.95
N ASN B 452 -18.22 -40.26 6.68
CA ASN B 452 -19.41 -40.60 5.90
C ASN B 452 -20.28 -41.67 6.56
N SER B 453 -19.69 -42.49 7.44
CA SER B 453 -20.45 -43.51 8.17
C SER B 453 -21.46 -42.86 9.14
N ARG B 454 -21.07 -41.72 9.73
CA ARG B 454 -21.88 -40.99 10.70
C ARG B 454 -22.72 -39.85 10.10
N ILE B 455 -22.18 -39.16 9.06
CA ILE B 455 -22.81 -37.98 8.47
C ILE B 455 -23.77 -38.27 7.27
N GLU B 456 -23.62 -39.42 6.60
CA GLU B 456 -24.46 -39.76 5.44
C GLU B 456 -25.94 -39.98 5.72
N PRO B 457 -26.84 -39.49 4.83
CA PRO B 457 -28.28 -39.74 5.03
C PRO B 457 -28.68 -41.13 4.56
N GLU B 458 -29.58 -41.77 5.32
CA GLU B 458 -30.11 -43.10 4.97
C GLU B 458 -31.16 -42.89 3.89
N GLY B 459 -30.98 -43.57 2.77
CA GLY B 459 -31.85 -43.43 1.61
C GLY B 459 -31.36 -42.34 0.67
N GLY B 460 -30.05 -42.08 0.72
CA GLY B 460 -29.33 -41.10 -0.10
C GLY B 460 -29.80 -39.67 0.00
N PHE B 461 -29.48 -38.89 -1.05
CA PHE B 461 -29.82 -37.47 -1.19
C PHE B 461 -30.92 -37.29 -2.26
N LYS B 462 -31.81 -36.30 -2.07
CA LYS B 462 -32.91 -35.99 -2.99
C LYS B 462 -32.63 -34.64 -3.69
N THR B 463 -32.51 -33.59 -2.88
CA THR B 463 -32.23 -32.23 -3.31
C THR B 463 -31.07 -31.76 -2.45
N PHE B 464 -29.84 -32.03 -2.93
CA PHE B 464 -28.60 -31.70 -2.19
C PHE B 464 -27.85 -30.49 -2.76
N MET B 465 -26.86 -30.00 -1.99
CA MET B 465 -26.00 -28.88 -2.35
C MET B 465 -24.56 -29.36 -2.57
N GLY B 466 -24.14 -29.40 -3.84
CA GLY B 466 -22.79 -29.80 -4.22
C GLY B 466 -21.80 -28.68 -4.02
N MET B 467 -20.54 -29.03 -3.77
CA MET B 467 -19.43 -28.08 -3.57
C MET B 467 -18.13 -28.73 -4.08
N LEU B 468 -17.43 -28.07 -5.02
CA LEU B 468 -16.24 -28.67 -5.60
C LEU B 468 -14.94 -27.88 -5.42
N ASP B 469 -14.11 -28.31 -4.46
CA ASP B 469 -12.78 -27.76 -4.18
C ASP B 469 -11.70 -28.65 -4.83
N ILE B 470 -11.18 -28.23 -5.98
CA ILE B 470 -10.14 -28.98 -6.66
C ILE B 470 -8.76 -28.34 -6.46
N PHE B 471 -7.73 -28.95 -7.07
CA PHE B 471 -6.36 -28.46 -7.07
C PHE B 471 -6.20 -27.56 -8.30
N GLY B 472 -5.94 -26.27 -8.07
CA GLY B 472 -5.80 -25.28 -9.14
C GLY B 472 -4.54 -25.41 -9.97
N PHE B 473 -4.56 -24.86 -11.19
CA PHE B 473 -3.45 -24.86 -12.15
C PHE B 473 -2.14 -24.54 -11.45
N GLU B 474 -1.17 -25.45 -11.53
CA GLU B 474 0.13 -25.23 -10.88
C GLU B 474 1.29 -25.48 -11.82
N VAL B 475 2.14 -24.46 -11.97
CA VAL B 475 3.32 -24.49 -12.82
C VAL B 475 4.56 -24.19 -11.99
N PHE B 476 5.54 -25.10 -12.05
CA PHE B 476 6.83 -24.99 -11.39
C PHE B 476 7.92 -25.01 -12.47
N LYS B 477 9.21 -24.96 -12.06
CA LYS B 477 10.35 -25.05 -12.99
C LYS B 477 10.30 -26.44 -13.62
N ASN B 478 10.02 -27.47 -12.79
CA ASN B 478 9.87 -28.85 -13.21
C ASN B 478 8.46 -29.34 -12.87
N ASN B 479 7.73 -29.72 -13.91
CA ASN B 479 6.36 -30.25 -13.83
C ASN B 479 6.38 -31.72 -14.24
N SER B 480 5.62 -32.58 -13.53
CA SER B 480 5.56 -34.01 -13.83
C SER B 480 4.12 -34.51 -14.03
N LEU B 481 3.87 -35.82 -13.80
CA LEU B 481 2.56 -36.44 -13.96
C LEU B 481 1.56 -35.89 -12.94
N GLU B 482 2.07 -35.54 -11.75
CA GLU B 482 1.30 -34.96 -10.65
C GLU B 482 0.71 -33.66 -11.17
N GLN B 483 1.58 -32.80 -11.73
CA GLN B 483 1.21 -31.51 -12.32
C GLN B 483 0.31 -31.70 -13.55
N LEU B 484 0.53 -32.79 -14.31
CA LEU B 484 -0.27 -33.11 -15.48
C LEU B 484 -1.72 -33.40 -15.09
N PHE B 485 -1.93 -34.26 -14.09
CA PHE B 485 -3.26 -34.64 -13.58
C PHE B 485 -4.02 -33.47 -12.98
N ILE B 486 -3.31 -32.51 -12.36
CA ILE B 486 -3.90 -31.32 -11.74
C ILE B 486 -4.44 -30.38 -12.82
N ASN B 487 -3.60 -30.04 -13.82
CA ASN B 487 -3.93 -29.17 -14.95
C ASN B 487 -5.03 -29.75 -15.84
N ILE B 488 -5.17 -31.10 -15.85
CA ILE B 488 -6.22 -31.81 -16.58
C ILE B 488 -7.56 -31.56 -15.88
N THR B 489 -7.58 -31.65 -14.53
CA THR B 489 -8.76 -31.40 -13.69
C THR B 489 -9.28 -30.01 -14.01
N ASN B 490 -8.40 -28.99 -13.95
CA ASN B 490 -8.72 -27.60 -14.25
C ASN B 490 -9.31 -27.40 -15.65
N GLU B 491 -8.74 -28.09 -16.65
CA GLU B 491 -9.23 -27.99 -18.02
C GLU B 491 -10.58 -28.66 -18.14
N MET B 492 -10.79 -29.75 -17.38
CA MET B 492 -12.06 -30.48 -17.40
C MET B 492 -13.18 -29.60 -16.83
N LEU B 493 -12.93 -28.96 -15.66
CA LEU B 493 -13.88 -28.08 -14.99
C LEU B 493 -14.28 -26.91 -15.87
N GLN B 494 -13.37 -26.50 -16.75
CA GLN B 494 -13.53 -25.41 -17.70
C GLN B 494 -14.42 -25.81 -18.88
N LYS B 495 -14.18 -27.01 -19.45
CA LYS B 495 -14.94 -27.55 -20.57
C LYS B 495 -16.42 -27.59 -20.22
N ASN B 496 -16.74 -28.11 -19.02
CA ASN B 496 -18.11 -28.18 -18.53
C ASN B 496 -18.66 -26.81 -18.18
N PHE B 497 -17.77 -25.86 -17.80
CA PHE B 497 -18.19 -24.48 -17.49
C PHE B 497 -18.66 -23.79 -18.77
N VAL B 498 -17.78 -23.78 -19.79
CA VAL B 498 -18.00 -23.17 -21.09
C VAL B 498 -19.28 -23.74 -21.74
N ASP B 499 -19.49 -25.06 -21.62
CA ASP B 499 -20.66 -25.75 -22.16
C ASP B 499 -21.96 -25.26 -21.53
N ILE B 500 -22.05 -25.31 -20.19
CA ILE B 500 -23.24 -24.91 -19.42
C ILE B 500 -23.55 -23.41 -19.58
N VAL B 501 -22.56 -22.56 -19.25
CA VAL B 501 -22.64 -21.10 -19.26
C VAL B 501 -22.89 -20.52 -20.66
N PHE B 502 -22.23 -21.05 -21.70
CA PHE B 502 -22.35 -20.53 -23.06
C PHE B 502 -23.11 -21.42 -24.07
N GLU B 503 -22.51 -22.57 -24.45
CA GLU B 503 -23.06 -23.50 -25.45
C GLU B 503 -24.53 -23.87 -25.22
N ARG B 504 -24.90 -24.19 -23.97
CA ARG B 504 -26.26 -24.59 -23.57
C ARG B 504 -27.24 -23.43 -23.52
N GLU B 505 -26.80 -22.28 -22.99
CA GLU B 505 -27.61 -21.07 -22.87
C GLU B 505 -27.97 -20.54 -24.26
N SER B 506 -26.99 -20.55 -25.18
CA SER B 506 -27.12 -20.11 -26.58
C SER B 506 -28.22 -20.91 -27.27
N LYS B 507 -28.22 -22.24 -27.06
CA LYS B 507 -29.19 -23.18 -27.63
C LYS B 507 -30.54 -23.06 -26.95
N LEU B 508 -30.56 -22.76 -25.65
CA LEU B 508 -31.79 -22.61 -24.86
C LEU B 508 -32.64 -21.44 -25.35
N TYR B 509 -32.04 -20.24 -25.43
CA TYR B 509 -32.69 -19.00 -25.90
C TYR B 509 -33.20 -19.13 -27.33
N LYS B 510 -32.43 -19.83 -28.18
CA LYS B 510 -32.74 -20.10 -29.57
C LYS B 510 -33.91 -21.09 -29.71
N ASP B 511 -33.88 -22.21 -28.96
CA ASP B 511 -34.91 -23.26 -28.98
C ASP B 511 -36.24 -22.78 -28.41
N GLU B 512 -36.20 -21.87 -27.43
CA GLU B 512 -37.40 -21.33 -26.81
C GLU B 512 -38.10 -20.32 -27.72
N GLY B 513 -37.34 -19.78 -28.67
CA GLY B 513 -37.81 -18.79 -29.64
C GLY B 513 -37.67 -17.37 -29.15
N ILE B 514 -36.62 -17.12 -28.34
CA ILE B 514 -36.34 -15.80 -27.79
C ILE B 514 -35.27 -15.08 -28.65
N SER B 515 -33.99 -15.47 -28.49
CA SER B 515 -32.89 -14.86 -29.22
C SER B 515 -32.17 -15.85 -30.13
N THR B 516 -32.15 -15.51 -31.42
CA THR B 516 -31.45 -16.28 -32.46
C THR B 516 -29.96 -15.94 -32.47
N ALA B 517 -29.58 -14.80 -31.80
CA ALA B 517 -28.22 -14.29 -31.68
C ALA B 517 -27.23 -15.29 -31.11
N GLU B 518 -25.99 -15.23 -31.60
CA GLU B 518 -24.91 -16.13 -31.18
C GLU B 518 -24.05 -15.53 -30.07
N LEU B 519 -23.50 -16.43 -29.26
CA LEU B 519 -22.63 -16.12 -28.14
C LEU B 519 -21.20 -16.36 -28.59
N LYS B 520 -20.36 -15.35 -28.45
CA LYS B 520 -18.96 -15.47 -28.83
C LYS B 520 -18.12 -15.80 -27.60
N TYR B 521 -17.38 -16.91 -27.67
CA TYR B 521 -16.55 -17.40 -26.57
C TYR B 521 -15.47 -18.33 -27.04
N THR B 522 -14.41 -18.44 -26.25
CA THR B 522 -13.27 -19.30 -26.48
C THR B 522 -13.41 -20.53 -25.59
N SER B 523 -13.40 -21.70 -26.24
CA SER B 523 -13.48 -23.01 -25.58
C SER B 523 -12.12 -23.72 -25.66
N ASN B 524 -11.93 -24.67 -24.74
CA ASN B 524 -10.71 -25.49 -24.62
C ASN B 524 -10.89 -26.81 -25.37
N LYS B 525 -12.01 -26.95 -26.13
CA LYS B 525 -12.41 -28.11 -26.91
C LYS B 525 -11.24 -28.87 -27.54
N GLU B 526 -10.27 -28.15 -28.11
CA GLU B 526 -9.08 -28.74 -28.74
C GLU B 526 -8.08 -29.25 -27.71
N VAL B 527 -7.70 -28.40 -26.70
CA VAL B 527 -6.71 -28.76 -25.68
C VAL B 527 -7.26 -29.85 -24.71
N ILE B 528 -8.58 -29.92 -24.52
CA ILE B 528 -9.18 -30.95 -23.66
C ILE B 528 -9.12 -32.30 -24.37
N ASN B 529 -9.29 -32.30 -25.70
CA ASN B 529 -9.24 -33.52 -26.49
C ASN B 529 -7.83 -34.08 -26.62
N VAL B 530 -6.79 -33.21 -26.65
CA VAL B 530 -5.39 -33.68 -26.75
C VAL B 530 -4.92 -34.31 -25.43
N LEU B 531 -5.77 -34.28 -24.40
CA LEU B 531 -5.45 -34.86 -23.11
C LEU B 531 -6.45 -35.89 -22.67
N CYS B 532 -7.74 -35.71 -23.00
CA CYS B 532 -8.81 -36.59 -22.52
C CYS B 532 -9.62 -37.36 -23.60
N GLU B 533 -9.43 -37.08 -24.91
CA GLU B 533 -10.19 -37.83 -25.92
C GLU B 533 -9.65 -39.25 -26.04
N LYS B 534 -10.46 -40.26 -25.64
CA LYS B 534 -10.12 -41.68 -25.66
C LYS B 534 -9.65 -42.16 -27.04
N GLY B 535 -8.47 -42.78 -27.07
CA GLY B 535 -7.84 -43.28 -28.29
C GLY B 535 -6.77 -42.36 -28.84
N LYS B 536 -7.05 -41.03 -28.87
CA LYS B 536 -6.16 -39.98 -29.37
C LYS B 536 -6.00 -38.85 -28.33
N SER B 537 -5.18 -39.09 -27.29
CA SER B 537 -4.89 -38.12 -26.22
C SER B 537 -3.67 -38.52 -25.39
N VAL B 538 -3.00 -37.53 -24.76
CA VAL B 538 -1.80 -37.71 -23.92
C VAL B 538 -2.07 -38.74 -22.81
N LEU B 539 -3.30 -38.77 -22.25
CA LEU B 539 -3.65 -39.76 -21.23
C LEU B 539 -3.86 -41.19 -21.79
N SER B 540 -4.46 -41.31 -22.99
N SER B 540 -4.46 -41.32 -22.99
CA SER B 540 -4.71 -42.62 -23.64
CA SER B 540 -4.71 -42.60 -23.64
C SER B 540 -3.42 -43.28 -24.14
C SER B 540 -3.42 -43.28 -24.14
N TYR B 541 -2.45 -42.48 -24.63
CA TYR B 541 -1.15 -42.98 -25.12
C TYR B 541 -0.23 -43.42 -23.99
N LEU B 542 -0.44 -42.86 -22.78
CA LEU B 542 0.30 -43.21 -21.57
C LEU B 542 -0.13 -44.61 -21.16
N GLU B 543 -1.45 -44.85 -21.13
CA GLU B 543 -2.07 -46.13 -20.80
C GLU B 543 -1.59 -47.23 -21.76
N ASP B 544 -1.49 -46.92 -23.06
CA ASP B 544 -1.01 -47.87 -24.08
C ASP B 544 0.46 -48.27 -23.87
N GLN B 545 1.28 -47.34 -23.39
N GLN B 545 1.28 -47.34 -23.39
CA GLN B 545 2.71 -47.56 -23.10
CA GLN B 545 2.71 -47.55 -23.10
C GLN B 545 2.91 -48.42 -21.86
C GLN B 545 2.91 -48.42 -21.86
N CYS B 546 2.07 -48.23 -20.83
CA CYS B 546 2.11 -48.97 -19.56
C CYS B 546 1.66 -50.42 -19.77
N LEU B 547 0.51 -50.62 -20.44
CA LEU B 547 -0.05 -51.94 -20.73
C LEU B 547 0.87 -52.74 -21.66
N ALA B 548 1.65 -52.04 -22.51
CA ALA B 548 2.63 -52.68 -23.40
C ALA B 548 3.89 -53.05 -22.60
N PRO B 549 4.42 -54.28 -22.73
CA PRO B 549 5.61 -54.67 -21.96
C PRO B 549 6.88 -53.90 -22.37
N GLY B 550 7.13 -53.84 -23.68
CA GLY B 550 8.27 -53.15 -24.26
C GLY B 550 8.02 -51.68 -24.55
N GLY B 551 7.55 -50.94 -23.54
CA GLY B 551 7.26 -49.52 -23.64
C GLY B 551 8.01 -48.71 -22.60
N THR B 552 8.68 -47.63 -23.05
CA THR B 552 9.47 -46.75 -22.18
C THR B 552 8.86 -45.33 -22.04
N ASP B 553 9.45 -44.50 -21.16
CA ASP B 553 9.02 -43.12 -20.94
C ASP B 553 9.31 -42.28 -22.19
N GLU B 554 10.46 -42.54 -22.84
CA GLU B 554 10.93 -41.89 -24.07
C GLU B 554 10.08 -42.26 -25.27
N LYS B 555 9.62 -43.54 -25.33
CA LYS B 555 8.76 -44.09 -26.39
C LYS B 555 7.36 -43.44 -26.34
N PHE B 556 6.92 -43.02 -25.12
CA PHE B 556 5.64 -42.37 -24.87
C PHE B 556 5.58 -40.98 -25.51
N VAL B 557 6.64 -40.18 -25.32
CA VAL B 557 6.75 -38.82 -25.86
C VAL B 557 6.64 -38.91 -27.38
N SER B 558 7.41 -39.85 -27.97
CA SER B 558 7.45 -40.16 -29.41
C SER B 558 6.07 -40.61 -29.92
N SER B 559 5.33 -41.38 -29.10
CA SER B 559 3.98 -41.87 -29.39
C SER B 559 2.99 -40.69 -29.48
N CYS B 560 3.23 -39.64 -28.68
CA CYS B 560 2.40 -38.46 -28.70
C CYS B 560 2.79 -37.52 -29.84
N ALA B 561 4.10 -37.24 -29.96
CA ALA B 561 4.70 -36.34 -30.96
C ALA B 561 4.31 -36.57 -32.42
N THR B 562 4.12 -37.85 -32.81
N THR B 562 4.12 -37.85 -32.81
CA THR B 562 3.77 -38.22 -34.18
CA THR B 562 3.77 -38.23 -34.19
C THR B 562 2.25 -38.25 -34.42
C THR B 562 2.25 -38.24 -34.42
N ASN B 563 1.50 -38.79 -33.45
CA ASN B 563 0.03 -38.91 -33.52
C ASN B 563 -0.67 -37.58 -33.31
N LEU B 564 -0.36 -36.90 -32.18
CA LEU B 564 -0.93 -35.62 -31.78
C LEU B 564 -0.10 -34.45 -32.35
N LYS B 565 0.57 -34.69 -33.50
CA LYS B 565 1.41 -33.74 -34.22
C LYS B 565 0.64 -32.46 -34.55
N GLU B 566 -0.49 -32.61 -35.27
CA GLU B 566 -1.37 -31.52 -35.70
C GLU B 566 -2.14 -30.87 -34.54
N ASN B 567 -3.13 -29.99 -34.88
CA ASN B 567 -4.03 -29.21 -34.01
C ASN B 567 -3.29 -28.17 -33.11
N ASN B 568 -1.94 -28.12 -33.17
CA ASN B 568 -1.06 -27.20 -32.44
C ASN B 568 -0.96 -27.45 -30.93
N LYS B 569 -2.10 -27.66 -30.22
CA LYS B 569 -2.21 -27.86 -28.75
C LYS B 569 -1.13 -28.76 -28.13
N PHE B 570 -0.56 -29.69 -28.91
CA PHE B 570 0.58 -30.50 -28.46
C PHE B 570 1.80 -30.00 -29.22
N THR B 571 2.82 -29.56 -28.46
CA THR B 571 4.08 -29.07 -29.01
C THR B 571 5.23 -29.75 -28.26
N PRO B 572 6.04 -30.62 -28.91
CA PRO B 572 7.15 -31.26 -28.18
C PRO B 572 8.26 -30.26 -27.89
N ALA B 573 8.93 -30.42 -26.73
CA ALA B 573 9.97 -29.52 -26.23
C ALA B 573 11.12 -29.25 -27.20
N LYS B 574 11.65 -28.00 -27.16
CA LYS B 574 12.79 -27.56 -27.97
C LYS B 574 14.06 -28.25 -27.47
N VAL B 575 14.21 -28.34 -26.13
CA VAL B 575 15.33 -28.96 -25.43
C VAL B 575 14.91 -30.33 -24.90
N ALA B 576 15.69 -31.38 -25.26
CA ALA B 576 15.48 -32.78 -24.88
C ALA B 576 14.04 -33.23 -25.13
N SER B 577 13.62 -33.15 -26.41
CA SER B 577 12.28 -33.52 -26.91
C SER B 577 11.93 -34.99 -26.62
N ASN B 578 12.96 -35.86 -26.54
CA ASN B 578 12.87 -37.29 -26.26
C ASN B 578 12.31 -37.60 -24.86
N LYS B 579 12.52 -36.67 -23.90
CA LYS B 579 12.08 -36.81 -22.50
C LYS B 579 11.20 -35.65 -21.98
N ASN B 580 10.85 -34.67 -22.86
CA ASN B 580 10.03 -33.51 -22.48
C ASN B 580 9.02 -33.10 -23.57
N PHE B 581 7.88 -32.51 -23.14
CA PHE B 581 6.79 -32.04 -24.03
C PHE B 581 6.03 -30.86 -23.42
N ILE B 582 5.38 -30.05 -24.28
CA ILE B 582 4.60 -28.87 -23.88
C ILE B 582 3.14 -29.00 -24.32
N ILE B 583 2.22 -28.50 -23.49
CA ILE B 583 0.78 -28.45 -23.75
C ILE B 583 0.33 -26.99 -23.70
N GLN B 584 -0.42 -26.54 -24.73
CA GLN B 584 -0.94 -25.17 -24.88
C GLN B 584 -2.22 -24.95 -24.06
N HIS B 585 -2.07 -24.94 -22.72
CA HIS B 585 -3.17 -24.78 -21.76
C HIS B 585 -3.89 -23.44 -21.86
N THR B 586 -5.04 -23.33 -21.18
CA THR B 586 -5.87 -22.13 -21.11
C THR B 586 -5.12 -21.03 -20.27
N ILE B 587 -4.00 -21.42 -19.65
CA ILE B 587 -3.10 -20.56 -18.88
C ILE B 587 -1.73 -20.42 -19.61
N GLY B 588 -1.68 -20.92 -20.84
CA GLY B 588 -0.49 -20.86 -21.67
C GLY B 588 0.29 -22.15 -21.79
N PRO B 589 1.54 -22.10 -22.27
CA PRO B 589 2.34 -23.32 -22.43
C PRO B 589 2.95 -23.85 -21.14
N ILE B 590 2.81 -25.16 -20.87
CA ILE B 590 3.36 -25.83 -19.68
C ILE B 590 4.19 -27.04 -20.11
N GLN B 591 5.50 -27.05 -19.77
CA GLN B 591 6.42 -28.15 -20.12
C GLN B 591 6.49 -29.19 -19.03
N TYR B 592 6.37 -30.47 -19.41
CA TYR B 592 6.39 -31.60 -18.49
C TYR B 592 7.57 -32.51 -18.74
N CYS B 593 8.34 -32.81 -17.68
CA CYS B 593 9.44 -33.76 -17.82
C CYS B 593 8.84 -35.13 -17.69
N ALA B 594 8.67 -35.81 -18.83
CA ALA B 594 8.07 -37.14 -18.97
C ALA B 594 8.82 -38.29 -18.26
N GLU B 595 9.81 -37.95 -17.39
CA GLU B 595 10.59 -38.92 -16.62
C GLU B 595 9.75 -39.53 -15.51
N SER B 596 9.76 -40.89 -15.43
CA SER B 596 9.02 -41.73 -14.48
C SER B 596 7.49 -41.73 -14.71
N PHE B 597 7.01 -41.11 -15.81
CA PHE B 597 5.59 -41.00 -16.19
C PHE B 597 4.85 -42.33 -16.18
N LEU B 598 5.51 -43.39 -16.66
CA LEU B 598 4.96 -44.73 -16.70
C LEU B 598 4.99 -45.35 -15.29
N LEU B 599 6.07 -45.10 -14.52
CA LEU B 599 6.26 -45.60 -13.15
C LEU B 599 5.25 -45.01 -12.17
N LYS B 600 4.99 -43.69 -12.27
CA LYS B 600 4.05 -42.94 -11.44
C LYS B 600 2.62 -43.37 -11.73
N ASN B 601 2.28 -43.56 -13.02
CA ASN B 601 0.96 -43.99 -13.48
C ASN B 601 0.65 -45.41 -13.03
N LYS B 602 1.69 -46.25 -12.87
CA LYS B 602 1.56 -47.63 -12.45
C LYS B 602 1.48 -47.81 -10.93
N ASP B 603 2.17 -46.96 -10.15
CA ASP B 603 2.28 -47.05 -8.69
C ASP B 603 0.94 -47.17 -7.93
N VAL B 604 0.60 -48.43 -7.62
CA VAL B 604 -0.55 -48.91 -6.85
C VAL B 604 -0.13 -50.28 -6.26
N LEU B 605 -0.02 -50.36 -4.93
CA LEU B 605 0.47 -51.52 -4.16
C LEU B 605 0.03 -52.89 -4.68
N ARG B 606 1.00 -53.81 -4.75
CA ARG B 606 0.89 -55.21 -5.18
C ARG B 606 -0.09 -55.99 -4.32
N GLY B 607 -0.70 -57.02 -4.90
CA GLY B 607 -1.64 -57.90 -4.22
C GLY B 607 -0.99 -58.71 -3.11
N ASP B 608 0.35 -58.95 -3.21
CA ASP B 608 1.17 -59.69 -2.25
C ASP B 608 1.20 -59.05 -0.85
N LEU B 609 1.41 -57.73 -0.79
CA LEU B 609 1.45 -56.95 0.45
C LEU B 609 0.04 -56.58 0.95
N VAL B 610 -0.96 -56.48 0.03
CA VAL B 610 -2.37 -56.17 0.29
C VAL B 610 -2.99 -57.21 1.25
N GLU B 611 -2.66 -58.50 1.05
CA GLU B 611 -3.11 -59.63 1.87
C GLU B 611 -2.60 -59.52 3.32
N VAL B 612 -1.35 -59.02 3.50
CA VAL B 612 -0.69 -58.83 4.81
C VAL B 612 -1.40 -57.76 5.64
N ILE B 613 -1.86 -56.67 4.98
CA ILE B 613 -2.57 -55.53 5.60
C ILE B 613 -4.07 -55.87 5.84
N LYS B 614 -4.60 -56.82 5.06
CA LYS B 614 -5.98 -57.30 5.20
C LYS B 614 -6.10 -58.30 6.36
N ASP B 615 -5.04 -59.10 6.60
CA ASP B 615 -4.97 -60.12 7.66
C ASP B 615 -4.58 -59.58 9.05
N SER B 616 -4.26 -58.27 9.14
CA SER B 616 -3.82 -57.54 10.34
C SER B 616 -4.64 -57.83 11.62
N PRO B 617 -3.99 -57.92 12.82
CA PRO B 617 -4.77 -58.15 14.04
C PRO B 617 -5.51 -56.89 14.53
N ASN B 618 -5.19 -55.72 13.94
CA ASN B 618 -5.80 -54.43 14.25
C ASN B 618 -7.00 -54.18 13.32
N PRO B 619 -8.18 -53.75 13.85
CA PRO B 619 -9.36 -53.56 12.99
C PRO B 619 -9.23 -52.44 11.95
N ILE B 620 -8.68 -51.28 12.36
CA ILE B 620 -8.49 -50.10 11.49
C ILE B 620 -7.55 -50.43 10.33
N VAL B 621 -6.46 -51.19 10.59
CA VAL B 621 -5.46 -51.60 9.59
C VAL B 621 -6.07 -52.59 8.55
N GLN B 622 -7.08 -53.40 8.96
CA GLN B 622 -7.81 -54.34 8.09
C GLN B 622 -8.75 -53.57 7.17
N GLN B 623 -9.48 -52.58 7.75
CA GLN B 623 -10.48 -51.71 7.11
C GLN B 623 -9.93 -50.75 6.04
N LEU B 624 -8.59 -50.61 5.94
CA LEU B 624 -7.95 -49.73 4.95
C LEU B 624 -8.15 -50.29 3.54
N PHE B 625 -7.83 -51.57 3.36
CA PHE B 625 -8.00 -52.30 2.11
C PHE B 625 -9.29 -53.10 2.22
N GLU B 626 -10.41 -52.35 2.30
CA GLU B 626 -11.76 -52.86 2.44
C GLU B 626 -12.37 -53.11 1.05
N GLY B 627 -12.63 -54.38 0.74
CA GLY B 627 -13.17 -54.84 -0.53
C GLY B 627 -12.27 -54.52 -1.71
N GLN B 628 -10.94 -54.60 -1.49
CA GLN B 628 -9.92 -54.31 -2.49
C GLN B 628 -9.54 -55.58 -3.27
N VAL B 629 -9.54 -55.47 -4.61
CA VAL B 629 -9.22 -56.59 -5.52
C VAL B 629 -7.73 -56.95 -5.43
N ILE B 630 -7.43 -58.11 -4.82
CA ILE B 630 -6.07 -58.62 -4.68
C ILE B 630 -5.64 -59.09 -6.07
N GLU B 631 -4.81 -58.29 -6.74
CA GLU B 631 -4.35 -58.57 -8.11
C GLU B 631 -2.87 -58.95 -8.20
N LYS B 632 -2.57 -59.97 -9.01
CA LYS B 632 -1.22 -60.48 -9.23
C LYS B 632 -0.90 -60.60 -10.72
N GLY B 633 0.30 -60.18 -11.10
CA GLY B 633 0.77 -60.19 -12.49
C GLY B 633 0.80 -58.83 -13.12
N LYS B 634 0.42 -58.75 -14.43
CA LYS B 634 0.38 -57.50 -15.19
C LYS B 634 -0.77 -56.59 -14.73
N ILE B 635 -0.49 -55.28 -14.56
CA ILE B 635 -1.45 -54.26 -14.13
C ILE B 635 -2.57 -54.08 -15.18
N ALA B 636 -3.85 -54.17 -14.74
CA ALA B 636 -5.04 -54.00 -15.58
C ALA B 636 -5.31 -52.52 -15.85
N LYS B 637 -6.07 -52.22 -16.93
CA LYS B 637 -6.41 -50.84 -17.33
C LYS B 637 -7.20 -50.06 -16.23
N GLY B 638 -7.96 -50.79 -15.41
CA GLY B 638 -8.74 -50.23 -14.31
C GLY B 638 -7.94 -50.00 -13.04
N SER B 639 -6.72 -50.58 -12.97
CA SER B 639 -5.81 -50.46 -11.83
C SER B 639 -4.80 -49.31 -12.02
N LEU B 640 -4.58 -48.87 -13.28
CA LEU B 640 -3.68 -47.77 -13.66
C LEU B 640 -4.20 -46.43 -13.15
N ILE B 641 -3.39 -45.72 -12.34
CA ILE B 641 -3.68 -44.45 -11.65
C ILE B 641 -4.36 -43.41 -12.56
N GLY B 642 -3.77 -43.13 -13.72
CA GLY B 642 -4.31 -42.16 -14.67
C GLY B 642 -5.68 -42.54 -15.20
N SER B 643 -5.83 -43.82 -15.57
CA SER B 643 -7.07 -44.39 -16.08
C SER B 643 -8.13 -44.39 -14.99
N GLN B 644 -7.73 -44.69 -13.74
CA GLN B 644 -8.58 -44.72 -12.56
C GLN B 644 -8.96 -43.29 -12.15
N PHE B 645 -8.12 -42.29 -12.50
CA PHE B 645 -8.32 -40.88 -12.21
C PHE B 645 -9.36 -40.27 -13.15
N LEU B 646 -9.17 -40.44 -14.48
CA LEU B 646 -10.06 -39.91 -15.50
C LEU B 646 -11.47 -40.42 -15.37
N ASN B 647 -11.65 -41.73 -15.11
CA ASN B 647 -12.96 -42.34 -14.94
C ASN B 647 -13.70 -41.85 -13.70
N GLN B 648 -12.95 -41.49 -12.63
CA GLN B 648 -13.48 -40.93 -11.39
C GLN B 648 -13.93 -39.50 -11.63
N LEU B 649 -13.12 -38.75 -12.40
CA LEU B 649 -13.35 -37.36 -12.81
C LEU B 649 -14.57 -37.29 -13.72
N THR B 650 -14.62 -38.15 -14.76
CA THR B 650 -15.71 -38.28 -15.74
C THR B 650 -17.07 -38.42 -15.05
N SER B 651 -17.18 -39.37 -14.10
N SER B 651 -17.18 -39.37 -14.10
CA SER B 651 -18.39 -39.65 -13.32
CA SER B 651 -18.40 -39.65 -13.34
C SER B 651 -18.85 -38.45 -12.49
C SER B 651 -18.85 -38.46 -12.48
N LEU B 652 -17.88 -37.77 -11.85
CA LEU B 652 -18.11 -36.60 -11.01
C LEU B 652 -18.71 -35.44 -11.81
N MET B 653 -18.20 -35.20 -13.04
N MET B 653 -18.20 -35.21 -13.03
CA MET B 653 -18.66 -34.11 -13.90
CA MET B 653 -18.65 -34.13 -13.92
C MET B 653 -20.13 -34.22 -14.30
C MET B 653 -20.12 -34.22 -14.31
N ASN B 654 -20.60 -35.45 -14.60
CA ASN B 654 -21.99 -35.71 -15.00
C ASN B 654 -22.93 -35.48 -13.82
N LEU B 655 -22.45 -35.82 -12.62
CA LEU B 655 -23.14 -35.63 -11.34
C LEU B 655 -23.37 -34.14 -11.14
N ILE B 656 -22.41 -33.31 -11.58
CA ILE B 656 -22.47 -31.86 -11.50
C ILE B 656 -23.34 -31.29 -12.65
N ASN B 657 -23.28 -31.90 -13.86
CA ASN B 657 -24.06 -31.47 -15.04
C ASN B 657 -25.57 -31.58 -14.83
N SER B 658 -25.99 -32.57 -14.02
CA SER B 658 -27.37 -32.87 -13.66
C SER B 658 -27.98 -31.82 -12.69
N THR B 659 -27.13 -31.05 -11.99
CA THR B 659 -27.53 -30.03 -11.02
C THR B 659 -27.54 -28.63 -11.66
N GLU B 660 -27.77 -27.58 -10.84
CA GLU B 660 -27.74 -26.18 -11.26
C GLU B 660 -26.47 -25.54 -10.70
N PRO B 661 -25.38 -25.47 -11.50
CA PRO B 661 -24.12 -24.95 -10.96
C PRO B 661 -24.07 -23.45 -10.75
N HIS B 662 -23.15 -23.03 -9.88
CA HIS B 662 -22.85 -21.67 -9.46
C HIS B 662 -21.32 -21.56 -9.47
N PHE B 663 -20.78 -20.51 -10.09
CA PHE B 663 -19.34 -20.40 -10.25
C PHE B 663 -18.72 -19.27 -9.48
N ILE B 664 -17.66 -19.59 -8.74
CA ILE B 664 -16.85 -18.64 -7.99
C ILE B 664 -15.50 -18.64 -8.67
N ARG B 665 -15.08 -17.47 -9.17
CA ARG B 665 -13.82 -17.36 -9.91
C ARG B 665 -12.78 -16.60 -9.10
N CYS B 666 -11.91 -17.36 -8.42
CA CYS B 666 -10.86 -16.85 -7.54
C CYS B 666 -9.63 -16.41 -8.31
N ILE B 667 -9.13 -15.19 -8.02
CA ILE B 667 -7.95 -14.62 -8.66
C ILE B 667 -6.80 -14.41 -7.66
N LYS B 668 -5.61 -14.92 -7.99
CA LYS B 668 -4.38 -14.77 -7.21
C LYS B 668 -3.69 -13.51 -7.77
N PRO B 669 -3.70 -12.36 -7.06
CA PRO B 669 -3.12 -11.13 -7.62
C PRO B 669 -1.61 -11.09 -7.80
N ASN B 670 -0.84 -11.83 -6.99
CA ASN B 670 0.64 -11.86 -7.05
C ASN B 670 1.22 -13.18 -6.53
N GLU B 671 2.46 -13.48 -6.95
CA GLU B 671 3.17 -14.69 -6.53
C GLU B 671 3.91 -14.49 -5.21
N ASN B 672 4.27 -13.23 -4.90
CA ASN B 672 4.99 -12.81 -3.69
C ASN B 672 4.19 -13.07 -2.39
N LYS B 673 2.88 -13.41 -2.54
CA LYS B 673 1.92 -13.70 -1.48
C LYS B 673 1.77 -12.48 -0.55
N LYS B 674 1.49 -11.30 -1.16
CA LYS B 674 1.38 -10.02 -0.47
C LYS B 674 0.00 -9.36 -0.63
N PRO B 675 -0.57 -8.76 0.44
CA PRO B 675 -1.84 -8.05 0.31
C PRO B 675 -1.64 -6.72 -0.39
N LEU B 676 -2.74 -6.19 -0.98
CA LEU B 676 -2.81 -4.93 -1.72
C LEU B 676 -1.62 -4.72 -2.68
N GLU B 677 -1.36 -5.75 -3.51
CA GLU B 677 -0.32 -5.82 -4.53
C GLU B 677 -0.94 -6.37 -5.83
N TRP B 678 -1.09 -5.49 -6.83
CA TRP B 678 -1.72 -5.77 -8.12
C TRP B 678 -0.67 -6.09 -9.17
N CYS B 679 -0.80 -7.26 -9.82
CA CYS B 679 0.10 -7.68 -10.89
C CYS B 679 -0.75 -8.00 -12.14
N GLU B 680 -0.96 -6.96 -12.99
CA GLU B 680 -1.75 -6.98 -14.22
C GLU B 680 -1.53 -8.22 -15.10
N PRO B 681 -0.27 -8.70 -15.38
CA PRO B 681 -0.14 -9.91 -16.20
C PRO B 681 -0.88 -11.13 -15.64
N LYS B 682 -0.49 -11.58 -14.42
CA LYS B 682 -1.04 -12.73 -13.71
C LYS B 682 -2.57 -12.70 -13.58
N ILE B 683 -3.13 -11.50 -13.34
CA ILE B 683 -4.56 -11.27 -13.21
C ILE B 683 -5.25 -11.42 -14.58
N LEU B 684 -4.67 -10.82 -15.63
CA LEU B 684 -5.23 -10.89 -16.98
C LEU B 684 -5.37 -12.31 -17.52
N ILE B 685 -4.35 -13.16 -17.28
CA ILE B 685 -4.35 -14.57 -17.68
C ILE B 685 -5.52 -15.27 -17.01
N GLN B 686 -5.74 -14.96 -15.72
CA GLN B 686 -6.83 -15.48 -14.91
C GLN B 686 -8.18 -14.88 -15.33
N LEU B 687 -8.19 -13.69 -15.95
CA LEU B 687 -9.43 -13.08 -16.44
C LEU B 687 -9.90 -13.82 -17.69
N HIS B 688 -8.95 -14.43 -18.39
CA HIS B 688 -9.21 -15.24 -19.57
C HIS B 688 -9.52 -16.67 -19.17
N ALA B 689 -8.62 -17.32 -18.39
CA ALA B 689 -8.73 -18.70 -17.93
C ALA B 689 -9.98 -19.01 -17.08
N LEU B 690 -10.68 -17.96 -16.56
CA LEU B 690 -11.92 -18.13 -15.79
C LEU B 690 -13.11 -17.59 -16.60
N SER B 691 -12.80 -17.09 -17.82
CA SER B 691 -13.73 -16.53 -18.82
C SER B 691 -14.57 -15.39 -18.23
N ILE B 692 -13.91 -14.49 -17.49
CA ILE B 692 -14.59 -13.36 -16.86
C ILE B 692 -14.96 -12.34 -17.92
N LEU B 693 -14.02 -12.01 -18.81
CA LEU B 693 -14.24 -11.06 -19.90
C LEU B 693 -15.23 -11.63 -20.91
N GLU B 694 -15.23 -12.95 -21.08
CA GLU B 694 -16.12 -13.64 -22.01
C GLU B 694 -17.55 -13.70 -21.47
N ALA B 695 -17.71 -13.72 -20.13
CA ALA B 695 -19.01 -13.77 -19.48
C ALA B 695 -19.83 -12.49 -19.68
N LEU B 696 -19.21 -11.45 -20.26
CA LEU B 696 -19.83 -10.16 -20.55
C LEU B 696 -20.85 -10.28 -21.70
N VAL B 697 -20.56 -11.13 -22.69
CA VAL B 697 -21.44 -11.32 -23.85
C VAL B 697 -22.86 -11.70 -23.43
N LEU B 698 -23.00 -12.43 -22.30
CA LEU B 698 -24.26 -12.89 -21.70
C LEU B 698 -25.20 -11.73 -21.29
N ARG B 699 -24.81 -10.49 -21.57
CA ARG B 699 -25.64 -9.31 -21.33
C ARG B 699 -26.70 -9.30 -22.43
N GLN B 700 -26.30 -9.72 -23.65
CA GLN B 700 -27.12 -9.81 -24.87
C GLN B 700 -28.46 -10.52 -24.65
N LEU B 701 -28.46 -11.57 -23.79
CA LEU B 701 -29.63 -12.39 -23.45
C LEU B 701 -30.76 -11.54 -22.88
N GLY B 702 -30.39 -10.57 -22.02
CA GLY B 702 -31.31 -9.64 -21.38
C GLY B 702 -31.96 -10.22 -20.14
N TYR B 703 -32.68 -11.35 -20.33
CA TYR B 703 -33.42 -12.08 -19.30
C TYR B 703 -32.52 -12.82 -18.32
N SER B 704 -32.89 -12.75 -17.03
CA SER B 704 -32.13 -13.38 -15.94
C SER B 704 -32.96 -14.43 -15.16
N TYR B 705 -33.89 -15.11 -15.88
CA TYR B 705 -34.75 -16.17 -15.35
C TYR B 705 -35.15 -17.12 -16.47
N ARG B 706 -34.63 -18.36 -16.41
CA ARG B 706 -34.92 -19.40 -17.40
C ARG B 706 -35.45 -20.67 -16.72
N ARG B 707 -36.78 -20.71 -16.49
CA ARG B 707 -37.48 -21.84 -15.85
C ARG B 707 -38.81 -22.14 -16.52
N THR B 708 -39.19 -23.45 -16.59
CA THR B 708 -40.44 -23.94 -17.20
C THR B 708 -41.68 -23.49 -16.43
N PHE B 709 -42.87 -23.54 -17.07
CA PHE B 709 -44.16 -23.18 -16.45
C PHE B 709 -44.36 -23.88 -15.11
N GLU B 710 -43.95 -25.17 -15.03
CA GLU B 710 -44.01 -26.01 -13.84
C GLU B 710 -43.11 -25.43 -12.73
N GLU B 711 -41.85 -25.10 -13.06
CA GLU B 711 -40.86 -24.52 -12.14
C GLU B 711 -41.33 -23.17 -11.60
N PHE B 712 -42.02 -22.36 -12.45
CA PHE B 712 -42.57 -21.07 -12.09
C PHE B 712 -43.75 -21.27 -11.14
N LEU B 713 -44.62 -22.24 -11.43
CA LEU B 713 -45.80 -22.54 -10.63
C LEU B 713 -45.48 -23.12 -9.23
N TYR B 714 -44.31 -23.78 -9.06
CA TYR B 714 -43.95 -24.32 -7.74
C TYR B 714 -43.38 -23.22 -6.85
N GLN B 715 -42.39 -22.46 -7.34
CA GLN B 715 -41.75 -21.37 -6.62
C GLN B 715 -42.71 -20.20 -6.40
N TYR B 716 -43.61 -19.94 -7.37
CA TYR B 716 -44.58 -18.85 -7.31
C TYR B 716 -46.02 -19.33 -7.63
N LYS B 717 -46.91 -19.29 -6.62
CA LYS B 717 -48.32 -19.67 -6.72
C LYS B 717 -49.12 -18.99 -5.61
N PHE B 718 -48.40 -18.61 -4.55
CA PHE B 718 -48.90 -17.96 -3.35
C PHE B 718 -49.38 -16.54 -3.60
N VAL B 719 -48.97 -15.92 -4.73
CA VAL B 719 -49.35 -14.57 -5.18
C VAL B 719 -50.89 -14.51 -5.23
N ASP B 720 -51.49 -15.55 -5.84
CA ASP B 720 -52.93 -15.76 -5.93
C ASP B 720 -53.13 -17.24 -6.17
N ILE B 721 -53.46 -17.97 -5.11
CA ILE B 721 -53.67 -19.41 -5.17
C ILE B 721 -55.00 -19.77 -5.89
N ALA B 722 -55.94 -18.81 -6.00
CA ALA B 722 -57.23 -18.99 -6.68
C ALA B 722 -57.07 -19.20 -8.19
N ALA B 723 -56.16 -18.45 -8.82
CA ALA B 723 -55.88 -18.56 -10.26
C ALA B 723 -54.72 -19.53 -10.53
N ALA B 724 -53.95 -19.90 -9.48
CA ALA B 724 -52.83 -20.83 -9.57
C ALA B 724 -53.29 -22.29 -9.48
N GLU B 725 -54.21 -22.59 -8.54
CA GLU B 725 -54.79 -23.93 -8.36
C GLU B 725 -55.89 -24.20 -9.39
N ASP B 726 -56.39 -23.13 -10.06
CA ASP B 726 -57.44 -23.11 -11.08
C ASP B 726 -57.18 -24.18 -12.16
N SER B 727 -57.74 -25.37 -11.94
CA SER B 727 -57.60 -26.56 -12.77
C SER B 727 -58.08 -26.38 -14.21
N SER B 728 -59.13 -25.55 -14.43
CA SER B 728 -59.71 -25.27 -15.75
C SER B 728 -58.76 -24.55 -16.69
N VAL B 729 -58.13 -23.45 -16.21
CA VAL B 729 -57.19 -22.67 -17.01
C VAL B 729 -55.85 -23.43 -17.18
N GLU B 730 -55.21 -23.28 -18.36
CA GLU B 730 -53.95 -23.99 -18.66
C GLU B 730 -52.75 -23.32 -18.04
N ASN B 731 -51.69 -24.10 -17.77
CA ASN B 731 -50.44 -23.70 -17.12
C ASN B 731 -49.72 -22.53 -17.78
N GLN B 732 -49.78 -22.42 -19.12
CA GLN B 732 -49.16 -21.30 -19.85
C GLN B 732 -49.94 -20.03 -19.51
N ASN B 733 -51.27 -20.15 -19.39
CA ASN B 733 -52.17 -19.05 -19.04
C ASN B 733 -52.19 -18.79 -17.53
N LYS B 734 -51.73 -19.77 -16.72
CA LYS B 734 -51.66 -19.64 -15.26
C LYS B 734 -50.54 -18.65 -14.92
N CYS B 735 -49.31 -18.96 -15.40
CA CYS B 735 -48.09 -18.19 -15.20
C CYS B 735 -48.22 -16.72 -15.56
N VAL B 736 -48.93 -16.42 -16.67
CA VAL B 736 -49.15 -15.05 -17.14
C VAL B 736 -50.16 -14.30 -16.25
N ASN B 737 -51.17 -15.00 -15.71
CA ASN B 737 -52.17 -14.41 -14.83
C ASN B 737 -51.60 -14.09 -13.45
N ILE B 738 -50.55 -14.84 -13.02
CA ILE B 738 -49.86 -14.64 -11.75
C ILE B 738 -49.14 -13.27 -11.82
N LEU B 739 -48.51 -12.99 -12.98
CA LEU B 739 -47.81 -11.74 -13.25
C LEU B 739 -48.80 -10.57 -13.45
N LYS B 740 -50.06 -10.88 -13.84
CA LYS B 740 -51.14 -9.90 -14.04
C LYS B 740 -51.61 -9.33 -12.71
N LEU B 741 -51.82 -10.22 -11.70
CA LEU B 741 -52.25 -9.84 -10.35
C LEU B 741 -51.15 -9.08 -9.64
N SER B 742 -49.89 -9.54 -9.78
CA SER B 742 -48.74 -8.89 -9.18
C SER B 742 -48.39 -7.58 -9.90
N GLY B 743 -48.92 -7.40 -11.12
CA GLY B 743 -48.74 -6.21 -11.94
C GLY B 743 -47.37 -6.10 -12.57
N LEU B 744 -47.31 -6.21 -13.89
CA LEU B 744 -46.06 -6.12 -14.64
C LEU B 744 -46.25 -5.44 -15.97
N SER B 745 -45.21 -4.71 -16.41
CA SER B 745 -45.20 -4.08 -17.73
C SER B 745 -44.81 -5.15 -18.74
N GLU B 746 -45.30 -5.03 -19.99
CA GLU B 746 -45.09 -5.99 -21.07
C GLU B 746 -43.61 -6.23 -21.47
N SER B 747 -42.67 -5.39 -20.94
CA SER B 747 -41.23 -5.47 -21.22
C SER B 747 -40.44 -6.38 -20.28
N MET B 748 -40.90 -6.52 -19.03
CA MET B 748 -40.23 -7.33 -18.00
C MET B 748 -40.35 -8.84 -18.25
N TYR B 749 -41.55 -9.30 -18.63
CA TYR B 749 -41.85 -10.71 -18.90
C TYR B 749 -41.85 -11.02 -20.40
N LYS B 750 -41.74 -12.31 -20.75
CA LYS B 750 -41.81 -12.81 -22.12
C LYS B 750 -42.22 -14.26 -22.17
N ILE B 751 -43.30 -14.53 -22.91
CA ILE B 751 -44.02 -15.79 -23.15
C ILE B 751 -43.10 -17.05 -23.07
N GLY B 752 -42.38 -17.33 -24.15
CA GLY B 752 -41.51 -18.50 -24.25
C GLY B 752 -42.29 -19.76 -24.59
N LYS B 753 -41.67 -20.66 -25.37
CA LYS B 753 -42.25 -21.93 -25.79
C LYS B 753 -42.61 -22.81 -24.58
N SER B 754 -41.61 -23.37 -23.90
CA SER B 754 -41.78 -24.22 -22.72
C SER B 754 -41.28 -23.54 -21.44
N MET B 755 -40.44 -22.50 -21.61
CA MET B 755 -39.84 -21.72 -20.52
C MET B 755 -40.56 -20.40 -20.30
N VAL B 756 -40.24 -19.74 -19.18
CA VAL B 756 -40.76 -18.44 -18.76
C VAL B 756 -39.56 -17.50 -18.63
N PHE B 757 -39.40 -16.57 -19.58
CA PHE B 757 -38.27 -15.63 -19.58
C PHE B 757 -38.64 -14.30 -18.95
N LEU B 758 -37.84 -13.90 -17.96
CA LEU B 758 -38.01 -12.68 -17.20
C LEU B 758 -36.67 -12.00 -16.95
N LYS B 759 -36.61 -10.67 -17.16
CA LYS B 759 -35.41 -9.86 -16.92
C LYS B 759 -35.25 -9.68 -15.41
N GLN B 760 -33.99 -9.52 -14.93
CA GLN B 760 -33.70 -9.31 -13.50
C GLN B 760 -34.42 -8.06 -12.98
N GLU B 761 -34.71 -7.12 -13.91
CA GLU B 761 -35.42 -5.85 -13.76
C GLU B 761 -36.72 -5.98 -12.96
N GLY B 762 -37.50 -7.01 -13.22
CA GLY B 762 -38.76 -7.28 -12.54
C GLY B 762 -38.78 -8.52 -11.69
N ALA B 763 -37.65 -9.26 -11.68
CA ALA B 763 -37.47 -10.50 -10.92
C ALA B 763 -37.71 -10.28 -9.43
N LYS B 764 -36.95 -9.35 -8.81
CA LYS B 764 -37.08 -9.02 -7.39
C LYS B 764 -38.44 -8.43 -7.05
N ILE B 765 -39.10 -7.78 -8.03
CA ILE B 765 -40.43 -7.19 -7.87
C ILE B 765 -41.45 -8.32 -7.63
N LEU B 766 -41.26 -9.46 -8.31
CA LEU B 766 -42.11 -10.63 -8.11
C LEU B 766 -41.74 -11.31 -6.79
N THR B 767 -40.42 -11.46 -6.53
CA THR B 767 -39.87 -12.11 -5.33
C THR B 767 -40.30 -11.41 -4.02
N LYS B 768 -40.40 -10.07 -4.02
CA LYS B 768 -40.83 -9.30 -2.85
C LYS B 768 -42.34 -9.38 -2.70
N ILE B 769 -43.09 -9.43 -3.83
CA ILE B 769 -44.55 -9.59 -3.85
C ILE B 769 -44.91 -10.99 -3.34
N GLN B 770 -44.01 -11.96 -3.61
CA GLN B 770 -44.10 -13.35 -3.16
C GLN B 770 -43.84 -13.38 -1.65
N ARG B 771 -42.80 -12.66 -1.18
CA ARG B 771 -42.42 -12.55 0.23
C ARG B 771 -43.52 -11.89 1.10
N GLU B 772 -44.32 -10.98 0.52
CA GLU B 772 -45.45 -10.28 1.17
C GLU B 772 -46.60 -11.26 1.46
N LYS B 773 -46.65 -12.36 0.69
CA LYS B 773 -47.64 -13.43 0.81
C LYS B 773 -47.01 -14.67 1.47
N LEU B 774 -45.67 -14.71 1.56
CA LEU B 774 -44.90 -15.79 2.17
C LEU B 774 -44.91 -15.64 3.69
N VAL B 775 -44.61 -14.42 4.19
CA VAL B 775 -44.54 -14.09 5.62
C VAL B 775 -45.88 -14.32 6.32
N GLU B 776 -47.01 -13.94 5.68
CA GLU B 776 -48.37 -14.12 6.22
C GLU B 776 -48.77 -15.62 6.28
N TRP B 777 -47.98 -16.47 5.59
CA TRP B 777 -48.13 -17.91 5.47
C TRP B 777 -47.00 -18.71 6.16
N GLU B 778 -45.93 -18.01 6.59
CA GLU B 778 -44.83 -18.61 7.34
C GLU B 778 -45.31 -18.77 8.78
N ASN B 779 -46.09 -17.78 9.25
CA ASN B 779 -46.70 -17.70 10.57
C ASN B 779 -47.97 -18.55 10.60
N CYS B 780 -48.80 -18.47 9.52
CA CYS B 780 -50.05 -19.23 9.38
C CYS B 780 -49.79 -20.73 9.45
N VAL B 781 -48.66 -21.18 8.85
CA VAL B 781 -48.19 -22.55 8.88
C VAL B 781 -47.78 -22.88 10.31
N SER B 782 -46.92 -22.02 10.91
CA SER B 782 -46.37 -22.15 12.25
C SER B 782 -47.41 -22.14 13.40
N VAL B 783 -48.59 -21.52 13.20
CA VAL B 783 -49.66 -21.47 14.21
C VAL B 783 -50.46 -22.78 14.21
N ILE B 784 -50.90 -23.26 13.03
CA ILE B 784 -51.64 -24.52 12.87
C ILE B 784 -50.71 -25.69 13.26
N GLU B 785 -49.44 -25.65 12.83
CA GLU B 785 -48.40 -26.66 13.11
C GLU B 785 -48.14 -26.84 14.61
N ALA B 786 -48.26 -25.76 15.39
CA ALA B 786 -48.05 -25.81 16.84
C ALA B 786 -49.32 -26.20 17.59
N ALA B 787 -50.51 -25.80 17.07
CA ALA B 787 -51.83 -26.08 17.67
C ALA B 787 -52.18 -27.57 17.71
N ILE B 788 -51.53 -28.37 16.83
CA ILE B 788 -51.68 -29.82 16.76
C ILE B 788 -50.57 -30.42 17.64
N LEU B 789 -49.33 -29.91 17.51
CA LEU B 789 -48.15 -30.31 18.29
C LEU B 789 -48.47 -30.21 19.78
N LYS B 790 -49.36 -29.25 20.14
CA LYS B 790 -49.91 -28.98 21.46
C LYS B 790 -50.77 -30.19 21.87
N HIS B 791 -51.82 -30.51 21.06
CA HIS B 791 -52.75 -31.60 21.32
C HIS B 791 -52.14 -33.01 21.25
N LYS B 792 -50.92 -33.13 20.71
CA LYS B 792 -50.17 -34.39 20.62
C LYS B 792 -49.75 -34.78 22.04
N TYR B 793 -49.25 -33.79 22.82
CA TYR B 793 -48.84 -33.97 24.21
C TYR B 793 -50.08 -34.17 25.09
N LYS B 794 -51.18 -33.43 24.79
CA LYS B 794 -52.47 -33.46 25.50
C LYS B 794 -53.12 -34.84 25.44
N GLN B 795 -53.26 -35.41 24.22
CA GLN B 795 -53.86 -36.73 24.01
C GLN B 795 -53.01 -37.84 24.61
N LYS B 796 -51.66 -37.70 24.57
CA LYS B 796 -50.71 -38.65 25.16
C LYS B 796 -50.77 -38.62 26.69
N VAL B 797 -51.12 -37.46 27.28
CA VAL B 797 -51.27 -37.25 28.72
C VAL B 797 -52.63 -37.85 29.19
N ASN B 798 -53.70 -37.65 28.38
CA ASN B 798 -55.07 -38.12 28.65
C ASN B 798 -55.18 -39.62 28.94
N LYS B 799 -54.35 -40.44 28.27
CA LYS B 799 -54.31 -41.88 28.47
C LYS B 799 -53.57 -42.26 29.75
N ASN B 800 -52.69 -41.38 30.26
CA ASN B 800 -51.93 -41.61 31.49
C ASN B 800 -52.64 -41.11 32.75
N ILE B 801 -53.76 -40.37 32.59
CA ILE B 801 -54.55 -39.82 33.71
C ILE B 801 -55.04 -40.94 34.66
N PRO B 802 -55.59 -42.10 34.21
CA PRO B 802 -56.00 -43.14 35.18
C PRO B 802 -54.85 -43.73 35.98
N SER B 803 -53.63 -43.76 35.40
CA SER B 803 -52.43 -44.28 36.05
C SER B 803 -51.92 -43.32 37.12
N LEU B 804 -52.13 -42.01 36.91
CA LEU B 804 -51.73 -40.94 37.84
C LEU B 804 -52.72 -40.88 39.01
N LEU B 805 -54.02 -41.19 38.76
CA LEU B 805 -55.10 -41.22 39.75
C LEU B 805 -54.86 -42.25 40.86
N ARG B 806 -53.90 -43.17 40.64
CA ARG B 806 -53.50 -44.20 41.60
C ARG B 806 -52.31 -43.73 42.42
N VAL B 807 -51.44 -42.87 41.81
CA VAL B 807 -50.26 -42.28 42.47
C VAL B 807 -50.79 -41.33 43.56
N GLN B 808 -51.68 -40.40 43.16
CA GLN B 808 -52.32 -39.36 43.97
C GLN B 808 -53.22 -39.92 45.07
N ALA B 809 -54.03 -40.97 44.77
CA ALA B 809 -54.92 -41.62 45.75
C ALA B 809 -54.09 -42.30 46.84
N HIS B 810 -52.90 -42.85 46.47
CA HIS B 810 -51.97 -43.45 47.41
C HIS B 810 -51.19 -42.39 48.20
N ILE B 811 -51.07 -41.17 47.65
CA ILE B 811 -50.41 -40.04 48.31
C ILE B 811 -51.37 -39.52 49.39
N ARG B 812 -52.67 -39.33 49.05
CA ARG B 812 -53.74 -38.90 49.96
C ARG B 812 -53.84 -39.88 51.13
N LYS B 813 -53.67 -41.19 50.83
CA LYS B 813 -53.66 -42.30 51.76
C LYS B 813 -52.50 -42.11 52.77
N LYS B 814 -51.30 -41.75 52.25
CA LYS B 814 -50.09 -41.52 53.03
C LYS B 814 -50.22 -40.28 53.92
N MET B 815 -50.95 -39.26 53.45
CA MET B 815 -51.19 -38.01 54.18
C MET B 815 -52.14 -38.22 55.37
N VAL B 816 -53.00 -39.26 55.29
CA VAL B 816 -53.93 -39.65 56.34
C VAL B 816 -53.16 -40.31 57.48
N ALA B 817 -52.15 -41.14 57.15
CA ALA B 817 -51.30 -41.85 58.11
C ALA B 817 -50.40 -40.91 58.91
N GLN B 818 -49.99 -39.78 58.31
CA GLN B 818 -49.13 -38.79 58.97
C GLN B 818 -49.86 -37.48 59.19
N VAL C 72 81.17 41.50 -40.34
CA VAL C 72 81.01 41.76 -41.78
C VAL C 72 82.32 41.46 -42.55
N ASP C 73 82.22 40.67 -43.67
CA ASP C 73 83.36 40.30 -44.53
C ASP C 73 83.28 40.92 -45.94
N GLU C 74 84.03 42.03 -46.16
CA GLU C 74 84.12 42.82 -47.41
C GLU C 74 84.42 42.00 -48.67
N SER C 75 85.28 40.97 -48.55
CA SER C 75 85.65 40.09 -49.68
C SER C 75 84.44 39.27 -50.15
N ASP C 76 83.71 38.66 -49.18
CA ASP C 76 82.52 37.84 -49.41
C ASP C 76 81.37 38.57 -50.10
N VAL C 77 81.15 39.85 -49.74
CA VAL C 77 80.09 40.72 -50.27
C VAL C 77 80.19 40.86 -51.81
N ARG C 78 81.37 41.30 -52.31
CA ARG C 78 81.68 41.49 -53.72
C ARG C 78 81.53 40.17 -54.51
N ILE C 79 82.03 39.05 -53.94
CA ILE C 79 81.99 37.70 -54.51
C ILE C 79 80.54 37.18 -54.62
N TYR C 80 79.76 37.28 -53.52
CA TYR C 80 78.37 36.84 -53.49
C TYR C 80 77.47 37.62 -54.45
N PHE C 81 77.81 38.90 -54.74
CA PHE C 81 77.05 39.73 -55.67
C PHE C 81 77.22 39.26 -57.11
N ASN C 82 78.48 39.15 -57.57
CA ASN C 82 78.83 38.73 -58.93
C ASN C 82 78.30 37.32 -59.26
N GLU C 83 78.29 36.42 -58.25
CA GLU C 83 77.84 35.02 -58.33
C GLU C 83 76.38 34.85 -58.73
N LYS C 84 75.50 35.82 -58.39
CA LYS C 84 74.07 35.72 -58.68
C LYS C 84 73.49 37.00 -59.37
N SER C 85 74.35 37.82 -60.02
CA SER C 85 73.92 39.05 -60.71
C SER C 85 73.54 38.78 -62.17
N SER C 86 72.59 39.59 -62.70
CA SER C 86 72.07 39.45 -64.06
C SER C 86 72.10 40.80 -64.78
N GLY C 87 72.91 40.89 -65.82
CA GLY C 87 73.09 42.11 -66.62
C GLY C 87 73.61 43.28 -65.79
N GLY C 88 74.45 42.95 -64.81
CA GLY C 88 75.01 43.91 -63.87
C GLY C 88 74.22 43.97 -62.57
N LYS C 89 72.91 44.29 -62.69
CA LYS C 89 71.97 44.39 -61.56
C LYS C 89 71.70 43.05 -60.83
N ILE C 90 70.98 43.10 -59.68
CA ILE C 90 70.62 41.94 -58.86
C ILE C 90 69.15 42.02 -58.38
N SER C 91 68.44 40.88 -58.39
CA SER C 91 67.06 40.77 -57.92
C SER C 91 67.06 40.65 -56.40
N ILE C 92 66.07 41.27 -55.73
CA ILE C 92 65.92 41.25 -54.27
C ILE C 92 65.97 39.81 -53.74
N ASP C 93 65.38 38.87 -54.50
CA ASP C 93 65.34 37.44 -54.20
C ASP C 93 66.76 36.86 -54.11
N ASN C 94 67.65 37.25 -55.04
CA ASN C 94 69.04 36.81 -55.04
C ASN C 94 69.78 37.48 -53.88
N ALA C 95 69.49 38.78 -53.65
CA ALA C 95 70.08 39.61 -52.59
C ALA C 95 69.81 39.10 -51.16
N SER C 96 68.72 38.33 -50.98
CA SER C 96 68.35 37.72 -49.70
C SER C 96 69.19 36.46 -49.52
N TYR C 97 69.26 35.61 -50.56
CA TYR C 97 70.04 34.36 -50.62
C TYR C 97 71.50 34.67 -50.31
N ASN C 98 72.04 35.75 -50.92
CA ASN C 98 73.40 36.23 -50.72
C ASN C 98 73.61 36.80 -49.31
N ALA C 99 72.56 37.42 -48.72
CA ALA C 99 72.62 37.96 -47.36
C ALA C 99 72.64 36.79 -46.37
N ARG C 100 71.82 35.73 -46.65
CA ARG C 100 71.72 34.50 -45.84
C ARG C 100 72.98 33.63 -45.95
N LYS C 101 73.79 33.86 -47.01
CA LYS C 101 75.08 33.20 -47.27
C LYS C 101 76.13 33.80 -46.31
N LEU C 102 76.07 35.13 -46.10
CA LEU C 102 76.97 35.89 -45.21
C LEU C 102 76.64 35.60 -43.74
N GLY C 103 75.37 35.34 -43.45
CA GLY C 103 74.85 35.06 -42.11
C GLY C 103 73.83 36.08 -41.65
N LEU C 104 73.26 36.85 -42.61
CA LEU C 104 72.23 37.87 -42.37
C LEU C 104 70.83 37.27 -42.52
N ALA C 105 69.84 37.84 -41.81
CA ALA C 105 68.47 37.34 -41.86
C ALA C 105 67.48 38.37 -42.40
N PRO C 106 67.34 38.50 -43.74
CA PRO C 106 66.34 39.44 -44.28
C PRO C 106 64.93 38.88 -44.22
N SER C 107 63.98 39.72 -43.78
CA SER C 107 62.58 39.36 -43.67
C SER C 107 61.78 40.14 -44.71
N SER C 108 60.48 39.86 -44.82
CA SER C 108 59.55 40.52 -45.76
C SER C 108 59.55 42.04 -45.56
N ILE C 109 59.71 42.49 -44.31
CA ILE C 109 59.77 43.92 -43.94
C ILE C 109 61.03 44.58 -44.55
N ASP C 110 62.16 43.84 -44.60
CA ASP C 110 63.44 44.28 -45.20
C ASP C 110 63.32 44.33 -46.73
N GLU C 111 62.61 43.35 -47.31
CA GLU C 111 62.39 43.24 -48.76
C GLU C 111 61.48 44.36 -49.28
N LYS C 112 60.35 44.62 -48.60
CA LYS C 112 59.36 45.64 -49.00
C LYS C 112 59.90 47.07 -48.91
N LYS C 113 60.91 47.31 -48.07
CA LYS C 113 61.53 48.62 -47.93
C LYS C 113 62.40 48.95 -49.15
N ILE C 114 63.23 47.99 -49.59
CA ILE C 114 64.13 48.15 -50.74
C ILE C 114 63.38 48.16 -52.09
N LYS C 115 62.19 47.53 -52.12
CA LYS C 115 61.35 47.42 -53.31
C LYS C 115 60.72 48.77 -53.69
N GLU C 116 60.29 49.58 -52.69
CA GLU C 116 59.68 50.90 -52.89
C GLU C 116 60.67 51.93 -53.45
N LEU C 117 61.97 51.70 -53.23
CA LEU C 117 63.05 52.59 -53.67
C LEU C 117 63.54 52.37 -55.09
N TYR C 118 64.17 51.20 -55.37
CA TYR C 118 64.82 50.88 -56.65
C TYR C 118 64.15 49.75 -57.49
N GLY C 119 62.86 49.50 -57.25
CA GLY C 119 62.10 48.49 -57.97
C GLY C 119 62.55 47.08 -57.63
N ASP C 120 62.47 46.17 -58.62
CA ASP C 120 62.86 44.77 -58.45
C ASP C 120 64.37 44.53 -58.54
N ASN C 121 65.03 45.09 -59.57
CA ASN C 121 66.48 44.91 -59.77
C ASN C 121 67.29 46.10 -59.29
N LEU C 122 68.37 45.83 -58.52
CA LEU C 122 69.25 46.86 -57.94
C LEU C 122 70.73 46.63 -58.24
N THR C 123 71.48 47.74 -58.44
CA THR C 123 72.94 47.74 -58.68
C THR C 123 73.67 47.46 -57.35
N TYR C 124 74.99 47.20 -57.39
CA TYR C 124 75.84 46.91 -56.22
C TYR C 124 75.73 47.95 -55.10
N GLU C 125 75.70 49.25 -55.47
CA GLU C 125 75.57 50.37 -54.53
C GLU C 125 74.23 50.27 -53.78
N GLN C 126 73.14 50.04 -54.52
CA GLN C 126 71.79 49.88 -53.99
C GLN C 126 71.66 48.57 -53.20
N TYR C 127 72.46 47.56 -53.59
CA TYR C 127 72.55 46.22 -52.99
C TYR C 127 73.25 46.25 -51.63
N LEU C 128 74.27 47.12 -51.48
CA LEU C 128 75.00 47.27 -50.21
C LEU C 128 74.10 47.90 -49.15
N GLU C 129 73.31 48.94 -49.55
CA GLU C 129 72.36 49.63 -48.68
C GLU C 129 71.24 48.68 -48.23
N TYR C 130 71.07 47.54 -48.93
CA TYR C 130 70.09 46.51 -48.58
C TYR C 130 70.64 45.62 -47.48
N LEU C 131 71.91 45.20 -47.61
CA LEU C 131 72.62 44.34 -46.65
C LEU C 131 72.73 44.95 -45.26
N SER C 132 72.72 46.30 -45.19
CA SER C 132 72.76 47.05 -43.94
C SER C 132 71.44 46.94 -43.15
N ILE C 133 70.29 46.79 -43.87
CA ILE C 133 68.97 46.61 -43.23
C ILE C 133 68.87 45.18 -42.70
N CYS C 134 69.57 44.23 -43.35
CA CYS C 134 69.62 42.80 -43.00
C CYS C 134 70.44 42.52 -41.73
N VAL C 135 71.29 43.49 -41.31
CA VAL C 135 72.15 43.40 -40.13
C VAL C 135 71.37 43.00 -38.87
N HIS C 136 70.39 43.83 -38.44
CA HIS C 136 69.54 43.63 -37.26
C HIS C 136 70.36 43.33 -36.00
N ASP C 137 71.15 44.33 -35.54
CA ASP C 137 72.01 44.24 -34.38
C ASP C 137 71.22 44.02 -33.08
N LYS C 138 70.05 44.66 -32.96
CA LYS C 138 69.18 44.56 -31.79
C LYS C 138 68.59 43.15 -31.53
N ASP C 139 68.91 42.16 -32.39
CA ASP C 139 68.43 40.79 -32.25
C ASP C 139 69.13 40.00 -31.16
N ASN C 140 68.32 39.30 -30.32
CA ASN C 140 68.74 38.45 -29.21
C ASN C 140 67.68 37.38 -28.91
N VAL C 141 67.97 36.48 -27.96
CA VAL C 141 67.06 35.39 -27.56
C VAL C 141 65.76 35.96 -26.97
N GLU C 142 65.88 36.82 -25.95
CA GLU C 142 64.78 37.49 -25.23
C GLU C 142 63.83 38.26 -26.15
N GLU C 143 64.33 38.74 -27.30
CA GLU C 143 63.58 39.51 -28.30
C GLU C 143 62.76 38.63 -29.26
N LEU C 144 63.31 37.46 -29.66
CA LEU C 144 62.70 36.53 -30.62
C LEU C 144 61.69 35.53 -30.02
N ILE C 145 61.84 35.18 -28.71
CA ILE C 145 60.98 34.23 -28.00
C ILE C 145 59.56 34.76 -27.68
N LYS C 146 59.35 36.09 -27.78
CA LYS C 146 58.11 36.83 -27.46
C LYS C 146 56.81 36.14 -27.88
N MET C 147 56.76 35.58 -29.10
CA MET C 147 55.57 34.87 -29.57
C MET C 147 55.44 33.50 -28.89
N PHE C 148 56.57 32.77 -28.71
CA PHE C 148 56.58 31.45 -28.08
C PHE C 148 56.13 31.54 -26.62
N ALA C 149 56.66 32.55 -25.90
CA ALA C 149 56.32 32.83 -24.51
C ALA C 149 54.83 33.13 -24.32
N HIS C 150 54.18 33.75 -25.34
CA HIS C 150 52.74 34.06 -25.39
C HIS C 150 51.90 32.76 -25.33
N PHE C 151 52.48 31.65 -25.82
CA PHE C 151 51.83 30.34 -25.87
C PHE C 151 52.33 29.35 -24.80
N ASP C 152 53.35 29.74 -24.00
CA ASP C 152 53.85 28.87 -22.93
C ASP C 152 53.11 29.20 -21.63
N ASN C 153 51.92 28.60 -21.48
CA ASN C 153 51.02 28.77 -20.33
C ASN C 153 51.40 27.88 -19.15
N ASN C 154 52.09 26.75 -19.42
CA ASN C 154 52.55 25.81 -18.40
C ASN C 154 53.72 26.37 -17.57
N CYS C 155 54.51 27.31 -18.16
CA CYS C 155 55.67 28.00 -17.57
C CYS C 155 56.80 27.03 -17.21
N THR C 156 57.35 26.39 -18.25
CA THR C 156 58.44 25.42 -18.16
C THR C 156 59.59 25.86 -19.06
N GLY C 157 59.27 26.71 -20.02
CA GLY C 157 60.21 27.21 -21.03
C GLY C 157 60.32 26.23 -22.16
N TYR C 158 59.38 25.27 -22.22
CA TYR C 158 59.33 24.22 -23.23
C TYR C 158 57.99 24.15 -23.94
N LEU C 159 58.03 23.86 -25.25
CA LEU C 159 56.87 23.68 -26.12
C LEU C 159 57.09 22.40 -26.92
N THR C 160 55.99 21.72 -27.27
CA THR C 160 56.11 20.50 -28.07
C THR C 160 56.45 20.90 -29.52
N LYS C 161 57.03 19.96 -30.29
CA LYS C 161 57.37 20.18 -31.71
C LYS C 161 56.09 20.53 -32.49
N SER C 162 54.95 19.91 -32.11
CA SER C 162 53.62 20.15 -32.67
C SER C 162 53.20 21.60 -32.40
N GLN C 163 53.35 22.05 -31.14
CA GLN C 163 53.02 23.40 -30.69
C GLN C 163 53.85 24.43 -31.46
N MET C 164 55.18 24.26 -31.46
CA MET C 164 56.12 25.16 -32.14
C MET C 164 55.89 25.34 -33.65
N LYS C 165 55.64 24.22 -34.37
CA LYS C 165 55.42 24.15 -35.82
C LYS C 165 54.24 25.01 -36.28
N ASN C 166 53.10 24.93 -35.58
CA ASN C 166 51.89 25.68 -35.89
C ASN C 166 52.07 27.20 -35.77
N ILE C 167 52.87 27.66 -34.77
CA ILE C 167 53.16 29.07 -34.52
C ILE C 167 53.82 29.67 -35.77
N LEU C 168 54.95 29.06 -36.18
CA LEU C 168 55.81 29.43 -37.32
C LEU C 168 55.15 29.28 -38.71
N THR C 169 54.05 28.50 -38.81
CA THR C 169 53.37 28.28 -40.08
C THR C 169 52.24 29.28 -40.33
N THR C 170 51.53 29.67 -39.27
CA THR C 170 50.34 30.53 -39.30
C THR C 170 50.60 32.02 -39.55
N TRP C 171 51.53 32.63 -38.81
CA TRP C 171 51.74 34.08 -38.87
C TRP C 171 53.09 34.54 -39.45
N GLY C 172 53.04 35.71 -40.12
CA GLY C 172 54.16 36.44 -40.70
C GLY C 172 54.77 35.86 -41.95
N ASP C 173 56.09 35.62 -41.89
CA ASP C 173 56.90 34.98 -42.94
C ASP C 173 56.58 33.49 -42.82
N ALA C 174 55.31 33.13 -43.07
CA ALA C 174 54.78 31.79 -42.93
C ALA C 174 55.64 30.71 -43.59
N LEU C 175 56.41 29.98 -42.76
CA LEU C 175 57.26 28.87 -43.23
C LEU C 175 56.31 27.71 -43.45
N THR C 176 56.60 26.83 -44.40
CA THR C 176 55.72 25.69 -44.65
C THR C 176 55.95 24.60 -43.59
N ASP C 177 54.98 23.67 -43.47
CA ASP C 177 55.00 22.59 -42.50
C ASP C 177 56.35 21.89 -42.44
N GLN C 178 56.83 21.33 -43.57
CA GLN C 178 58.12 20.64 -43.67
C GLN C 178 59.35 21.55 -43.48
N GLU C 179 59.22 22.86 -43.80
CA GLU C 179 60.29 23.86 -43.60
C GLU C 179 60.51 23.98 -42.08
N ALA C 180 59.38 24.04 -41.31
CA ALA C 180 59.33 24.15 -39.85
C ALA C 180 59.68 22.83 -39.16
N ILE C 181 59.09 21.71 -39.64
CA ILE C 181 59.30 20.36 -39.10
C ILE C 181 60.77 19.99 -39.14
N ASP C 182 61.43 20.13 -40.31
CA ASP C 182 62.85 19.83 -40.46
C ASP C 182 63.74 20.71 -39.60
N ALA C 183 63.45 22.02 -39.54
CA ALA C 183 64.20 22.98 -38.72
C ALA C 183 64.09 22.67 -37.23
N LEU C 184 62.97 22.01 -36.82
CA LEU C 184 62.74 21.60 -35.43
C LEU C 184 63.58 20.37 -35.06
N ASN C 185 63.72 19.42 -35.99
CA ASN C 185 64.51 18.20 -35.80
C ASN C 185 66.00 18.48 -35.91
N ALA C 186 66.38 19.49 -36.73
CA ALA C 186 67.77 19.92 -36.94
C ALA C 186 68.35 20.48 -35.66
N PHE C 187 67.47 20.92 -34.73
CA PHE C 187 67.84 21.42 -33.42
C PHE C 187 68.05 20.27 -32.44
N SER C 188 67.00 19.47 -32.20
CA SER C 188 67.06 18.31 -31.31
C SER C 188 66.07 17.23 -31.75
N SER C 189 66.47 15.95 -31.62
CA SER C 189 65.68 14.76 -31.92
C SER C 189 64.39 14.68 -31.10
N GLU C 190 64.44 15.16 -29.84
CA GLU C 190 63.35 15.20 -28.86
C GLU C 190 62.14 16.01 -29.32
N ASP C 191 60.93 15.58 -28.92
CA ASP C 191 59.67 16.26 -29.26
C ASP C 191 59.56 17.58 -28.50
N ASN C 192 59.78 17.54 -27.17
CA ASN C 192 59.72 18.72 -26.32
C ASN C 192 60.98 19.56 -26.49
N ILE C 193 60.81 20.74 -27.10
CA ILE C 193 61.88 21.69 -27.43
C ILE C 193 61.76 23.00 -26.61
N ASP C 194 62.91 23.46 -26.05
CA ASP C 194 63.03 24.72 -25.32
C ASP C 194 63.15 25.79 -26.40
N TYR C 195 62.18 26.72 -26.46
CA TYR C 195 62.16 27.79 -27.46
C TYR C 195 63.34 28.77 -27.33
N LYS C 196 63.82 29.02 -26.08
CA LYS C 196 64.96 29.91 -25.78
C LYS C 196 66.27 29.37 -26.35
N LEU C 197 66.61 28.09 -26.05
CA LEU C 197 67.82 27.43 -26.54
C LEU C 197 67.77 27.28 -28.06
N PHE C 198 66.54 27.26 -28.61
CA PHE C 198 66.27 27.14 -30.04
C PHE C 198 66.65 28.42 -30.77
N CYS C 199 66.10 29.56 -30.32
CA CYS C 199 66.41 30.88 -30.88
C CYS C 199 67.93 31.08 -30.88
N GLU C 200 68.55 30.82 -29.72
CA GLU C 200 70.00 30.85 -29.43
C GLU C 200 70.78 30.14 -30.54
N ASP C 201 70.34 28.91 -30.87
CA ASP C 201 70.92 28.04 -31.89
C ASP C 201 70.72 28.57 -33.32
N ILE C 202 69.48 28.98 -33.69
CA ILE C 202 69.16 29.46 -35.04
C ILE C 202 69.68 30.89 -35.31
N LEU C 203 70.02 31.65 -34.27
CA LEU C 203 70.55 33.01 -34.39
C LEU C 203 72.06 33.00 -34.71
N GLN C 204 72.77 31.92 -34.32
CA GLN C 204 74.21 31.73 -34.56
C GLN C 204 74.52 31.62 -36.04
N ALA D 2 46.27 33.95 -44.97
CA ALA D 2 44.99 33.69 -44.31
C ALA D 2 43.83 33.50 -45.31
N SER D 3 44.06 33.86 -46.60
CA SER D 3 43.17 33.79 -47.79
C SER D 3 41.65 33.51 -47.49
N ASP D 4 41.14 32.30 -47.87
CA ASP D 4 39.73 31.90 -47.67
C ASP D 4 39.38 31.61 -46.19
N MET D 5 38.24 30.96 -45.94
CA MET D 5 37.82 30.65 -44.58
C MET D 5 38.63 29.54 -43.93
N GLU D 6 39.05 28.52 -44.71
CA GLU D 6 39.85 27.37 -44.27
C GLU D 6 41.08 27.80 -43.43
N GLU D 7 41.82 28.79 -43.91
CA GLU D 7 43.01 29.29 -43.23
C GLU D 7 42.66 30.21 -42.05
N LYS D 8 41.45 30.83 -42.06
CA LYS D 8 40.93 31.74 -41.02
C LYS D 8 40.32 30.98 -39.83
N PHE D 9 39.81 29.74 -40.08
CA PHE D 9 39.25 28.87 -39.04
C PHE D 9 40.42 28.27 -38.23
N ARG D 10 41.57 28.00 -38.91
CA ARG D 10 42.83 27.48 -38.35
C ARG D 10 43.34 28.44 -37.28
N GLU D 11 43.67 29.70 -37.70
CA GLU D 11 44.16 30.81 -36.87
C GLU D 11 43.34 30.91 -35.58
N ALA D 12 42.01 30.78 -35.71
CA ALA D 12 41.05 30.80 -34.61
C ALA D 12 41.24 29.64 -33.65
N PHE D 13 41.27 28.38 -34.15
CA PHE D 13 41.44 27.20 -33.30
C PHE D 13 42.69 27.31 -32.44
N ILE D 14 43.82 27.71 -33.04
CA ILE D 14 45.10 27.86 -32.36
C ILE D 14 44.93 28.77 -31.14
N LEU D 15 44.34 29.95 -31.34
CA LEU D 15 44.09 30.95 -30.30
C LEU D 15 43.29 30.41 -29.12
N PHE D 16 42.05 29.98 -29.41
CA PHE D 16 41.06 29.51 -28.43
C PHE D 16 41.49 28.26 -27.66
N SER D 17 42.50 27.53 -28.13
CA SER D 17 43.03 26.33 -27.45
C SER D 17 44.37 26.63 -26.83
N SER D 18 45.03 27.72 -27.29
CA SER D 18 46.38 28.19 -26.93
C SER D 18 47.38 27.18 -27.49
N CYS D 19 47.22 26.90 -28.80
CA CYS D 19 47.96 25.97 -29.65
C CYS D 19 47.96 24.54 -29.10
N SER D 20 46.83 24.14 -28.51
CA SER D 20 46.65 22.81 -27.96
C SER D 20 46.06 21.90 -29.04
N ASP D 21 46.53 20.64 -29.06
CA ASP D 21 46.07 19.62 -30.00
C ASP D 21 44.57 19.45 -29.83
N HIS D 22 44.12 19.45 -28.56
CA HIS D 22 42.73 19.33 -28.16
C HIS D 22 42.28 20.61 -27.45
N ILE D 23 41.13 21.17 -27.88
CA ILE D 23 40.51 22.39 -27.32
C ILE D 23 39.51 22.03 -26.19
N GLU D 24 39.30 22.97 -25.25
CA GLU D 24 38.36 22.81 -24.15
C GLU D 24 36.94 22.86 -24.71
N MET D 25 36.04 22.02 -24.18
CA MET D 25 34.64 21.94 -24.60
C MET D 25 34.00 23.32 -24.65
N TYR D 26 34.07 24.10 -23.55
CA TYR D 26 33.50 25.45 -23.48
C TYR D 26 34.20 26.44 -24.43
N LYS D 27 35.53 26.24 -24.67
CA LYS D 27 36.32 27.08 -25.57
C LYS D 27 35.95 26.83 -27.03
N PHE D 28 35.41 25.63 -27.33
CA PHE D 28 34.93 25.27 -28.66
C PHE D 28 33.59 25.95 -28.90
N PHE D 29 32.82 26.16 -27.81
CA PHE D 29 31.55 26.88 -27.86
C PHE D 29 31.85 28.35 -28.09
N GLU D 30 33.00 28.82 -27.60
CA GLU D 30 33.47 30.19 -27.81
C GLU D 30 33.87 30.30 -29.28
N LEU D 31 34.64 29.31 -29.75
CA LEU D 31 35.15 29.20 -31.11
C LEU D 31 34.06 29.20 -32.20
N MET D 32 32.95 28.45 -31.98
CA MET D 32 31.84 28.39 -32.94
C MET D 32 31.07 29.70 -32.97
N ASN D 33 30.95 30.35 -31.80
CA ASN D 33 30.27 31.62 -31.63
C ASN D 33 31.06 32.69 -32.38
N SER D 34 32.41 32.57 -32.40
CA SER D 34 33.33 33.52 -33.04
C SER D 34 33.21 33.57 -34.58
N PHE D 35 32.37 32.69 -35.17
CA PHE D 35 32.11 32.63 -36.61
C PHE D 35 30.61 32.70 -36.95
N GLY D 36 29.78 33.02 -35.96
CA GLY D 36 28.33 33.14 -36.13
C GLY D 36 27.64 31.81 -36.30
N ILE D 37 28.11 30.78 -35.55
CA ILE D 37 27.53 29.43 -35.53
C ILE D 37 26.81 29.26 -34.20
N ILE D 38 25.55 28.82 -34.26
CA ILE D 38 24.72 28.60 -33.09
C ILE D 38 24.09 27.21 -33.14
N LEU D 39 23.97 26.57 -31.97
CA LEU D 39 23.40 25.24 -31.79
C LEU D 39 22.33 25.17 -30.70
N THR D 40 21.51 24.10 -30.75
CA THR D 40 20.47 23.77 -29.77
C THR D 40 21.08 22.76 -28.80
N ASN D 41 20.50 22.59 -27.59
CA ASN D 41 20.99 21.62 -26.60
C ASN D 41 21.09 20.22 -27.22
N ASP D 42 20.20 19.95 -28.22
CA ASP D 42 20.08 18.73 -29.01
C ASP D 42 21.32 18.49 -29.88
N GLU D 43 21.92 19.57 -30.37
CA GLU D 43 23.11 19.56 -31.20
C GLU D 43 24.35 19.69 -30.30
N LYS D 44 24.21 20.42 -29.17
CA LYS D 44 25.26 20.69 -28.16
C LYS D 44 25.68 19.41 -27.44
N ALA D 45 24.70 18.53 -27.17
CA ALA D 45 24.97 17.24 -26.58
C ALA D 45 25.59 16.37 -27.68
N ALA D 46 25.17 16.59 -28.95
CA ALA D 46 25.67 15.88 -30.14
C ALA D 46 27.07 16.40 -30.60
N LEU D 47 28.04 16.41 -29.66
CA LEU D 47 29.42 16.86 -29.86
C LEU D 47 30.39 15.89 -29.15
N PRO D 48 31.57 15.57 -29.76
CA PRO D 48 32.50 14.60 -29.14
C PRO D 48 33.09 14.99 -27.79
N ASN D 49 33.71 14.01 -27.10
CA ASN D 49 34.38 14.15 -25.80
C ASN D 49 35.63 15.01 -25.95
N ASP D 50 36.61 14.51 -26.76
CA ASP D 50 37.88 15.16 -27.08
C ASP D 50 37.77 15.88 -28.42
N ILE D 51 37.97 17.20 -28.42
CA ILE D 51 37.82 17.97 -29.66
C ILE D 51 39.17 18.42 -30.23
N ASN D 52 39.50 17.90 -31.42
CA ASN D 52 40.74 18.22 -32.16
C ASN D 52 40.52 19.32 -33.21
N MET D 53 41.61 19.72 -33.89
CA MET D 53 41.59 20.74 -34.95
C MET D 53 40.81 20.24 -36.16
N ASP D 54 41.12 19.01 -36.61
CA ASP D 54 40.51 18.36 -37.76
C ASP D 54 39.00 18.51 -37.74
N TYR D 55 38.33 17.99 -36.68
CA TYR D 55 36.88 18.07 -36.51
C TYR D 55 36.39 19.50 -36.64
N TRP D 56 37.05 20.44 -35.94
CA TRP D 56 36.67 21.85 -35.99
C TRP D 56 36.56 22.34 -37.43
N LEU D 57 37.57 22.06 -38.27
CA LEU D 57 37.57 22.49 -39.68
C LEU D 57 36.39 21.92 -40.46
N ASN D 58 36.08 20.64 -40.24
CA ASN D 58 34.97 19.96 -40.89
C ASN D 58 33.65 20.56 -40.39
N PHE D 59 33.56 20.81 -39.07
CA PHE D 59 32.41 21.40 -38.38
C PHE D 59 32.10 22.77 -38.96
N ALA D 60 33.13 23.61 -39.13
CA ALA D 60 33.03 24.96 -39.67
C ALA D 60 32.44 24.96 -41.07
N LYS D 61 32.92 24.06 -41.95
CA LYS D 61 32.41 23.88 -43.31
C LYS D 61 30.94 23.47 -43.20
N LYS D 62 30.67 22.42 -42.38
CA LYS D 62 29.35 21.84 -42.09
C LYS D 62 28.36 22.83 -41.48
N HIS D 63 28.85 23.91 -40.88
CA HIS D 63 27.97 24.88 -40.24
C HIS D 63 28.04 26.25 -40.87
N TYR D 64 28.99 27.11 -40.41
CA TYR D 64 29.24 28.49 -40.84
C TYR D 64 28.51 28.89 -42.13
N ASN D 65 27.53 29.81 -42.01
CA ASN D 65 26.83 30.27 -43.21
C ASN D 65 27.69 31.28 -43.93
N TYR D 66 28.11 30.91 -45.12
CA TYR D 66 29.01 31.71 -45.94
C TYR D 66 28.29 32.95 -46.51
N GLU D 67 26.97 32.83 -46.83
CA GLU D 67 26.14 33.94 -47.35
C GLU D 67 26.07 35.05 -46.31
N GLN D 68 25.54 34.72 -45.11
CA GLN D 68 25.48 35.64 -44.00
C GLN D 68 26.08 34.97 -42.78
N PRO D 69 27.34 35.32 -42.44
CA PRO D 69 28.00 34.68 -41.29
C PRO D 69 27.34 35.02 -39.97
N PHE D 70 27.01 36.31 -39.78
CA PHE D 70 26.39 36.85 -38.58
C PHE D 70 24.88 37.12 -38.79
N LYS D 71 24.13 36.04 -39.07
CA LYS D 71 22.68 36.05 -39.30
C LYS D 71 21.93 36.19 -37.98
N HIS D 72 22.46 35.53 -36.93
CA HIS D 72 21.87 35.50 -35.58
C HIS D 72 21.86 36.86 -34.87
N ILE D 73 22.57 37.85 -35.43
CA ILE D 73 22.57 39.23 -34.96
C ILE D 73 21.36 39.91 -35.64
N ASN D 74 21.17 39.64 -36.95
CA ASN D 74 20.09 40.17 -37.80
C ASN D 74 18.73 39.50 -37.58
N ASN D 75 18.72 38.33 -36.95
CA ASN D 75 17.52 37.52 -36.67
C ASN D 75 16.50 38.16 -35.69
N VAL D 76 16.91 39.24 -34.97
CA VAL D 76 16.05 39.95 -34.00
C VAL D 76 15.00 40.84 -34.75
N ASN D 77 14.11 40.16 -35.52
CA ASN D 77 12.98 40.65 -36.33
C ASN D 77 13.30 41.88 -37.24
N GLU D 78 12.24 42.58 -37.73
CA GLU D 78 12.32 43.73 -38.64
C GLU D 78 11.84 45.08 -38.02
N GLN D 79 11.96 45.23 -36.68
CA GLN D 79 11.61 46.46 -35.93
C GLN D 79 12.75 46.90 -34.99
N ASN D 80 13.34 45.93 -34.24
CA ASN D 80 14.48 46.13 -33.32
C ASN D 80 15.79 46.34 -34.14
N THR D 81 15.96 45.55 -35.23
CA THR D 81 17.10 45.59 -36.17
C THR D 81 17.06 46.91 -36.96
N ASN D 82 15.84 47.40 -37.25
CA ASN D 82 15.56 48.64 -37.97
C ASN D 82 15.78 49.89 -37.10
N VAL D 83 15.43 49.83 -35.79
CA VAL D 83 15.52 50.97 -34.88
C VAL D 83 16.89 51.05 -34.15
N GLN D 84 17.38 52.27 -33.93
N GLN D 84 17.37 52.27 -33.91
CA GLN D 84 18.66 52.55 -33.25
CA GLN D 84 18.63 52.59 -33.24
C GLN D 84 18.48 52.49 -31.73
C GLN D 84 18.46 52.47 -31.72
N ILE D 85 19.45 51.88 -31.03
CA ILE D 85 19.46 51.72 -29.57
C ILE D 85 20.60 52.59 -28.99
N LYS D 86 20.29 53.45 -27.99
CA LYS D 86 21.27 54.34 -27.36
C LYS D 86 22.39 53.54 -26.69
N ILE D 87 23.66 53.93 -26.95
CA ILE D 87 24.92 53.34 -26.46
C ILE D 87 24.81 52.78 -25.03
N ASP D 88 24.38 53.62 -24.06
CA ASP D 88 24.23 53.28 -22.65
C ASP D 88 23.09 52.28 -22.39
N ASN D 89 21.91 52.50 -23.02
CA ASN D 89 20.73 51.63 -22.89
C ASN D 89 20.95 50.26 -23.52
N PHE D 90 21.75 50.22 -24.60
CA PHE D 90 22.13 49.02 -25.33
C PHE D 90 23.09 48.15 -24.51
N LEU D 91 23.97 48.79 -23.72
CA LEU D 91 24.90 48.09 -22.84
C LEU D 91 24.17 47.55 -21.60
N GLY D 92 22.99 48.12 -21.31
CA GLY D 92 22.12 47.70 -20.22
C GLY D 92 21.56 46.32 -20.52
N ILE D 93 21.21 46.09 -21.80
CA ILE D 93 20.72 44.84 -22.38
C ILE D 93 21.87 43.81 -22.34
N MET D 94 23.10 44.25 -22.67
CA MET D 94 24.32 43.44 -22.70
C MET D 94 24.61 42.83 -21.34
N LYS D 95 24.72 43.69 -20.32
CA LYS D 95 25.01 43.29 -18.94
C LYS D 95 23.89 42.43 -18.38
N ALA D 96 22.64 42.71 -18.79
CA ALA D 96 21.44 41.98 -18.36
C ALA D 96 21.39 40.55 -18.92
N LEU D 97 21.83 40.36 -20.19
CA LEU D 97 21.86 39.05 -20.84
C LEU D 97 23.07 38.18 -20.34
N ASP D 98 23.69 38.62 -19.21
CA ASP D 98 24.85 38.05 -18.52
C ASP D 98 26.05 37.89 -19.47
N THR D 99 26.68 39.04 -19.77
CA THR D 99 27.84 39.12 -20.65
C THR D 99 29.13 38.78 -19.90
N ARG D 100 30.08 38.20 -20.62
CA ARG D 100 31.39 37.80 -20.11
C ARG D 100 32.41 38.92 -20.32
N LEU D 101 32.16 39.82 -21.30
CA LEU D 101 33.03 40.95 -21.67
C LEU D 101 33.12 42.00 -20.57
N THR D 102 34.35 42.44 -20.24
CA THR D 102 34.59 43.46 -19.21
C THR D 102 34.45 44.87 -19.80
N GLU D 103 34.59 45.90 -18.94
CA GLU D 103 34.52 47.32 -19.32
C GLU D 103 35.37 47.62 -20.56
N SER D 104 36.66 47.22 -20.53
CA SER D 104 37.59 47.41 -21.65
C SER D 104 37.11 46.66 -22.88
N ASP D 105 36.74 45.38 -22.71
CA ASP D 105 36.24 44.51 -23.78
C ASP D 105 35.02 45.08 -24.48
N LEU D 106 34.06 45.62 -23.71
CA LEU D 106 32.85 46.22 -24.26
C LEU D 106 33.16 47.55 -24.93
N ASN D 107 34.19 48.27 -24.44
CA ASN D 107 34.67 49.54 -25.00
C ASN D 107 35.33 49.24 -26.33
N ILE D 108 36.12 48.14 -26.39
CA ILE D 108 36.82 47.62 -27.56
C ILE D 108 35.77 47.34 -28.64
N LEU D 109 34.69 46.64 -28.25
CA LEU D 109 33.55 46.30 -29.07
C LEU D 109 32.90 47.58 -29.66
N LEU D 110 32.70 48.61 -28.81
CA LEU D 110 32.12 49.90 -29.21
C LEU D 110 33.01 50.60 -30.21
N GLN D 111 34.34 50.47 -30.03
CA GLN D 111 35.36 51.03 -30.90
C GLN D 111 35.43 50.30 -32.26
N ILE D 112 34.81 49.10 -32.36
CA ILE D 112 34.75 48.31 -33.58
C ILE D 112 33.40 48.54 -34.30
N THR D 113 32.30 48.49 -33.51
CA THR D 113 30.92 48.66 -33.97
C THR D 113 30.61 50.07 -34.47
N ASN D 114 30.74 51.07 -33.58
CA ASN D 114 30.46 52.47 -33.88
C ASN D 114 31.77 53.27 -33.74
N PRO D 115 32.63 53.32 -34.78
CA PRO D 115 33.91 54.03 -34.67
C PRO D 115 33.82 55.55 -34.87
N GLU D 116 32.63 56.06 -35.22
CA GLU D 116 32.39 57.49 -35.44
C GLU D 116 31.90 58.20 -34.17
N ASN D 117 31.74 57.44 -33.07
CA ASN D 117 31.28 57.87 -31.74
C ASN D 117 29.94 58.64 -31.83
N LYS D 118 28.93 57.94 -32.37
CA LYS D 118 27.56 58.43 -32.55
C LYS D 118 26.76 58.27 -31.26
N THR D 119 25.73 59.13 -31.08
CA THR D 119 24.85 59.17 -29.91
C THR D 119 23.98 57.90 -29.75
N THR D 120 23.89 57.05 -30.80
CA THR D 120 23.10 55.81 -30.82
C THR D 120 23.70 54.73 -31.75
N LEU D 121 23.25 53.46 -31.61
CA LEU D 121 23.74 52.33 -32.43
C LEU D 121 22.72 51.19 -32.65
N ASN D 122 22.55 50.76 -33.92
CA ASN D 122 21.64 49.66 -34.28
C ASN D 122 22.38 48.34 -34.57
N LEU D 123 21.63 47.22 -34.57
CA LEU D 123 22.13 45.85 -34.74
C LEU D 123 22.64 45.52 -36.15
N LYS D 124 21.88 45.87 -37.22
CA LYS D 124 22.25 45.62 -38.62
C LYS D 124 23.63 46.19 -38.94
N THR D 125 24.05 47.23 -38.18
CA THR D 125 25.35 47.90 -38.30
C THR D 125 26.46 47.11 -37.57
N VAL D 126 26.14 46.50 -36.39
CA VAL D 126 27.08 45.69 -35.60
C VAL D 126 27.56 44.49 -36.41
N SER D 127 26.62 43.81 -37.08
CA SER D 127 26.86 42.65 -37.93
C SER D 127 27.69 43.01 -39.17
N GLN D 128 27.34 44.12 -39.85
CA GLN D 128 28.03 44.59 -41.05
C GLN D 128 29.50 44.88 -40.77
N LYS D 129 29.81 45.51 -39.62
CA LYS D 129 31.19 45.80 -39.20
C LYS D 129 31.93 44.50 -38.87
N LEU D 130 31.23 43.56 -38.21
CA LEU D 130 31.80 42.28 -37.80
C LEU D 130 32.08 41.34 -38.96
N THR D 131 31.35 41.46 -40.09
CA THR D 131 31.61 40.62 -41.27
C THR D 131 32.90 41.09 -41.98
N GLU D 132 33.21 42.41 -41.85
CA GLU D 132 34.43 43.04 -42.39
C GLU D 132 35.60 42.87 -41.40
N SER D 133 35.28 42.51 -40.14
CA SER D 133 36.26 42.24 -39.08
C SER D 133 37.00 40.92 -39.30
N ILE D 134 36.31 39.88 -39.83
CA ILE D 134 36.90 38.57 -40.12
C ILE D 134 37.93 38.68 -41.24
N SER E 3 -60.81 -22.92 34.79
CA SER E 3 -61.99 -22.91 33.92
C SER E 3 -61.75 -22.10 32.64
N ASP E 4 -61.22 -20.86 32.77
CA ASP E 4 -60.95 -19.94 31.66
C ASP E 4 -59.60 -20.21 30.99
N MET E 5 -59.04 -19.19 30.28
CA MET E 5 -57.75 -19.28 29.62
C MET E 5 -56.58 -19.39 30.58
N GLU E 6 -56.66 -18.70 31.73
CA GLU E 6 -55.65 -18.66 32.79
C GLU E 6 -55.25 -20.07 33.27
N GLU E 7 -56.25 -20.97 33.47
CA GLU E 7 -56.06 -22.37 33.90
C GLU E 7 -55.59 -23.27 32.73
N LYS E 8 -55.84 -22.85 31.46
CA LYS E 8 -55.46 -23.56 30.24
C LYS E 8 -54.03 -23.22 29.79
N PHE E 9 -53.59 -21.96 30.04
CA PHE E 9 -52.24 -21.45 29.71
C PHE E 9 -51.18 -22.20 30.52
N ARG E 10 -51.41 -22.33 31.84
CA ARG E 10 -50.53 -23.05 32.79
C ARG E 10 -50.35 -24.49 32.32
N GLU E 11 -51.46 -25.13 31.90
CA GLU E 11 -51.50 -26.51 31.40
C GLU E 11 -50.58 -26.66 30.20
N ALA E 12 -50.64 -25.70 29.27
CA ALA E 12 -49.82 -25.70 28.07
C ALA E 12 -48.32 -25.51 28.32
N PHE E 13 -47.93 -24.81 29.43
CA PHE E 13 -46.51 -24.60 29.77
C PHE E 13 -45.84 -25.91 30.19
N ILE E 14 -46.44 -26.62 31.16
CA ILE E 14 -45.98 -27.90 31.70
C ILE E 14 -45.82 -28.97 30.59
N LEU E 15 -46.48 -28.76 29.43
CA LEU E 15 -46.39 -29.66 28.28
C LEU E 15 -45.15 -29.34 27.43
N PHE E 16 -45.03 -28.10 26.92
CA PHE E 16 -43.90 -27.69 26.08
C PHE E 16 -42.58 -27.65 26.82
N SER E 17 -42.60 -27.32 28.11
CA SER E 17 -41.39 -27.29 28.94
C SER E 17 -41.01 -28.69 29.36
N SER E 18 -41.95 -29.65 29.26
CA SER E 18 -41.86 -31.04 29.71
C SER E 18 -41.71 -31.02 31.24
N CYS E 19 -42.55 -30.15 31.84
CA CYS E 19 -42.70 -29.83 33.25
C CYS E 19 -41.51 -29.05 33.84
N SER E 20 -40.64 -28.47 32.96
CA SER E 20 -39.49 -27.68 33.39
C SER E 20 -39.92 -26.29 33.87
N ASP E 21 -39.17 -25.75 34.85
CA ASP E 21 -39.42 -24.43 35.43
C ASP E 21 -39.06 -23.34 34.40
N HIS E 22 -37.91 -23.51 33.75
CA HIS E 22 -37.38 -22.59 32.76
C HIS E 22 -37.31 -23.23 31.39
N ILE E 23 -38.32 -22.94 30.56
CA ILE E 23 -38.49 -23.42 29.19
C ILE E 23 -37.37 -22.87 28.27
N GLU E 24 -36.97 -23.66 27.25
CA GLU E 24 -35.97 -23.24 26.27
C GLU E 24 -36.67 -22.33 25.28
N MET E 25 -36.01 -21.21 24.90
CA MET E 25 -36.52 -20.18 23.98
C MET E 25 -37.30 -20.75 22.81
N TYR E 26 -36.73 -21.76 22.12
CA TYR E 26 -37.36 -22.42 20.97
C TYR E 26 -38.70 -23.08 21.32
N LYS E 27 -38.79 -23.73 22.50
CA LYS E 27 -40.03 -24.38 22.94
C LYS E 27 -41.08 -23.37 23.41
N PHE E 28 -40.63 -22.16 23.82
CA PHE E 28 -41.50 -21.06 24.24
C PHE E 28 -42.28 -20.51 23.04
N PHE E 29 -41.63 -20.48 21.87
CA PHE E 29 -42.24 -20.03 20.62
C PHE E 29 -43.29 -21.02 20.13
N GLU E 30 -43.06 -22.32 20.36
CA GLU E 30 -44.01 -23.38 20.00
C GLU E 30 -45.28 -23.11 20.81
N LEU E 31 -45.09 -22.87 22.11
CA LEU E 31 -46.10 -22.60 23.12
C LEU E 31 -46.97 -21.39 22.79
N MET E 32 -46.37 -20.25 22.38
CA MET E 32 -47.14 -19.05 22.04
C MET E 32 -47.98 -19.24 20.78
N ASN E 33 -47.38 -19.88 19.76
CA ASN E 33 -47.99 -20.15 18.46
C ASN E 33 -49.20 -21.06 18.58
N SER E 34 -49.13 -22.05 19.52
CA SER E 34 -50.20 -23.02 19.78
C SER E 34 -51.55 -22.39 20.15
N PHE E 35 -51.54 -21.08 20.48
CA PHE E 35 -52.72 -20.30 20.86
C PHE E 35 -53.14 -19.33 19.76
N GLY E 36 -52.17 -18.81 19.03
CA GLY E 36 -52.38 -17.83 17.97
C GLY E 36 -51.69 -16.53 18.32
N ILE E 37 -50.38 -16.64 18.63
CA ILE E 37 -49.51 -15.52 19.02
C ILE E 37 -48.24 -15.55 18.16
N ILE E 38 -47.99 -14.44 17.43
CA ILE E 38 -46.83 -14.21 16.57
C ILE E 38 -46.43 -12.74 16.78
N LEU E 39 -45.16 -12.51 17.19
CA LEU E 39 -44.62 -11.16 17.44
C LEU E 39 -43.76 -10.67 16.28
N THR E 40 -43.57 -9.34 16.17
CA THR E 40 -42.73 -8.73 15.12
C THR E 40 -41.27 -9.02 15.42
N ASN E 41 -40.39 -8.95 14.39
CA ASN E 41 -38.94 -9.18 14.49
C ASN E 41 -38.33 -8.46 15.70
N ASP E 42 -38.80 -7.22 15.96
CA ASP E 42 -38.40 -6.38 17.08
C ASP E 42 -38.92 -6.94 18.42
N GLU E 43 -40.23 -7.25 18.49
CA GLU E 43 -40.91 -7.80 19.67
C GLU E 43 -40.30 -9.12 20.12
N LYS E 44 -39.84 -9.96 19.15
CA LYS E 44 -39.22 -11.26 19.40
C LYS E 44 -37.78 -11.15 19.92
N ALA E 45 -37.22 -9.91 19.95
CA ALA E 45 -35.90 -9.61 20.48
C ALA E 45 -36.06 -9.01 21.88
N ALA E 46 -37.23 -8.40 22.16
CA ALA E 46 -37.59 -7.77 23.43
C ALA E 46 -37.82 -8.79 24.54
N LEU E 47 -37.93 -10.07 24.19
CA LEU E 47 -38.14 -11.19 25.10
C LEU E 47 -36.93 -11.47 26.01
N PRO E 48 -37.17 -11.87 27.29
CA PRO E 48 -36.04 -12.17 28.19
C PRO E 48 -35.16 -13.36 27.78
N ASN E 49 -34.00 -13.49 28.47
CA ASN E 49 -33.01 -14.55 28.30
C ASN E 49 -33.60 -15.90 28.75
N ASP E 50 -33.95 -16.02 30.04
CA ASP E 50 -34.54 -17.19 30.68
C ASP E 50 -36.04 -16.95 30.83
N ILE E 51 -36.87 -17.79 30.17
N ILE E 51 -36.87 -17.80 30.16
CA ILE E 51 -38.33 -17.66 30.23
CA ILE E 51 -38.33 -17.68 30.21
C ILE E 51 -38.89 -18.59 31.30
C ILE E 51 -38.88 -18.60 31.30
N ASN E 52 -39.78 -18.07 32.15
CA ASN E 52 -40.41 -18.81 33.23
C ASN E 52 -41.94 -18.71 33.17
N MET E 53 -42.63 -19.53 33.98
CA MET E 53 -44.08 -19.61 34.10
C MET E 53 -44.69 -18.24 34.40
N ASP E 54 -44.12 -17.50 35.37
CA ASP E 54 -44.58 -16.18 35.78
C ASP E 54 -44.56 -15.18 34.63
N TYR E 55 -43.49 -15.17 33.80
CA TYR E 55 -43.44 -14.29 32.64
C TYR E 55 -44.36 -14.78 31.53
N TRP E 56 -44.39 -16.10 31.29
CA TRP E 56 -45.23 -16.69 30.26
C TRP E 56 -46.70 -16.28 30.40
N LEU E 57 -47.26 -16.35 31.61
CA LEU E 57 -48.66 -16.01 31.86
C LEU E 57 -49.00 -14.53 31.66
N ASN E 58 -48.04 -13.61 31.90
CA ASN E 58 -48.23 -12.17 31.67
C ASN E 58 -48.29 -11.95 30.16
N PHE E 59 -47.33 -12.58 29.46
CA PHE E 59 -47.17 -12.59 28.01
C PHE E 59 -48.42 -13.20 27.36
N ALA E 60 -49.03 -14.19 28.04
CA ALA E 60 -50.24 -14.87 27.58
C ALA E 60 -51.41 -13.89 27.47
N LYS E 61 -51.74 -13.19 28.59
CA LYS E 61 -52.81 -12.20 28.68
C LYS E 61 -52.71 -11.11 27.60
N LYS E 62 -51.54 -10.45 27.52
CA LYS E 62 -51.24 -9.35 26.60
C LYS E 62 -51.38 -9.71 25.13
N HIS E 63 -50.73 -10.80 24.72
CA HIS E 63 -50.56 -11.22 23.32
C HIS E 63 -51.62 -12.17 22.75
N TYR E 64 -52.39 -12.89 23.59
CA TYR E 64 -53.41 -13.80 23.05
C TYR E 64 -54.66 -13.07 22.59
N ASN E 65 -55.23 -13.54 21.48
CA ASN E 65 -56.46 -13.01 20.94
C ASN E 65 -57.60 -13.74 21.63
N TYR E 66 -58.55 -12.99 22.19
CA TYR E 66 -59.68 -13.57 22.93
C TYR E 66 -61.00 -13.54 22.14
N GLU E 67 -61.33 -12.37 21.52
CA GLU E 67 -62.55 -12.18 20.72
C GLU E 67 -62.61 -13.11 19.50
N GLN E 68 -61.43 -13.36 18.88
CA GLN E 68 -61.23 -14.26 17.74
C GLN E 68 -59.89 -14.99 18.02
N PRO E 69 -59.88 -16.07 18.86
CA PRO E 69 -58.63 -16.77 19.22
C PRO E 69 -57.55 -16.92 18.13
N PHE E 70 -57.92 -17.36 16.91
CA PHE E 70 -56.99 -17.54 15.79
C PHE E 70 -57.25 -16.55 14.64
N LYS E 71 -56.68 -15.32 14.75
CA LYS E 71 -56.79 -14.28 13.73
C LYS E 71 -55.78 -14.52 12.61
N HIS E 72 -54.56 -14.96 12.99
CA HIS E 72 -53.41 -15.23 12.12
C HIS E 72 -53.66 -16.29 11.03
N ILE E 73 -54.66 -17.19 11.22
CA ILE E 73 -55.03 -18.23 10.23
C ILE E 73 -55.76 -17.58 9.03
N ASN E 74 -56.62 -16.57 9.29
CA ASN E 74 -57.36 -15.82 8.27
C ASN E 74 -56.38 -15.04 7.36
N ASN E 75 -55.92 -15.70 6.26
CA ASN E 75 -54.95 -15.27 5.24
C ASN E 75 -53.52 -15.51 5.69
N GLU E 78 -58.94 -11.75 2.70
CA GLU E 78 -60.01 -12.74 2.54
C GLU E 78 -59.90 -13.53 1.21
N GLN E 79 -58.72 -13.43 0.54
CA GLN E 79 -58.38 -14.14 -0.70
C GLN E 79 -57.98 -15.60 -0.40
N ASN E 80 -57.36 -15.84 0.79
CA ASN E 80 -56.91 -17.15 1.28
C ASN E 80 -57.98 -17.84 2.15
N THR E 81 -58.91 -17.05 2.73
CA THR E 81 -60.00 -17.54 3.60
C THR E 81 -61.13 -18.22 2.82
N ASN E 82 -61.71 -17.52 1.82
CA ASN E 82 -62.82 -18.00 0.99
C ASN E 82 -62.42 -19.15 0.04
N VAL E 83 -61.15 -19.15 -0.44
CA VAL E 83 -60.58 -20.12 -1.39
C VAL E 83 -60.53 -21.57 -0.81
N GLN E 84 -60.70 -22.58 -1.69
CA GLN E 84 -60.70 -24.00 -1.33
C GLN E 84 -59.45 -24.70 -1.90
N ILE E 85 -58.62 -25.27 -1.01
CA ILE E 85 -57.41 -26.01 -1.36
C ILE E 85 -57.62 -27.53 -1.20
N LYS E 86 -57.18 -28.32 -2.19
CA LYS E 86 -57.28 -29.78 -2.14
C LYS E 86 -56.36 -30.33 -1.03
N ILE E 87 -56.73 -31.46 -0.42
CA ILE E 87 -55.98 -32.11 0.67
C ILE E 87 -54.51 -32.39 0.33
N ASP E 88 -54.23 -32.91 -0.90
CA ASP E 88 -52.88 -33.23 -1.40
C ASP E 88 -52.00 -31.99 -1.64
N ASN E 89 -52.57 -30.95 -2.27
CA ASN E 89 -51.88 -29.68 -2.56
C ASN E 89 -51.57 -28.90 -1.27
N PHE E 90 -52.45 -29.02 -0.26
CA PHE E 90 -52.32 -28.40 1.06
C PHE E 90 -51.12 -29.02 1.80
N LEU E 91 -50.97 -30.36 1.71
CA LEU E 91 -49.88 -31.10 2.34
C LEU E 91 -48.54 -30.82 1.66
N GLY E 92 -48.60 -30.36 0.41
CA GLY E 92 -47.44 -29.98 -0.39
C GLY E 92 -46.76 -28.75 0.18
N ILE E 93 -47.58 -27.76 0.60
CA ILE E 93 -47.10 -26.51 1.22
C ILE E 93 -46.49 -26.85 2.59
N MET E 94 -47.15 -27.78 3.30
CA MET E 94 -46.81 -28.28 4.62
C MET E 94 -45.49 -29.06 4.69
N LYS E 95 -45.31 -30.09 3.83
CA LYS E 95 -44.11 -30.94 3.80
C LYS E 95 -42.80 -30.20 3.45
N ALA E 96 -42.89 -29.13 2.63
CA ALA E 96 -41.72 -28.32 2.24
C ALA E 96 -41.33 -27.34 3.33
N LEU E 97 -42.32 -26.66 3.94
CA LEU E 97 -42.14 -25.65 4.99
C LEU E 97 -41.88 -26.21 6.40
N ASP E 98 -42.49 -27.37 6.75
CA ASP E 98 -42.44 -28.02 8.07
C ASP E 98 -41.15 -27.84 8.86
N THR E 99 -41.31 -27.42 10.14
CA THR E 99 -40.25 -27.17 11.13
C THR E 99 -40.52 -28.03 12.41
N ARG E 100 -41.67 -28.77 12.45
CA ARG E 100 -42.09 -29.59 13.60
C ARG E 100 -42.36 -31.08 13.29
N LEU E 101 -43.61 -31.39 12.89
CA LEU E 101 -44.23 -32.70 12.63
C LEU E 101 -43.44 -33.73 11.81
N THR E 102 -43.88 -35.01 11.90
CA THR E 102 -43.33 -36.18 11.20
C THR E 102 -44.47 -37.04 10.62
N GLU E 103 -45.36 -37.59 11.47
CA GLU E 103 -46.51 -38.40 11.05
C GLU E 103 -47.82 -38.00 11.72
N SER E 104 -47.76 -36.95 12.55
CA SER E 104 -48.91 -36.37 13.22
C SER E 104 -49.65 -35.47 12.24
N ASP E 105 -49.11 -35.34 11.01
CA ASP E 105 -49.62 -34.54 9.89
C ASP E 105 -50.94 -35.06 9.38
N LEU E 106 -51.10 -36.40 9.37
CA LEU E 106 -52.31 -37.08 8.94
C LEU E 106 -53.44 -36.81 9.92
N ASN E 107 -53.07 -36.63 11.21
CA ASN E 107 -53.98 -36.38 12.32
C ASN E 107 -54.56 -34.94 12.33
N ILE E 108 -53.88 -33.97 11.67
CA ILE E 108 -54.34 -32.56 11.57
C ILE E 108 -55.55 -32.47 10.64
N LEU E 109 -55.50 -33.22 9.52
CA LEU E 109 -56.55 -33.27 8.49
C LEU E 109 -57.79 -33.95 9.06
N LEU E 110 -57.59 -34.92 9.97
CA LEU E 110 -58.66 -35.64 10.66
C LEU E 110 -59.38 -34.70 11.62
N GLN E 111 -58.64 -33.71 12.19
CA GLN E 111 -59.18 -32.68 13.08
C GLN E 111 -60.02 -31.65 12.31
N ILE E 112 -59.93 -31.66 10.97
CA ILE E 112 -60.68 -30.77 10.08
C ILE E 112 -61.89 -31.50 9.47
N THR E 113 -61.68 -32.69 8.84
CA THR E 113 -62.77 -33.48 8.21
C THR E 113 -63.72 -34.10 9.24
N SER E 119 -62.43 -33.18 0.42
CA SER E 119 -61.14 -33.02 -0.25
C SER E 119 -60.70 -31.55 -0.32
N THR E 120 -61.62 -30.62 -0.62
CA THR E 120 -61.32 -29.18 -0.71
C THR E 120 -61.68 -28.47 0.62
N LEU E 121 -60.66 -27.84 1.27
CA LEU E 121 -60.78 -27.15 2.57
C LEU E 121 -60.46 -25.65 2.52
N ASN E 122 -61.03 -24.88 3.46
CA ASN E 122 -60.79 -23.43 3.60
C ASN E 122 -60.19 -23.10 4.98
N LEU E 123 -59.48 -21.94 5.08
CA LEU E 123 -58.81 -21.48 6.32
C LEU E 123 -59.77 -21.13 7.46
N LYS E 124 -61.01 -20.68 7.14
CA LYS E 124 -62.03 -20.35 8.15
C LYS E 124 -62.58 -21.62 8.82
N THR E 125 -62.50 -22.78 8.13
CA THR E 125 -62.90 -24.10 8.61
C THR E 125 -61.85 -24.63 9.58
N VAL E 126 -60.57 -24.49 9.19
CA VAL E 126 -59.38 -24.91 9.95
C VAL E 126 -59.28 -24.13 11.29
N SER E 127 -59.46 -22.79 11.24
CA SER E 127 -59.41 -21.90 12.41
C SER E 127 -60.55 -22.22 13.39
N GLN E 128 -61.80 -22.42 12.88
CA GLN E 128 -63.01 -22.78 13.63
C GLN E 128 -62.80 -24.07 14.42
N LYS E 129 -62.23 -25.09 13.75
CA LYS E 129 -61.95 -26.40 14.33
C LYS E 129 -60.84 -26.32 15.37
N LEU E 130 -59.81 -25.45 15.14
CA LEU E 130 -58.70 -25.25 16.07
C LEU E 130 -59.10 -24.44 17.32
N THR E 131 -60.21 -23.67 17.22
CA THR E 131 -60.78 -22.88 18.33
C THR E 131 -61.48 -23.83 19.31
N GLU E 132 -61.98 -24.96 18.80
CA GLU E 132 -62.65 -26.01 19.56
C GLU E 132 -61.62 -27.01 20.10
N SER E 133 -60.42 -27.06 19.48
CA SER E 133 -59.30 -27.93 19.85
C SER E 133 -58.66 -27.42 21.15
N ILE E 134 -58.52 -26.09 21.23
CA ILE E 134 -57.97 -25.35 22.36
C ILE E 134 -59.04 -25.14 23.46
N VAL F 72 -54.69 -56.56 55.24
CA VAL F 72 -56.06 -56.14 55.56
C VAL F 72 -56.42 -56.42 57.04
N ASP F 73 -57.04 -55.43 57.73
CA ASP F 73 -57.46 -55.52 59.14
C ASP F 73 -59.01 -55.50 59.23
N GLU F 74 -59.61 -56.67 59.50
CA GLU F 74 -61.06 -56.87 59.60
C GLU F 74 -61.71 -56.18 60.81
N SER F 75 -61.01 -56.14 61.97
CA SER F 75 -61.49 -55.54 63.21
C SER F 75 -61.72 -54.04 63.08
N ASP F 76 -60.72 -53.30 62.59
CA ASP F 76 -60.78 -51.85 62.42
C ASP F 76 -61.84 -51.38 61.40
N VAL F 77 -62.21 -52.24 60.43
CA VAL F 77 -63.21 -51.95 59.39
C VAL F 77 -64.54 -51.53 60.02
N ARG F 78 -65.03 -52.33 60.98
CA ARG F 78 -66.28 -52.12 61.68
C ARG F 78 -66.20 -50.95 62.68
N ILE F 79 -65.06 -50.85 63.42
CA ILE F 79 -64.79 -49.81 64.42
C ILE F 79 -64.89 -48.42 63.77
N TYR F 80 -64.13 -48.20 62.68
CA TYR F 80 -64.10 -46.95 61.94
C TYR F 80 -65.43 -46.59 61.30
N PHE F 81 -66.30 -47.59 61.04
CA PHE F 81 -67.62 -47.36 60.45
C PHE F 81 -68.55 -46.63 61.41
N ASN F 82 -68.87 -47.26 62.56
CA ASN F 82 -69.75 -46.70 63.59
C ASN F 82 -69.25 -45.38 64.16
N GLU F 83 -67.91 -45.24 64.25
CA GLU F 83 -67.20 -44.05 64.73
C GLU F 83 -67.53 -42.84 63.86
N LYS F 84 -67.53 -43.02 62.53
CA LYS F 84 -67.81 -41.98 61.53
C LYS F 84 -69.19 -42.15 60.87
N SER F 85 -70.08 -42.96 61.46
CA SER F 85 -71.44 -43.17 60.95
C SER F 85 -72.37 -42.07 61.47
N SER F 86 -73.48 -41.82 60.76
CA SER F 86 -74.50 -40.85 61.14
C SER F 86 -75.88 -41.33 60.73
N GLY F 87 -76.72 -41.64 61.73
CA GLY F 87 -78.07 -42.15 61.53
C GLY F 87 -78.09 -43.47 60.77
N GLY F 88 -77.06 -44.28 61.01
CA GLY F 88 -76.86 -45.57 60.36
C GLY F 88 -75.95 -45.47 59.15
N LYS F 89 -76.35 -44.65 58.17
CA LYS F 89 -75.62 -44.46 56.91
C LYS F 89 -74.32 -43.66 57.04
N ILE F 90 -73.33 -43.95 56.17
CA ILE F 90 -72.03 -43.28 56.14
C ILE F 90 -71.84 -42.46 54.85
N SER F 91 -71.36 -41.19 54.98
CA SER F 91 -71.11 -40.30 53.85
C SER F 91 -69.83 -40.76 53.11
N ILE F 92 -69.83 -40.62 51.77
CA ILE F 92 -68.72 -41.05 50.89
C ILE F 92 -67.39 -40.46 51.36
N ASP F 93 -67.37 -39.16 51.74
CA ASP F 93 -66.20 -38.44 52.25
C ASP F 93 -65.59 -39.18 53.45
N ASN F 94 -66.46 -39.67 54.36
CA ASN F 94 -66.09 -40.43 55.56
C ASN F 94 -65.66 -41.85 55.17
N ALA F 95 -66.37 -42.47 54.20
CA ALA F 95 -66.06 -43.81 53.70
C ALA F 95 -64.66 -43.84 53.10
N SER F 96 -64.28 -42.76 52.39
CA SER F 96 -62.95 -42.59 51.77
C SER F 96 -61.91 -42.36 52.87
N TYR F 97 -62.26 -41.53 53.87
CA TYR F 97 -61.45 -41.20 55.03
C TYR F 97 -61.09 -42.49 55.76
N ASN F 98 -62.08 -43.39 55.94
CA ASN F 98 -61.92 -44.70 56.58
C ASN F 98 -61.15 -45.66 55.69
N ALA F 99 -61.33 -45.53 54.36
CA ALA F 99 -60.62 -46.36 53.40
C ALA F 99 -59.12 -46.04 53.52
N ARG F 100 -58.76 -44.75 53.53
N ARG F 100 -58.77 -44.75 53.54
CA ARG F 100 -57.38 -44.27 53.68
CA ARG F 100 -57.39 -44.26 53.68
C ARG F 100 -56.83 -44.55 55.07
C ARG F 100 -56.83 -44.52 55.07
N LYS F 101 -57.72 -44.66 56.09
CA LYS F 101 -57.37 -44.96 57.49
C LYS F 101 -56.82 -46.38 57.59
N LEU F 102 -57.44 -47.32 56.84
CA LEU F 102 -57.02 -48.72 56.78
C LEU F 102 -55.74 -48.86 55.96
N GLY F 103 -55.76 -48.35 54.74
CA GLY F 103 -54.65 -48.41 53.82
C GLY F 103 -55.08 -48.57 52.38
N LEU F 104 -56.36 -48.19 52.08
CA LEU F 104 -56.98 -48.23 50.75
C LEU F 104 -56.78 -46.87 50.06
N ALA F 105 -56.70 -46.85 48.72
CA ALA F 105 -56.48 -45.62 47.97
C ALA F 105 -57.63 -45.29 47.01
N PRO F 106 -58.73 -44.67 47.50
CA PRO F 106 -59.84 -44.33 46.60
C PRO F 106 -59.53 -43.09 45.75
N SER F 107 -59.86 -43.18 44.47
CA SER F 107 -59.70 -42.09 43.50
C SER F 107 -61.09 -41.57 43.11
N SER F 108 -61.14 -40.46 42.34
CA SER F 108 -62.39 -39.85 41.88
C SER F 108 -63.30 -40.84 41.14
N ILE F 109 -62.68 -41.78 40.38
CA ILE F 109 -63.37 -42.84 39.64
C ILE F 109 -64.09 -43.82 40.57
N ASP F 110 -63.44 -44.22 41.67
CA ASP F 110 -64.01 -45.14 42.66
C ASP F 110 -65.10 -44.43 43.46
N GLU F 111 -64.87 -43.13 43.75
CA GLU F 111 -65.79 -42.27 44.49
C GLU F 111 -67.11 -42.03 43.76
N LYS F 112 -67.05 -41.74 42.44
CA LYS F 112 -68.22 -41.50 41.59
C LYS F 112 -69.04 -42.75 41.25
N LYS F 113 -68.39 -43.94 41.23
CA LYS F 113 -69.04 -45.23 40.93
C LYS F 113 -70.15 -45.55 41.93
N ILE F 114 -69.92 -45.23 43.22
CA ILE F 114 -70.86 -45.47 44.32
C ILE F 114 -71.92 -44.35 44.44
N LYS F 115 -71.61 -43.12 43.95
CA LYS F 115 -72.49 -41.93 43.99
C LYS F 115 -73.81 -42.19 43.26
N GLU F 116 -73.73 -42.81 42.07
CA GLU F 116 -74.84 -43.15 41.20
C GLU F 116 -75.45 -44.51 41.56
N LEU F 117 -75.70 -44.74 42.87
CA LEU F 117 -76.26 -46.00 43.36
C LEU F 117 -77.27 -45.82 44.51
N TYR F 118 -76.82 -45.27 45.66
CA TYR F 118 -77.63 -45.10 46.87
C TYR F 118 -77.51 -43.69 47.47
N GLY F 119 -76.70 -42.84 46.82
CA GLY F 119 -76.47 -41.46 47.22
C GLY F 119 -75.14 -41.27 47.95
N ASP F 120 -75.01 -40.12 48.65
CA ASP F 120 -73.82 -39.77 49.43
C ASP F 120 -73.76 -40.65 50.68
N ASN F 121 -74.87 -40.71 51.44
CA ASN F 121 -74.99 -41.52 52.64
C ASN F 121 -75.51 -42.91 52.30
N LEU F 122 -74.77 -43.95 52.76
CA LEU F 122 -75.04 -45.37 52.50
C LEU F 122 -74.71 -46.24 53.71
N THR F 123 -75.60 -47.22 54.03
CA THR F 123 -75.45 -48.15 55.17
C THR F 123 -74.21 -49.05 55.05
N TYR F 124 -73.96 -49.91 56.09
CA TYR F 124 -72.84 -50.86 56.14
C TYR F 124 -72.90 -51.86 54.97
N GLU F 125 -74.13 -52.27 54.57
CA GLU F 125 -74.43 -53.17 53.45
C GLU F 125 -73.79 -52.63 52.17
N GLN F 126 -73.90 -51.30 51.96
CA GLN F 126 -73.37 -50.57 50.81
C GLN F 126 -71.92 -50.13 51.04
N TYR F 127 -71.52 -49.93 52.31
CA TYR F 127 -70.18 -49.50 52.74
C TYR F 127 -69.12 -50.59 52.46
N LEU F 128 -69.55 -51.87 52.52
CA LEU F 128 -68.67 -53.01 52.22
C LEU F 128 -68.33 -53.05 50.74
N GLU F 129 -69.33 -52.69 49.90
CA GLU F 129 -69.20 -52.63 48.43
C GLU F 129 -68.20 -51.54 48.04
N TYR F 130 -68.11 -50.47 48.85
CA TYR F 130 -67.16 -49.39 48.62
C TYR F 130 -65.77 -49.80 49.09
N LEU F 131 -65.67 -50.68 50.13
CA LEU F 131 -64.39 -51.17 50.65
C LEU F 131 -63.69 -52.03 49.59
N SER F 132 -64.47 -52.74 48.76
CA SER F 132 -63.98 -53.58 47.68
C SER F 132 -63.49 -52.77 46.48
N ILE F 133 -64.20 -51.67 46.12
CA ILE F 133 -63.82 -50.80 45.00
C ILE F 133 -62.54 -49.97 45.31
N CYS F 134 -62.13 -49.94 46.60
CA CYS F 134 -60.94 -49.22 47.07
C CYS F 134 -59.71 -50.12 47.23
N VAL F 135 -59.87 -51.44 47.00
CA VAL F 135 -58.83 -52.45 47.13
C VAL F 135 -57.67 -52.22 46.16
N HIS F 136 -57.94 -52.28 44.83
CA HIS F 136 -56.96 -52.10 43.75
C HIS F 136 -55.74 -53.02 43.91
N ASP F 137 -55.98 -54.34 43.80
CA ASP F 137 -54.95 -55.38 43.93
C ASP F 137 -53.86 -55.28 42.86
N LYS F 138 -54.26 -54.99 41.61
CA LYS F 138 -53.36 -54.87 40.47
C LYS F 138 -52.69 -53.48 40.41
N ASP F 139 -51.96 -53.15 41.48
CA ASP F 139 -51.21 -51.91 41.65
C ASP F 139 -49.77 -52.26 41.99
N ASN F 140 -48.83 -51.74 41.19
CA ASN F 140 -47.39 -51.97 41.38
C ASN F 140 -46.56 -50.78 40.89
N VAL F 141 -45.21 -50.90 40.93
CA VAL F 141 -44.24 -49.86 40.56
C VAL F 141 -44.42 -49.34 39.10
N GLU F 142 -44.77 -50.22 38.14
CA GLU F 142 -44.93 -49.81 36.73
C GLU F 142 -46.39 -49.57 36.29
N GLU F 143 -47.38 -49.75 37.19
CA GLU F 143 -48.81 -49.55 36.93
C GLU F 143 -49.22 -48.08 37.25
N LEU F 144 -48.27 -47.31 37.82
CA LEU F 144 -48.46 -45.93 38.27
C LEU F 144 -47.57 -44.91 37.55
N ILE F 145 -46.31 -45.30 37.23
CA ILE F 145 -45.29 -44.45 36.59
C ILE F 145 -45.59 -44.09 35.11
N LYS F 146 -46.77 -44.48 34.58
CA LYS F 146 -47.18 -44.21 33.19
C LYS F 146 -47.26 -42.70 32.83
N MET F 147 -47.27 -41.82 33.85
CA MET F 147 -47.29 -40.37 33.72
C MET F 147 -45.91 -39.79 34.06
N PHE F 148 -45.20 -40.37 35.04
CA PHE F 148 -43.89 -39.88 35.47
C PHE F 148 -42.75 -40.24 34.52
N ALA F 149 -42.86 -41.38 33.81
CA ALA F 149 -41.87 -41.78 32.82
C ALA F 149 -42.13 -41.04 31.50
N HIS F 150 -43.39 -40.57 31.30
CA HIS F 150 -43.89 -39.81 30.15
C HIS F 150 -43.14 -38.46 30.03
N PHE F 151 -42.67 -37.94 31.18
CA PHE F 151 -41.95 -36.66 31.27
C PHE F 151 -40.43 -36.83 31.47
N ASP F 152 -39.93 -38.09 31.53
CA ASP F 152 -38.50 -38.42 31.65
C ASP F 152 -37.87 -38.55 30.26
N ASN F 153 -37.54 -37.39 29.66
CA ASN F 153 -36.92 -37.26 28.34
C ASN F 153 -35.39 -37.23 28.49
N ASN F 154 -34.93 -36.87 29.70
CA ASN F 154 -33.52 -36.76 30.13
C ASN F 154 -32.85 -38.13 30.20
N CYS F 155 -33.63 -39.20 30.48
CA CYS F 155 -33.21 -40.60 30.62
C CYS F 155 -32.12 -40.79 31.69
N THR F 156 -32.46 -40.39 32.93
CA THR F 156 -31.59 -40.48 34.10
C THR F 156 -32.28 -41.26 35.21
N GLY F 157 -33.61 -41.30 35.17
CA GLY F 157 -34.44 -41.94 36.18
C GLY F 157 -34.82 -40.95 37.26
N TYR F 158 -33.86 -40.08 37.61
CA TYR F 158 -34.02 -38.99 38.56
C TYR F 158 -34.85 -37.91 37.91
N LEU F 159 -35.86 -37.41 38.63
CA LEU F 159 -36.77 -36.37 38.17
C LEU F 159 -36.79 -35.20 39.18
N THR F 160 -36.79 -33.96 38.66
CA THR F 160 -36.79 -32.72 39.45
C THR F 160 -38.04 -32.64 40.33
N LYS F 161 -37.85 -32.26 41.61
CA LYS F 161 -38.93 -32.13 42.59
C LYS F 161 -40.10 -31.34 41.98
N SER F 162 -39.81 -30.12 41.46
CA SER F 162 -40.75 -29.20 40.83
C SER F 162 -41.40 -29.82 39.59
N GLN F 163 -40.63 -30.58 38.80
CA GLN F 163 -41.19 -31.29 37.65
C GLN F 163 -42.24 -32.24 38.21
N MET F 164 -41.85 -33.12 39.16
CA MET F 164 -42.76 -34.09 39.80
C MET F 164 -43.95 -33.44 40.48
N LYS F 165 -43.77 -32.20 40.98
CA LYS F 165 -44.78 -31.41 41.67
C LYS F 165 -45.95 -31.04 40.75
N ASN F 166 -45.71 -30.22 39.71
CA ASN F 166 -46.73 -29.73 38.79
C ASN F 166 -47.55 -30.84 38.12
N ILE F 167 -46.97 -32.05 38.01
CA ILE F 167 -47.64 -33.22 37.44
C ILE F 167 -48.83 -33.56 38.34
N LEU F 168 -48.60 -33.59 39.67
CA LEU F 168 -49.57 -33.94 40.72
C LEU F 168 -50.66 -32.88 40.98
N THR F 169 -50.44 -31.63 40.55
CA THR F 169 -51.40 -30.55 40.77
C THR F 169 -52.44 -30.39 39.66
N THR F 170 -52.01 -30.44 38.39
CA THR F 170 -52.82 -30.19 37.20
C THR F 170 -53.75 -31.32 36.75
N TRP F 171 -53.31 -32.59 36.78
CA TRP F 171 -54.13 -33.70 36.28
C TRP F 171 -54.56 -34.76 37.33
N GLY F 172 -55.72 -35.38 37.10
CA GLY F 172 -56.28 -36.44 37.94
C GLY F 172 -56.90 -35.99 39.24
N ASP F 173 -56.41 -36.52 40.39
CA ASP F 173 -56.88 -36.18 41.76
C ASP F 173 -56.33 -34.79 42.15
N ALA F 174 -57.23 -33.89 42.60
CA ALA F 174 -56.87 -32.52 42.97
C ALA F 174 -55.99 -32.44 44.23
N LEU F 175 -54.67 -32.61 44.02
CA LEU F 175 -53.65 -32.52 45.07
C LEU F 175 -53.05 -31.13 44.95
N THR F 176 -53.40 -30.22 45.89
CA THR F 176 -52.93 -28.82 45.90
C THR F 176 -51.41 -28.73 46.00
N ASP F 177 -50.88 -27.52 45.76
CA ASP F 177 -49.45 -27.25 45.79
C ASP F 177 -48.81 -27.81 47.06
N GLN F 178 -49.27 -27.35 48.24
CA GLN F 178 -48.78 -27.77 49.55
C GLN F 178 -48.88 -29.30 49.80
N GLU F 179 -49.97 -29.95 49.32
CA GLU F 179 -50.19 -31.39 49.45
C GLU F 179 -49.05 -32.18 48.81
N ALA F 180 -48.79 -31.91 47.52
CA ALA F 180 -47.74 -32.55 46.72
C ALA F 180 -46.34 -32.06 47.10
N ILE F 181 -46.15 -30.73 47.32
CA ILE F 181 -44.88 -30.09 47.68
C ILE F 181 -44.26 -30.76 48.91
N ASP F 182 -45.03 -30.84 50.00
CA ASP F 182 -44.58 -31.44 51.26
C ASP F 182 -44.40 -32.95 51.18
N ALA F 183 -45.14 -33.61 50.27
CA ALA F 183 -45.04 -35.05 50.06
C ALA F 183 -43.70 -35.43 49.45
N LEU F 184 -43.15 -34.56 48.58
CA LEU F 184 -41.87 -34.77 47.92
C LEU F 184 -40.70 -34.65 48.90
N ASN F 185 -40.68 -33.55 49.69
CA ASN F 185 -39.64 -33.25 50.69
C ASN F 185 -39.64 -34.29 51.81
N ALA F 186 -40.83 -34.83 52.16
CA ALA F 186 -41.02 -35.86 53.17
C ALA F 186 -40.38 -37.18 52.71
N PHE F 187 -40.46 -37.49 51.41
CA PHE F 187 -39.87 -38.68 50.80
C PHE F 187 -38.33 -38.51 50.77
N SER F 188 -37.84 -37.43 50.13
CA SER F 188 -36.41 -37.13 50.02
C SER F 188 -36.15 -35.62 50.01
N SER F 189 -35.00 -35.20 50.57
CA SER F 189 -34.62 -33.78 50.65
C SER F 189 -34.11 -33.23 49.31
N GLU F 190 -33.37 -34.07 48.55
CA GLU F 190 -32.75 -33.78 47.25
C GLU F 190 -33.77 -33.43 46.17
N ASP F 191 -33.38 -32.58 45.20
CA ASP F 191 -34.19 -32.14 44.08
C ASP F 191 -34.44 -33.31 43.10
N ASN F 192 -33.35 -34.00 42.70
CA ASN F 192 -33.43 -35.13 41.79
C ASN F 192 -33.92 -36.35 42.57
N ILE F 193 -35.20 -36.65 42.36
CA ILE F 193 -35.94 -37.74 43.01
C ILE F 193 -36.39 -38.77 41.97
N ASP F 194 -36.04 -40.05 42.20
CA ASP F 194 -36.40 -41.14 41.31
C ASP F 194 -37.85 -41.54 41.53
N TYR F 195 -38.65 -41.48 40.46
CA TYR F 195 -40.07 -41.82 40.50
C TYR F 195 -40.29 -43.34 40.68
N LYS F 196 -39.19 -44.12 40.70
CA LYS F 196 -39.19 -45.56 40.93
C LYS F 196 -39.27 -45.78 42.45
N LEU F 197 -38.24 -45.30 43.19
CA LEU F 197 -38.16 -45.36 44.65
C LEU F 197 -39.35 -44.62 45.28
N PHE F 198 -39.89 -43.59 44.57
CA PHE F 198 -41.06 -42.82 45.01
C PHE F 198 -42.31 -43.68 45.11
N CYS F 199 -42.59 -44.52 44.07
CA CYS F 199 -43.75 -45.43 44.03
C CYS F 199 -43.73 -46.40 45.20
N GLU F 200 -42.55 -47.00 45.45
CA GLU F 200 -42.22 -47.95 46.52
C GLU F 200 -42.87 -47.60 47.87
N ASP F 201 -42.61 -46.38 48.37
CA ASP F 201 -43.08 -45.92 49.67
C ASP F 201 -44.52 -45.37 49.68
N ILE F 202 -44.97 -44.58 48.65
CA ILE F 202 -46.35 -44.06 48.66
C ILE F 202 -47.38 -45.20 48.54
N LEU F 203 -47.02 -46.28 47.82
CA LEU F 203 -47.87 -47.46 47.66
C LEU F 203 -47.98 -48.25 48.97
N GLN F 204 -46.94 -48.18 49.84
CA GLN F 204 -46.89 -48.84 51.14
C GLN F 204 -47.93 -48.24 52.09
PB ADP G . 12.21 18.24 9.22
O1B ADP G . 12.87 19.48 8.71
O2B ADP G . 13.00 17.60 10.34
O3B ADP G . 10.76 18.47 9.66
PA ADP G . 13.21 16.39 7.23
O1A ADP G . 13.37 17.19 6.00
O2A ADP G . 14.54 16.34 7.99
O3A ADP G . 12.10 17.07 8.14
O5' ADP G . 12.68 14.93 6.96
C5' ADP G . 12.58 13.93 7.98
C4' ADP G . 12.57 12.57 7.33
O4' ADP G . 11.44 12.50 6.43
C3' ADP G . 13.78 12.26 6.45
O3' ADP G . 14.87 11.78 7.23
C2' ADP G . 13.22 11.25 5.45
O2' ADP G . 13.33 9.89 5.85
C1' ADP G . 11.74 11.66 5.34
N9 ADP G . 11.41 12.36 4.10
C8 ADP G . 11.17 13.69 3.91
N7 ADP G . 10.90 14.02 2.67
C5 ADP G . 10.98 12.81 1.99
C6 ADP G . 10.84 12.48 0.62
N6 ADP G . 10.52 13.35 -0.33
N1 ADP G . 11.04 11.19 0.27
C2 ADP G . 11.34 10.29 1.23
N3 ADP G . 11.47 10.49 2.54
C4 ADP G . 11.29 11.78 2.86
V VO4 H . 12.24 19.48 12.61
O1 VO4 H . 11.06 20.10 11.81
O2 VO4 H . 13.56 19.76 11.81
O3 VO4 H . 12.32 20.16 14.03
O4 VO4 H . 11.98 17.94 12.80
MG MG I . 14.53 20.00 9.61
PB ADP J . -6.13 -23.02 -2.84
O1B ADP J . -4.78 -23.09 -3.53
O2B ADP J . -6.29 -24.29 -1.99
O3B ADP J . -7.24 -22.84 -3.82
PA ADP J . -6.53 -21.41 -0.40
O1A ADP J . -6.16 -22.56 0.55
O2A ADP J . -8.01 -21.29 -0.44
O3A ADP J . -5.99 -21.76 -1.86
O5' ADP J . -5.83 -20.07 0.15
C5' ADP J . -4.40 -19.82 0.19
C4' ADP J . -4.15 -18.55 0.97
O4' ADP J . -4.92 -17.47 0.41
C3' ADP J . -4.53 -18.61 2.45
O3' ADP J . -3.46 -19.14 3.22
C2' ADP J . -4.87 -17.15 2.78
O2' ADP J . -3.78 -16.39 3.28
C1' ADP J . -5.36 -16.59 1.43
N9 ADP J . -6.81 -16.41 1.31
C8 ADP J . -7.67 -17.13 0.52
N7 ADP J . -8.90 -16.67 0.53
C5 ADP J . -8.86 -15.60 1.41
C6 ADP J . -9.85 -14.71 1.87
N6 ADP J . -11.12 -14.74 1.46
N1 ADP J . -9.47 -13.76 2.76
C2 ADP J . -8.19 -13.73 3.16
N3 ADP J . -7.17 -14.51 2.78
C4 ADP J . -7.57 -15.42 1.90
V VO4 K . -4.20 -25.51 -4.89
O1 VO4 K . -5.08 -24.58 -5.79
O2 VO4 K . -5.09 -25.98 -3.70
O3 VO4 K . -3.74 -26.77 -5.70
O4 VO4 K . -2.92 -24.78 -4.39
MG MG L . -8.32 -24.28 -4.54
#